data_2O4P
# 
_entry.id   2O4P 
# 
_audit_conform.dict_name       mmcif_pdbx.dic 
_audit_conform.dict_version    5.383 
_audit_conform.dict_location   http://mmcif.pdb.org/dictionaries/ascii/mmcif_pdbx.dic 
# 
loop_
_database_2.database_id 
_database_2.database_code 
_database_2.pdbx_database_accession 
_database_2.pdbx_DOI 
PDB   2O4P         pdb_00002o4p 10.2210/pdb2o4p/pdb 
RCSB  RCSB040683   ?            ?                   
WWPDB D_1000040683 ?            ?                   
# 
loop_
_pdbx_audit_revision_history.ordinal 
_pdbx_audit_revision_history.data_content_type 
_pdbx_audit_revision_history.major_revision 
_pdbx_audit_revision_history.minor_revision 
_pdbx_audit_revision_history.revision_date 
1 'Structure model' 1 0 2006-12-12 
2 'Structure model' 1 1 2008-04-01 
3 'Structure model' 1 2 2011-07-13 
4 'Structure model' 1 3 2021-10-20 
5 'Structure model' 1 4 2023-12-27 
# 
_pdbx_audit_revision_details.ordinal             1 
_pdbx_audit_revision_details.revision_ordinal    1 
_pdbx_audit_revision_details.data_content_type   'Structure model' 
_pdbx_audit_revision_details.provider            repository 
_pdbx_audit_revision_details.type                'Initial release' 
_pdbx_audit_revision_details.description         ? 
_pdbx_audit_revision_details.details             ? 
# 
loop_
_pdbx_audit_revision_group.ordinal 
_pdbx_audit_revision_group.revision_ordinal 
_pdbx_audit_revision_group.data_content_type 
_pdbx_audit_revision_group.group 
1 2 'Structure model' 'Version format compliance' 
2 3 'Structure model' 'Derived calculations'      
3 3 'Structure model' 'Version format compliance' 
4 4 'Structure model' 'Database references'       
5 4 'Structure model' 'Derived calculations'      
6 5 'Structure model' 'Data collection'           
# 
loop_
_pdbx_audit_revision_category.ordinal 
_pdbx_audit_revision_category.revision_ordinal 
_pdbx_audit_revision_category.data_content_type 
_pdbx_audit_revision_category.category 
1 4 'Structure model' database_2         
2 4 'Structure model' struct_ref_seq_dif 
3 4 'Structure model' struct_site        
4 5 'Structure model' chem_comp_atom     
5 5 'Structure model' chem_comp_bond     
# 
loop_
_pdbx_audit_revision_item.ordinal 
_pdbx_audit_revision_item.revision_ordinal 
_pdbx_audit_revision_item.data_content_type 
_pdbx_audit_revision_item.item 
1 4 'Structure model' '_database_2.pdbx_DOI'                
2 4 'Structure model' '_database_2.pdbx_database_accession' 
3 4 'Structure model' '_struct_ref_seq_dif.details'         
4 4 'Structure model' '_struct_site.pdbx_auth_asym_id'      
5 4 'Structure model' '_struct_site.pdbx_auth_comp_id'      
6 4 'Structure model' '_struct_site.pdbx_auth_seq_id'       
# 
_pdbx_database_status.entry_id                        2O4P 
_pdbx_database_status.deposit_site                    RCSB 
_pdbx_database_status.process_site                    RCSB 
_pdbx_database_status.recvd_initial_deposition_date   2006-12-04 
_pdbx_database_status.status_code                     REL 
_pdbx_database_status.status_code_sf                  ? 
_pdbx_database_status.status_code_mr                  ? 
_pdbx_database_status.SG_entry                        ? 
_pdbx_database_status.pdb_format_compatible           Y 
_pdbx_database_status.status_code_cs                  ? 
_pdbx_database_status.status_code_nmr_data            ? 
_pdbx_database_status.methods_development_category    ? 
# 
loop_
_audit_author.name 
_audit_author.pdbx_ordinal 
'Kang, L.W.'      1 
'Armstrong, A.A.' 2 
'Muzammil, S.'    3 
'Jakalian, A.'    4 
'Bonneau, P.R.'   5 
'Schmelmer, V.'   6 
'Freire, E.'      7 
'Amzel, L.M.'     8 
# 
_citation.id                        primary 
_citation.title                     
'Unique thermodynamic response of tipranavir to human immunodeficiency virus type 1 protease drug resistance mutations.' 
_citation.journal_abbrev            J.Virol. 
_citation.journal_volume            81 
_citation.page_first                5144 
_citation.page_last                 5154 
_citation.year                      2007 
_citation.journal_id_ASTM           JOVIAM 
_citation.country                   US 
_citation.journal_id_ISSN           0022-538X 
_citation.journal_id_CSD            0825 
_citation.book_publisher            ? 
_citation.pdbx_database_id_PubMed   17360759 
_citation.pdbx_database_id_DOI      10.1128/JVI.02706-06 
# 
loop_
_citation_author.citation_id 
_citation_author.name 
_citation_author.ordinal 
_citation_author.identifier_ORCID 
primary 'Muzammil, S.'    1 ? 
primary 'Armstrong, A.A.' 2 ? 
primary 'Kang, L.W.'      3 ? 
primary 'Jakalian, A.'    4 ? 
primary 'Bonneau, P.R.'   5 ? 
primary 'Schmelmer, V.'   6 ? 
primary 'Amzel, L.M.'     7 ? 
primary 'Freire, E.'      8 ? 
# 
loop_
_entity.id 
_entity.type 
_entity.src_method 
_entity.pdbx_description 
_entity.formula_weight 
_entity.pdbx_number_of_molecules 
_entity.pdbx_ec 
_entity.pdbx_mutation 
_entity.pdbx_fragment 
_entity.details 
1 polymer     man protease 10804.808 2   ? Q7K ? ? 
2 non-polymer syn 
;N-(3-{(1R)-1-[(6R)-4-HYDROXY-2-OXO-6-PHENETHYL-6-PROPYL-5,6-DIHYDRO-2H-PYRAN-3-YL]PROPYL}PHENYL)-5-(TRIFLUOROMETHYL)-2-PYRIDINESULFONAMIDE
;
602.664   1   ? ?   ? ? 
3 non-polymer syn GLYCEROL 92.094    1   ? ?   ? ? 
4 water       nat water 18.015    124 ? ?   ? ? 
# 
_entity_poly.entity_id                      1 
_entity_poly.type                           'polypeptide(L)' 
_entity_poly.nstd_linkage                   no 
_entity_poly.nstd_monomer                   no 
_entity_poly.pdbx_seq_one_letter_code       
;PQITLWKRPLVTIKIGGQLKEALLDTGADDTVLEEMSLPGRWKPKMIGGIGGFIKVRQYDQILIEICGHKAIGTVLVGPT
PVNIIGRNLLTQIGCTLNF
;
_entity_poly.pdbx_seq_one_letter_code_can   
;PQITLWKRPLVTIKIGGQLKEALLDTGADDTVLEEMSLPGRWKPKMIGGIGGFIKVRQYDQILIEICGHKAIGTVLVGPT
PVNIIGRNLLTQIGCTLNF
;
_entity_poly.pdbx_strand_id                 A,B 
_entity_poly.pdbx_target_identifier         ? 
# 
loop_
_pdbx_entity_nonpoly.entity_id 
_pdbx_entity_nonpoly.name 
_pdbx_entity_nonpoly.comp_id 
2 
;N-(3-{(1R)-1-[(6R)-4-HYDROXY-2-OXO-6-PHENETHYL-6-PROPYL-5,6-DIHYDRO-2H-PYRAN-3-YL]PROPYL}PHENYL)-5-(TRIFLUOROMETHYL)-2-PYRIDINESULFONAMIDE
;
TPV 
3 GLYCEROL GOL 
4 water HOH 
# 
loop_
_entity_poly_seq.entity_id 
_entity_poly_seq.num 
_entity_poly_seq.mon_id 
_entity_poly_seq.hetero 
1 1  PRO n 
1 2  GLN n 
1 3  ILE n 
1 4  THR n 
1 5  LEU n 
1 6  TRP n 
1 7  LYS n 
1 8  ARG n 
1 9  PRO n 
1 10 LEU n 
1 11 VAL n 
1 12 THR n 
1 13 ILE n 
1 14 LYS n 
1 15 ILE n 
1 16 GLY n 
1 17 GLY n 
1 18 GLN n 
1 19 LEU n 
1 20 LYS n 
1 21 GLU n 
1 22 ALA n 
1 23 LEU n 
1 24 LEU n 
1 25 ASP n 
1 26 THR n 
1 27 GLY n 
1 28 ALA n 
1 29 ASP n 
1 30 ASP n 
1 31 THR n 
1 32 VAL n 
1 33 LEU n 
1 34 GLU n 
1 35 GLU n 
1 36 MET n 
1 37 SER n 
1 38 LEU n 
1 39 PRO n 
1 40 GLY n 
1 41 ARG n 
1 42 TRP n 
1 43 LYS n 
1 44 PRO n 
1 45 LYS n 
1 46 MET n 
1 47 ILE n 
1 48 GLY n 
1 49 GLY n 
1 50 ILE n 
1 51 GLY n 
1 52 GLY n 
1 53 PHE n 
1 54 ILE n 
1 55 LYS n 
1 56 VAL n 
1 57 ARG n 
1 58 GLN n 
1 59 TYR n 
1 60 ASP n 
1 61 GLN n 
1 62 ILE n 
1 63 LEU n 
1 64 ILE n 
1 65 GLU n 
1 66 ILE n 
1 67 CYS n 
1 68 GLY n 
1 69 HIS n 
1 70 LYS n 
1 71 ALA n 
1 72 ILE n 
1 73 GLY n 
1 74 THR n 
1 75 VAL n 
1 76 LEU n 
1 77 VAL n 
1 78 GLY n 
1 79 PRO n 
1 80 THR n 
1 81 PRO n 
1 82 VAL n 
1 83 ASN n 
1 84 ILE n 
1 85 ILE n 
1 86 GLY n 
1 87 ARG n 
1 88 ASN n 
1 89 LEU n 
1 90 LEU n 
1 91 THR n 
1 92 GLN n 
1 93 ILE n 
1 94 GLY n 
1 95 CYS n 
1 96 THR n 
1 97 LEU n 
1 98 ASN n 
1 99 PHE n 
# 
_entity_src_gen.entity_id                          1 
_entity_src_gen.pdbx_src_id                        1 
_entity_src_gen.pdbx_alt_source_flag               sample 
_entity_src_gen.pdbx_seq_type                      ? 
_entity_src_gen.pdbx_beg_seq_num                   ? 
_entity_src_gen.pdbx_end_seq_num                   ? 
_entity_src_gen.gene_src_common_name               ? 
_entity_src_gen.gene_src_genus                     Lentivirus 
_entity_src_gen.pdbx_gene_src_gene                 gag-pol 
_entity_src_gen.gene_src_species                   ? 
_entity_src_gen.gene_src_strain                    'Subtype B' 
_entity_src_gen.gene_src_tissue                    ? 
_entity_src_gen.gene_src_tissue_fraction           ? 
_entity_src_gen.gene_src_details                   ? 
_entity_src_gen.pdbx_gene_src_fragment             ? 
_entity_src_gen.pdbx_gene_src_scientific_name      'Human immunodeficiency virus 1' 
_entity_src_gen.pdbx_gene_src_ncbi_taxonomy_id     11676 
_entity_src_gen.pdbx_gene_src_variant              ? 
_entity_src_gen.pdbx_gene_src_cell_line            ? 
_entity_src_gen.pdbx_gene_src_atcc                 ? 
_entity_src_gen.pdbx_gene_src_organ                ? 
_entity_src_gen.pdbx_gene_src_organelle            ? 
_entity_src_gen.pdbx_gene_src_cell                 ? 
_entity_src_gen.pdbx_gene_src_cellular_location    ? 
_entity_src_gen.host_org_common_name               ? 
_entity_src_gen.pdbx_host_org_scientific_name      'Escherichia coli BL21(DE3)' 
_entity_src_gen.pdbx_host_org_ncbi_taxonomy_id     469008 
_entity_src_gen.host_org_genus                     Escherichia 
_entity_src_gen.pdbx_host_org_gene                 ? 
_entity_src_gen.pdbx_host_org_organ                ? 
_entity_src_gen.host_org_species                   'Escherichia coli' 
_entity_src_gen.pdbx_host_org_tissue               ? 
_entity_src_gen.pdbx_host_org_tissue_fraction      ? 
_entity_src_gen.pdbx_host_org_strain               'BL21(DE3)' 
_entity_src_gen.pdbx_host_org_variant              ? 
_entity_src_gen.pdbx_host_org_cell_line            ? 
_entity_src_gen.pdbx_host_org_atcc                 ? 
_entity_src_gen.pdbx_host_org_culture_collection   ? 
_entity_src_gen.pdbx_host_org_cell                 ? 
_entity_src_gen.pdbx_host_org_organelle            ? 
_entity_src_gen.pdbx_host_org_cellular_location    ? 
_entity_src_gen.pdbx_host_org_vector_type          plasmid 
_entity_src_gen.pdbx_host_org_vector               ? 
_entity_src_gen.host_org_details                   ? 
_entity_src_gen.expression_system_id               ? 
_entity_src_gen.plasmid_name                       pET24 
_entity_src_gen.plasmid_details                    ? 
_entity_src_gen.pdbx_description                   ? 
# 
loop_
_chem_comp.id 
_chem_comp.type 
_chem_comp.mon_nstd_flag 
_chem_comp.name 
_chem_comp.pdbx_synonyms 
_chem_comp.formula 
_chem_comp.formula_weight 
ALA 'L-peptide linking' y ALANINE ?                               'C3 H7 N O2'         89.093  
ARG 'L-peptide linking' y ARGININE ?                               'C6 H15 N4 O2 1'     175.209 
ASN 'L-peptide linking' y ASPARAGINE ?                               'C4 H8 N2 O3'        132.118 
ASP 'L-peptide linking' y 'ASPARTIC ACID' ?                               'C4 H7 N O4'         133.103 
CYS 'L-peptide linking' y CYSTEINE ?                               'C3 H7 N O2 S'       121.158 
GLN 'L-peptide linking' y GLUTAMINE ?                               'C5 H10 N2 O3'       146.144 
GLU 'L-peptide linking' y 'GLUTAMIC ACID' ?                               'C5 H9 N O4'         147.129 
GLY 'peptide linking'   y GLYCINE ?                               'C2 H5 N O2'         75.067  
GOL non-polymer         . GLYCEROL 'GLYCERIN; PROPANE-1,2,3-TRIOL' 'C3 H8 O3'           92.094  
HIS 'L-peptide linking' y HISTIDINE ?                               'C6 H10 N3 O2 1'     156.162 
HOH non-polymer         . WATER ?                               'H2 O'               18.015  
ILE 'L-peptide linking' y ISOLEUCINE ?                               'C6 H13 N O2'        131.173 
LEU 'L-peptide linking' y LEUCINE ?                               'C6 H13 N O2'        131.173 
LYS 'L-peptide linking' y LYSINE ?                               'C6 H15 N2 O2 1'     147.195 
MET 'L-peptide linking' y METHIONINE ?                               'C5 H11 N O2 S'      149.211 
PHE 'L-peptide linking' y PHENYLALANINE ?                               'C9 H11 N O2'        165.189 
PRO 'L-peptide linking' y PROLINE ?                               'C5 H9 N O2'         115.130 
SER 'L-peptide linking' y SERINE ?                               'C3 H7 N O3'         105.093 
THR 'L-peptide linking' y THREONINE ?                               'C4 H9 N O3'         119.119 
TPV non-polymer         . 
;N-(3-{(1R)-1-[(6R)-4-HYDROXY-2-OXO-6-PHENETHYL-6-PROPYL-5,6-DIHYDRO-2H-PYRAN-3-YL]PROPYL}PHENYL)-5-(TRIFLUOROMETHYL)-2-PYRIDINESULFONAMIDE
;
TIPRANAVIR                      'C31 H33 F3 N2 O5 S' 602.664 
TRP 'L-peptide linking' y TRYPTOPHAN ?                               'C11 H12 N2 O2'      204.225 
TYR 'L-peptide linking' y TYROSINE ?                               'C9 H11 N O3'        181.189 
VAL 'L-peptide linking' y VALINE ?                               'C5 H11 N O2'        117.146 
# 
loop_
_pdbx_poly_seq_scheme.asym_id 
_pdbx_poly_seq_scheme.entity_id 
_pdbx_poly_seq_scheme.seq_id 
_pdbx_poly_seq_scheme.mon_id 
_pdbx_poly_seq_scheme.ndb_seq_num 
_pdbx_poly_seq_scheme.pdb_seq_num 
_pdbx_poly_seq_scheme.auth_seq_num 
_pdbx_poly_seq_scheme.pdb_mon_id 
_pdbx_poly_seq_scheme.auth_mon_id 
_pdbx_poly_seq_scheme.pdb_strand_id 
_pdbx_poly_seq_scheme.pdb_ins_code 
_pdbx_poly_seq_scheme.hetero 
A 1 1  PRO 1  1  1  PRO PRO A . n 
A 1 2  GLN 2  2  2  GLN GLN A . n 
A 1 3  ILE 3  3  3  ILE ILE A . n 
A 1 4  THR 4  4  4  THR THR A . n 
A 1 5  LEU 5  5  5  LEU LEU A . n 
A 1 6  TRP 6  6  6  TRP TRP A . n 
A 1 7  LYS 7  7  7  LYS LYS A . n 
A 1 8  ARG 8  8  8  ARG ARG A . n 
A 1 9  PRO 9  9  9  PRO PRO A . n 
A 1 10 LEU 10 10 10 LEU LEU A . n 
A 1 11 VAL 11 11 11 VAL VAL A . n 
A 1 12 THR 12 12 12 THR THR A . n 
A 1 13 ILE 13 13 13 ILE ILE A . n 
A 1 14 LYS 14 14 14 LYS LYS A . n 
A 1 15 ILE 15 15 15 ILE ILE A . n 
A 1 16 GLY 16 16 16 GLY GLY A . n 
A 1 17 GLY 17 17 17 GLY GLY A . n 
A 1 18 GLN 18 18 18 GLN GLN A . n 
A 1 19 LEU 19 19 19 LEU LEU A . n 
A 1 20 LYS 20 20 20 LYS LYS A . n 
A 1 21 GLU 21 21 21 GLU GLU A . n 
A 1 22 ALA 22 22 22 ALA ALA A . n 
A 1 23 LEU 23 23 23 LEU LEU A . n 
A 1 24 LEU 24 24 24 LEU LEU A . n 
A 1 25 ASP 25 25 25 ASP ASP A . n 
A 1 26 THR 26 26 26 THR THR A . n 
A 1 27 GLY 27 27 27 GLY GLY A . n 
A 1 28 ALA 28 28 28 ALA ALA A . n 
A 1 29 ASP 29 29 29 ASP ASP A . n 
A 1 30 ASP 30 30 30 ASP ASP A . n 
A 1 31 THR 31 31 31 THR THR A . n 
A 1 32 VAL 32 32 32 VAL VAL A . n 
A 1 33 LEU 33 33 33 LEU LEU A . n 
A 1 34 GLU 34 34 34 GLU GLU A . n 
A 1 35 GLU 35 35 35 GLU GLU A . n 
A 1 36 MET 36 36 36 MET MET A . n 
A 1 37 SER 37 37 37 SER SER A . n 
A 1 38 LEU 38 38 38 LEU LEU A . n 
A 1 39 PRO 39 39 39 PRO PRO A . n 
A 1 40 GLY 40 40 40 GLY GLY A . n 
A 1 41 ARG 41 41 41 ARG ARG A . n 
A 1 42 TRP 42 42 42 TRP TRP A . n 
A 1 43 LYS 43 43 43 LYS LYS A . n 
A 1 44 PRO 44 44 44 PRO PRO A . n 
A 1 45 LYS 45 45 45 LYS LYS A . n 
A 1 46 MET 46 46 46 MET MET A . n 
A 1 47 ILE 47 47 47 ILE ILE A . n 
A 1 48 GLY 48 48 48 GLY GLY A . n 
A 1 49 GLY 49 49 49 GLY GLY A . n 
A 1 50 ILE 50 50 50 ILE ILE A . n 
A 1 51 GLY 51 51 51 GLY GLY A . n 
A 1 52 GLY 52 52 52 GLY GLY A . n 
A 1 53 PHE 53 53 53 PHE PHE A . n 
A 1 54 ILE 54 54 54 ILE ILE A . n 
A 1 55 LYS 55 55 55 LYS LYS A . n 
A 1 56 VAL 56 56 56 VAL VAL A . n 
A 1 57 ARG 57 57 57 ARG ARG A . n 
A 1 58 GLN 58 58 58 GLN GLN A . n 
A 1 59 TYR 59 59 59 TYR TYR A . n 
A 1 60 ASP 60 60 60 ASP ASP A . n 
A 1 61 GLN 61 61 61 GLN GLN A . n 
A 1 62 ILE 62 62 62 ILE ILE A . n 
A 1 63 LEU 63 63 63 LEU LEU A . n 
A 1 64 ILE 64 64 64 ILE ILE A . n 
A 1 65 GLU 65 65 65 GLU GLU A . n 
A 1 66 ILE 66 66 66 ILE ILE A . n 
A 1 67 CYS 67 67 67 CYS CYS A . n 
A 1 68 GLY 68 68 68 GLY GLY A . n 
A 1 69 HIS 69 69 69 HIS HIS A . n 
A 1 70 LYS 70 70 70 LYS LYS A . n 
A 1 71 ALA 71 71 71 ALA ALA A . n 
A 1 72 ILE 72 72 72 ILE ILE A . n 
A 1 73 GLY 73 73 73 GLY GLY A . n 
A 1 74 THR 74 74 74 THR THR A . n 
A 1 75 VAL 75 75 75 VAL VAL A . n 
A 1 76 LEU 76 76 76 LEU LEU A . n 
A 1 77 VAL 77 77 77 VAL VAL A . n 
A 1 78 GLY 78 78 78 GLY GLY A . n 
A 1 79 PRO 79 79 79 PRO PRO A . n 
A 1 80 THR 80 80 80 THR THR A . n 
A 1 81 PRO 81 81 81 PRO PRO A . n 
A 1 82 VAL 82 82 82 VAL VAL A . n 
A 1 83 ASN 83 83 83 ASN ASN A . n 
A 1 84 ILE 84 84 84 ILE ILE A . n 
A 1 85 ILE 85 85 85 ILE ILE A . n 
A 1 86 GLY 86 86 86 GLY GLY A . n 
A 1 87 ARG 87 87 87 ARG ARG A . n 
A 1 88 ASN 88 88 88 ASN ASN A . n 
A 1 89 LEU 89 89 89 LEU LEU A . n 
A 1 90 LEU 90 90 90 LEU LEU A . n 
A 1 91 THR 91 91 91 THR THR A . n 
A 1 92 GLN 92 92 92 GLN GLN A . n 
A 1 93 ILE 93 93 93 ILE ILE A . n 
A 1 94 GLY 94 94 94 GLY GLY A . n 
A 1 95 CYS 95 95 95 CYS CYS A . n 
A 1 96 THR 96 96 96 THR THR A . n 
A 1 97 LEU 97 97 97 LEU LEU A . n 
A 1 98 ASN 98 98 98 ASN ASN A . n 
A 1 99 PHE 99 99 99 PHE PHE A . n 
B 1 1  PRO 1  1  1  PRO PRO B . n 
B 1 2  GLN 2  2  2  GLN GLN B . n 
B 1 3  ILE 3  3  3  ILE ILE B . n 
B 1 4  THR 4  4  4  THR THR B . n 
B 1 5  LEU 5  5  5  LEU LEU B . n 
B 1 6  TRP 6  6  6  TRP TRP B . n 
B 1 7  LYS 7  7  7  LYS LYS B . n 
B 1 8  ARG 8  8  8  ARG ARG B . n 
B 1 9  PRO 9  9  9  PRO PRO B . n 
B 1 10 LEU 10 10 10 LEU LEU B . n 
B 1 11 VAL 11 11 11 VAL VAL B . n 
B 1 12 THR 12 12 12 THR THR B . n 
B 1 13 ILE 13 13 13 ILE ILE B . n 
B 1 14 LYS 14 14 14 LYS LYS B . n 
B 1 15 ILE 15 15 15 ILE ILE B . n 
B 1 16 GLY 16 16 16 GLY GLY B . n 
B 1 17 GLY 17 17 17 GLY GLY B . n 
B 1 18 GLN 18 18 18 GLN GLN B . n 
B 1 19 LEU 19 19 19 LEU LEU B . n 
B 1 20 LYS 20 20 20 LYS LYS B . n 
B 1 21 GLU 21 21 21 GLU GLU B . n 
B 1 22 ALA 22 22 22 ALA ALA B . n 
B 1 23 LEU 23 23 23 LEU LEU B . n 
B 1 24 LEU 24 24 24 LEU LEU B . n 
B 1 25 ASP 25 25 25 ASP ASP B . n 
B 1 26 THR 26 26 26 THR THR B . n 
B 1 27 GLY 27 27 27 GLY GLY B . n 
B 1 28 ALA 28 28 28 ALA ALA B . n 
B 1 29 ASP 29 29 29 ASP ASP B . n 
B 1 30 ASP 30 30 30 ASP ASP B . n 
B 1 31 THR 31 31 31 THR THR B . n 
B 1 32 VAL 32 32 32 VAL VAL B . n 
B 1 33 LEU 33 33 33 LEU LEU B . n 
B 1 34 GLU 34 34 34 GLU GLU B . n 
B 1 35 GLU 35 35 35 GLU GLU B . n 
B 1 36 MET 36 36 36 MET MET B . n 
B 1 37 SER 37 37 37 SER SER B . n 
B 1 38 LEU 38 38 38 LEU LEU B . n 
B 1 39 PRO 39 39 39 PRO PRO B . n 
B 1 40 GLY 40 40 40 GLY GLY B . n 
B 1 41 ARG 41 41 41 ARG ARG B . n 
B 1 42 TRP 42 42 42 TRP TRP B . n 
B 1 43 LYS 43 43 43 LYS LYS B . n 
B 1 44 PRO 44 44 44 PRO PRO B . n 
B 1 45 LYS 45 45 45 LYS LYS B . n 
B 1 46 MET 46 46 46 MET MET B . n 
B 1 47 ILE 47 47 47 ILE ILE B . n 
B 1 48 GLY 48 48 48 GLY GLY B . n 
B 1 49 GLY 49 49 49 GLY GLY B . n 
B 1 50 ILE 50 50 50 ILE ILE B . n 
B 1 51 GLY 51 51 51 GLY GLY B . n 
B 1 52 GLY 52 52 52 GLY GLY B . n 
B 1 53 PHE 53 53 53 PHE PHE B . n 
B 1 54 ILE 54 54 54 ILE ILE B . n 
B 1 55 LYS 55 55 55 LYS LYS B . n 
B 1 56 VAL 56 56 56 VAL VAL B . n 
B 1 57 ARG 57 57 57 ARG ARG B . n 
B 1 58 GLN 58 58 58 GLN GLN B . n 
B 1 59 TYR 59 59 59 TYR TYR B . n 
B 1 60 ASP 60 60 60 ASP ASP B . n 
B 1 61 GLN 61 61 61 GLN GLN B . n 
B 1 62 ILE 62 62 62 ILE ILE B . n 
B 1 63 LEU 63 63 63 LEU LEU B . n 
B 1 64 ILE 64 64 64 ILE ILE B . n 
B 1 65 GLU 65 65 65 GLU GLU B . n 
B 1 66 ILE 66 66 66 ILE ILE B . n 
B 1 67 CYS 67 67 67 CYS CYS B . n 
B 1 68 GLY 68 68 68 GLY GLY B . n 
B 1 69 HIS 69 69 69 HIS HIS B . n 
B 1 70 LYS 70 70 70 LYS LYS B . n 
B 1 71 ALA 71 71 71 ALA ALA B . n 
B 1 72 ILE 72 72 72 ILE ILE B . n 
B 1 73 GLY 73 73 73 GLY GLY B . n 
B 1 74 THR 74 74 74 THR THR B . n 
B 1 75 VAL 75 75 75 VAL VAL B . n 
B 1 76 LEU 76 76 76 LEU LEU B . n 
B 1 77 VAL 77 77 77 VAL VAL B . n 
B 1 78 GLY 78 78 78 GLY GLY B . n 
B 1 79 PRO 79 79 79 PRO PRO B . n 
B 1 80 THR 80 80 80 THR THR B . n 
B 1 81 PRO 81 81 81 PRO PRO B . n 
B 1 82 VAL 82 82 82 VAL VAL B . n 
B 1 83 ASN 83 83 83 ASN ASN B . n 
B 1 84 ILE 84 84 84 ILE ILE B . n 
B 1 85 ILE 85 85 85 ILE ILE B . n 
B 1 86 GLY 86 86 86 GLY GLY B . n 
B 1 87 ARG 87 87 87 ARG ARG B . n 
B 1 88 ASN 88 88 88 ASN ASN B . n 
B 1 89 LEU 89 89 89 LEU LEU B . n 
B 1 90 LEU 90 90 90 LEU LEU B . n 
B 1 91 THR 91 91 91 THR THR B . n 
B 1 92 GLN 92 92 92 GLN GLN B . n 
B 1 93 ILE 93 93 93 ILE ILE B . n 
B 1 94 GLY 94 94 94 GLY GLY B . n 
B 1 95 CYS 95 95 95 CYS CYS B . n 
B 1 96 THR 96 96 96 THR THR B . n 
B 1 97 LEU 97 97 97 LEU LEU B . n 
B 1 98 ASN 98 98 98 ASN ASN B . n 
B 1 99 PHE 99 99 99 PHE PHE B . n 
# 
loop_
_pdbx_nonpoly_scheme.asym_id 
_pdbx_nonpoly_scheme.entity_id 
_pdbx_nonpoly_scheme.mon_id 
_pdbx_nonpoly_scheme.ndb_seq_num 
_pdbx_nonpoly_scheme.pdb_seq_num 
_pdbx_nonpoly_scheme.auth_seq_num 
_pdbx_nonpoly_scheme.pdb_mon_id 
_pdbx_nonpoly_scheme.auth_mon_id 
_pdbx_nonpoly_scheme.pdb_strand_id 
_pdbx_nonpoly_scheme.pdb_ins_code 
C 2 TPV 1  300 300 TPV TPV A . 
D 3 GOL 1  301 301 GOL GOL B . 
E 4 HOH 1  301 1   HOH HOH A . 
E 4 HOH 2  302 7   HOH HOH A . 
E 4 HOH 3  303 11  HOH HOH A . 
E 4 HOH 4  304 17  HOH HOH A . 
E 4 HOH 5  305 18  HOH HOH A . 
E 4 HOH 6  306 20  HOH HOH A . 
E 4 HOH 7  307 21  HOH HOH A . 
E 4 HOH 8  308 22  HOH HOH A . 
E 4 HOH 9  309 29  HOH HOH A . 
E 4 HOH 10 310 31  HOH HOH A . 
E 4 HOH 11 311 32  HOH HOH A . 
E 4 HOH 12 312 34  HOH HOH A . 
E 4 HOH 13 313 42  HOH HOH A . 
E 4 HOH 14 314 50  HOH HOH A . 
E 4 HOH 15 315 51  HOH HOH A . 
E 4 HOH 16 316 53  HOH HOH A . 
E 4 HOH 17 317 56  HOH HOH A . 
E 4 HOH 18 318 59  HOH HOH A . 
E 4 HOH 19 319 60  HOH HOH A . 
E 4 HOH 20 320 61  HOH HOH A . 
E 4 HOH 21 321 62  HOH HOH A . 
E 4 HOH 22 322 68  HOH HOH A . 
E 4 HOH 23 323 69  HOH HOH A . 
E 4 HOH 24 324 71  HOH HOH A . 
E 4 HOH 25 325 76  HOH HOH A . 
E 4 HOH 26 326 86  HOH HOH A . 
E 4 HOH 27 327 87  HOH HOH A . 
E 4 HOH 28 328 95  HOH HOH A . 
E 4 HOH 29 329 96  HOH HOH A . 
E 4 HOH 30 330 102 HOH HOH A . 
E 4 HOH 31 331 103 HOH HOH A . 
E 4 HOH 32 332 104 HOH HOH A . 
E 4 HOH 33 333 105 HOH HOH A . 
E 4 HOH 34 334 106 HOH HOH A . 
E 4 HOH 35 335 107 HOH HOH A . 
E 4 HOH 36 336 112 HOH HOH A . 
E 4 HOH 37 337 113 HOH HOH A . 
E 4 HOH 38 338 114 HOH HOH A . 
E 4 HOH 39 339 115 HOH HOH A . 
E 4 HOH 40 340 116 HOH HOH A . 
E 4 HOH 41 341 117 HOH HOH A . 
E 4 HOH 42 342 118 HOH HOH A . 
E 4 HOH 43 343 121 HOH HOH A . 
E 4 HOH 44 344 123 HOH HOH A . 
E 4 HOH 45 345 124 HOH HOH A . 
E 4 HOH 46 346 125 HOH HOH A . 
E 4 HOH 47 347 127 HOH HOH A . 
E 4 HOH 48 348 128 HOH HOH A . 
E 4 HOH 49 349 129 HOH HOH A . 
E 4 HOH 50 350 137 HOH HOH A . 
E 4 HOH 51 351 138 HOH HOH A . 
E 4 HOH 52 352 139 HOH HOH A . 
E 4 HOH 53 353 141 HOH HOH A . 
E 4 HOH 54 354 142 HOH HOH A . 
E 4 HOH 55 355 144 HOH HOH A . 
E 4 HOH 56 356 145 HOH HOH A . 
E 4 HOH 57 357 148 HOH HOH A . 
E 4 HOH 58 358 150 HOH HOH A . 
E 4 HOH 59 359 152 HOH HOH A . 
E 4 HOH 60 360 154 HOH HOH A . 
E 4 HOH 61 361 155 HOH HOH A . 
E 4 HOH 62 362 157 HOH HOH A . 
E 4 HOH 63 363 158 HOH HOH A . 
F 4 HOH 1  302 2   HOH HOH B . 
F 4 HOH 2  303 3   HOH HOH B . 
F 4 HOH 3  304 4   HOH HOH B . 
F 4 HOH 4  305 6   HOH HOH B . 
F 4 HOH 5  306 8   HOH HOH B . 
F 4 HOH 6  307 9   HOH HOH B . 
F 4 HOH 7  308 10  HOH HOH B . 
F 4 HOH 8  309 13  HOH HOH B . 
F 4 HOH 9  310 14  HOH HOH B . 
F 4 HOH 10 311 15  HOH HOH B . 
F 4 HOH 11 312 19  HOH HOH B . 
F 4 HOH 12 313 23  HOH HOH B . 
F 4 HOH 13 314 26  HOH HOH B . 
F 4 HOH 14 315 30  HOH HOH B . 
F 4 HOH 15 316 33  HOH HOH B . 
F 4 HOH 16 317 36  HOH HOH B . 
F 4 HOH 17 318 38  HOH HOH B . 
F 4 HOH 18 319 39  HOH HOH B . 
F 4 HOH 19 320 40  HOH HOH B . 
F 4 HOH 20 321 41  HOH HOH B . 
F 4 HOH 21 322 43  HOH HOH B . 
F 4 HOH 22 323 44  HOH HOH B . 
F 4 HOH 23 324 45  HOH HOH B . 
F 4 HOH 24 325 47  HOH HOH B . 
F 4 HOH 25 326 48  HOH HOH B . 
F 4 HOH 26 327 49  HOH HOH B . 
F 4 HOH 27 328 52  HOH HOH B . 
F 4 HOH 28 329 54  HOH HOH B . 
F 4 HOH 29 330 57  HOH HOH B . 
F 4 HOH 30 331 58  HOH HOH B . 
F 4 HOH 31 332 64  HOH HOH B . 
F 4 HOH 32 333 75  HOH HOH B . 
F 4 HOH 33 334 78  HOH HOH B . 
F 4 HOH 34 335 80  HOH HOH B . 
F 4 HOH 35 336 83  HOH HOH B . 
F 4 HOH 36 337 84  HOH HOH B . 
F 4 HOH 37 338 94  HOH HOH B . 
F 4 HOH 38 339 110 HOH HOH B . 
F 4 HOH 39 340 111 HOH HOH B . 
F 4 HOH 40 341 119 HOH HOH B . 
F 4 HOH 41 342 120 HOH HOH B . 
F 4 HOH 42 343 122 HOH HOH B . 
F 4 HOH 43 344 126 HOH HOH B . 
F 4 HOH 44 345 130 HOH HOH B . 
F 4 HOH 45 346 131 HOH HOH B . 
F 4 HOH 46 347 132 HOH HOH B . 
F 4 HOH 47 348 133 HOH HOH B . 
F 4 HOH 48 349 134 HOH HOH B . 
F 4 HOH 49 350 135 HOH HOH B . 
F 4 HOH 50 351 136 HOH HOH B . 
F 4 HOH 51 352 140 HOH HOH B . 
F 4 HOH 52 353 143 HOH HOH B . 
F 4 HOH 53 354 146 HOH HOH B . 
F 4 HOH 54 355 147 HOH HOH B . 
F 4 HOH 55 356 149 HOH HOH B . 
F 4 HOH 56 357 151 HOH HOH B . 
F 4 HOH 57 358 153 HOH HOH B . 
F 4 HOH 58 359 156 HOH HOH B . 
F 4 HOH 59 360 159 HOH HOH B . 
F 4 HOH 60 361 162 HOH HOH B . 
F 4 HOH 61 362 163 HOH HOH B . 
# 
loop_
_software.name 
_software.version 
_software.date 
_software.type 
_software.contact_author 
_software.contact_author_email 
_software.classification 
_software.location 
_software.language 
_software.citation_id 
_software.pdbx_ordinal 
REFMAC      .     ?                program 'Murshudov, G.N.' ccp4@dl.ac.uk            refinement        
http://www.ccp4.ac.uk/main.html  Fortran_77 ? 1 
PDB_EXTRACT 2.000 'April. 3, 2006' package PDB               sw-help@rcsb.rutgers.edu 'data extraction' 
http://pdb.rutgers.edu/software/ C++        ? 2 
DENZO       .     ?                ?       ?                 ?                        'data reduction'  ? ?          ? 3 
SCALEPACK   .     ?                ?       ?                 ?                        'data scaling'    ? ?          ? 4 
CNS         .     ?                ?       ?                 ?                        phasing           ? ?          ? 5 
# 
_cell.entry_id           2O4P 
_cell.length_a           58.611 
_cell.length_b           86.258 
_cell.length_c           45.888 
_cell.angle_alpha        90.00 
_cell.angle_beta         90.00 
_cell.angle_gamma        90.00 
_cell.Z_PDB              8 
_cell.pdbx_unique_axis   ? 
_cell.length_a_esd       ? 
_cell.length_b_esd       ? 
_cell.length_c_esd       ? 
_cell.angle_alpha_esd    ? 
_cell.angle_beta_esd     ? 
_cell.angle_gamma_esd    ? 
# 
_symmetry.entry_id                         2O4P 
_symmetry.space_group_name_H-M             'P 21 21 2' 
_symmetry.pdbx_full_space_group_name_H-M   ? 
_symmetry.cell_setting                     ? 
_symmetry.Int_Tables_number                18 
_symmetry.space_group_name_Hall            ? 
# 
_exptl.entry_id          2O4P 
_exptl.method            'X-RAY DIFFRACTION' 
_exptl.crystals_number   1 
# 
_exptl_crystal.id                    1 
_exptl_crystal.density_meas          ? 
_exptl_crystal.density_Matthews      2.68 
_exptl_crystal.density_percent_sol   54.15 
_exptl_crystal.description           ? 
_exptl_crystal.F_000                 ? 
_exptl_crystal.preparation           ? 
# 
_exptl_crystal_grow.crystal_id      1 
_exptl_crystal_grow.method          'VAPOR DIFFUSION, HANGING DROP' 
_exptl_crystal_grow.temp            298 
_exptl_crystal_grow.temp_details    ? 
_exptl_crystal_grow.pH              ? 
_exptl_crystal_grow.pdbx_details    'VAPOR DIFFUSION, HANGING DROP, temperature 298K' 
_exptl_crystal_grow.pdbx_pH_range   . 
# 
_diffrn.id                     1 
_diffrn.ambient_temp           100 
_diffrn.ambient_temp_details   ? 
_diffrn.crystal_id             1 
# 
_diffrn_detector.diffrn_id              1 
_diffrn_detector.detector               'IMAGE PLATE' 
_diffrn_detector.type                   'RIGAKU RAXIS IV' 
_diffrn_detector.pdbx_collection_date   2004-02-27 
_diffrn_detector.details                'Osmic Mirrors' 
# 
_diffrn_radiation.diffrn_id                        1 
_diffrn_radiation.wavelength_id                    1 
_diffrn_radiation.pdbx_monochromatic_or_laue_m_l   M 
_diffrn_radiation.monochromator                    ? 
_diffrn_radiation.pdbx_diffrn_protocol             'SINGLE WAVELENGTH' 
_diffrn_radiation.pdbx_scattering_type             x-ray 
# 
_diffrn_radiation_wavelength.id           1 
_diffrn_radiation_wavelength.wavelength   1.54 
_diffrn_radiation_wavelength.wt           1.0 
# 
_diffrn_source.diffrn_id                   1 
_diffrn_source.source                      'ROTATING ANODE' 
_diffrn_source.type                        'RIGAKU RU200' 
_diffrn_source.pdbx_synchrotron_site       ? 
_diffrn_source.pdbx_synchrotron_beamline   ? 
_diffrn_source.pdbx_wavelength             ? 
_diffrn_source.pdbx_wavelength_list        1.54 
# 
_reflns.entry_id                     2O4P 
_reflns.observed_criterion_sigma_I   ? 
_reflns.observed_criterion_sigma_F   ? 
_reflns.d_resolution_low             48.51 
_reflns.d_resolution_high            1.80 
_reflns.number_obs                   21285 
_reflns.number_all                   ? 
_reflns.percent_possible_obs         95.6 
_reflns.pdbx_Rmerge_I_obs            0.09 
_reflns.pdbx_Rsym_value              0.09 
_reflns.pdbx_netI_over_sigmaI        8.3 
_reflns.B_iso_Wilson_estimate        ? 
_reflns.pdbx_redundancy              4.2 
_reflns.R_free_details               ? 
_reflns.limit_h_max                  ? 
_reflns.limit_h_min                  ? 
_reflns.limit_k_max                  ? 
_reflns.limit_k_min                  ? 
_reflns.limit_l_max                  ? 
_reflns.limit_l_min                  ? 
_reflns.observed_criterion_F_max     ? 
_reflns.observed_criterion_F_min     ? 
_reflns.pdbx_chi_squared             ? 
_reflns.pdbx_scaling_rejects         ? 
_reflns.pdbx_ordinal                 1 
_reflns.pdbx_diffrn_id               1 
# 
_reflns_shell.d_res_high             1.80 
_reflns_shell.d_res_low              1.86 
_reflns_shell.percent_possible_all   90.2 
_reflns_shell.Rmerge_I_obs           0.55 
_reflns_shell.pdbx_Rsym_value        0.55 
_reflns_shell.meanI_over_sigI_obs    1.42 
_reflns_shell.pdbx_redundancy        3.0 
_reflns_shell.percent_possible_obs   ? 
_reflns_shell.number_unique_all      ? 
_reflns_shell.number_measured_all    ? 
_reflns_shell.number_measured_obs    ? 
_reflns_shell.number_unique_obs      ? 
_reflns_shell.pdbx_chi_squared       ? 
_reflns_shell.pdbx_ordinal           1 
_reflns_shell.pdbx_diffrn_id         1 
# 
_refine.entry_id                                 2O4P 
_refine.ls_number_reflns_obs                     21269 
_refine.ls_number_reflns_all                     ? 
_refine.pdbx_ls_sigma_I                          ? 
_refine.pdbx_ls_sigma_F                          ? 
_refine.pdbx_data_cutoff_high_absF               ? 
_refine.pdbx_data_cutoff_low_absF                ? 
_refine.pdbx_data_cutoff_high_rms_absF           ? 
_refine.ls_d_res_low                             48.51 
_refine.ls_d_res_high                            1.80 
_refine.ls_percent_reflns_obs                    100.00 
_refine.ls_R_factor_obs                          0.20303 
_refine.ls_R_factor_all                          ? 
_refine.ls_R_factor_R_work                       0.19955 
_refine.ls_R_factor_R_free                       0.23306 
_refine.ls_R_factor_R_free_error                 ? 
_refine.ls_R_factor_R_free_error_details         ? 
_refine.ls_percent_reflns_R_free                 10.0 
_refine.ls_number_reflns_R_free                  2118 
_refine.ls_number_parameters                     ? 
_refine.ls_number_restraints                     ? 
_refine.occupancy_min                            ? 
_refine.occupancy_max                            ? 
_refine.correlation_coeff_Fo_to_Fc               0.953 
_refine.correlation_coeff_Fo_to_Fc_free          0.938 
_refine.B_iso_mean                               27.071 
_refine.aniso_B[1][1]                            0.53 
_refine.aniso_B[2][2]                            0.06 
_refine.aniso_B[3][3]                            -0.59 
_refine.aniso_B[1][2]                            0.00 
_refine.aniso_B[1][3]                            0.00 
_refine.aniso_B[2][3]                            0.00 
_refine.solvent_model_details                    MASK 
_refine.solvent_model_param_ksol                 ? 
_refine.solvent_model_param_bsol                 ? 
_refine.pdbx_solvent_vdw_probe_radii             1.20 
_refine.pdbx_solvent_ion_probe_radii             0.80 
_refine.pdbx_solvent_shrinkage_radii             0.80 
_refine.pdbx_ls_cross_valid_method               THROUGHOUT 
_refine.details                                  'HYDROGENS HAVE BEEN ADDED IN THE RIDING POSITIONS' 
_refine.pdbx_starting_model                      ? 
_refine.pdbx_method_to_determine_struct          'MOLECULAR REPLACEMENT' 
_refine.pdbx_isotropic_thermal_model             ? 
_refine.pdbx_stereochemistry_target_values       'MAXIMUM LIKELIHOOD' 
_refine.pdbx_stereochem_target_val_spec_case     ? 
_refine.pdbx_R_Free_selection_details            RANDOM 
_refine.pdbx_overall_ESU_R                       0.137 
_refine.pdbx_overall_ESU_R_Free                  0.129 
_refine.overall_SU_ML                            0.089 
_refine.overall_SU_B                             5.720 
_refine.ls_redundancy_reflns_obs                 ? 
_refine.B_iso_min                                ? 
_refine.B_iso_max                                ? 
_refine.overall_SU_R_Cruickshank_DPI             ? 
_refine.overall_SU_R_free                        ? 
_refine.ls_wR_factor_R_free                      ? 
_refine.ls_wR_factor_R_work                      ? 
_refine.overall_FOM_free_R_set                   ? 
_refine.overall_FOM_work_R_set                   ? 
_refine.pdbx_refine_id                           'X-RAY DIFFRACTION' 
_refine.pdbx_diffrn_id                           1 
_refine.pdbx_TLS_residual_ADP_flag               ? 
_refine.pdbx_overall_phase_error                 ? 
_refine.pdbx_overall_SU_R_free_Cruickshank_DPI   ? 
_refine.pdbx_overall_SU_R_Blow_DPI               ? 
_refine.pdbx_overall_SU_R_free_Blow_DPI          ? 
# 
_refine_hist.pdbx_refine_id                   'X-RAY DIFFRACTION' 
_refine_hist.cycle_id                         LAST 
_refine_hist.pdbx_number_atoms_protein        1516 
_refine_hist.pdbx_number_atoms_nucleic_acid   0 
_refine_hist.pdbx_number_atoms_ligand         48 
_refine_hist.number_atoms_solvent             124 
_refine_hist.number_atoms_total               1688 
_refine_hist.d_res_high                       1.80 
_refine_hist.d_res_low                        48.51 
# 
loop_
_refine_ls_restr.type 
_refine_ls_restr.dev_ideal 
_refine_ls_restr.dev_ideal_target 
_refine_ls_restr.weight 
_refine_ls_restr.number 
_refine_ls_restr.pdbx_refine_id 
_refine_ls_restr.pdbx_restraint_function 
r_bond_refined_d             0.014  0.022  ? 1592 'X-RAY DIFFRACTION' ? 
r_bond_other_d               ?      ?      ? ?    'X-RAY DIFFRACTION' ? 
r_angle_refined_deg          1.532  2.010  ? 2159 'X-RAY DIFFRACTION' ? 
r_angle_other_deg            ?      ?      ? ?    'X-RAY DIFFRACTION' ? 
r_dihedral_angle_1_deg       5.857  5.000  ? 196  'X-RAY DIFFRACTION' ? 
r_dihedral_angle_2_deg       39.493 24.615 ? 52   'X-RAY DIFFRACTION' ? 
r_dihedral_angle_3_deg       12.764 15.000 ? 288  'X-RAY DIFFRACTION' ? 
r_dihedral_angle_4_deg       13.642 15.000 ? 8    'X-RAY DIFFRACTION' ? 
r_chiral_restr               0.097  0.200  ? 254  'X-RAY DIFFRACTION' ? 
r_gen_planes_refined         0.006  0.020  ? 1131 'X-RAY DIFFRACTION' ? 
r_gen_planes_other           ?      ?      ? ?    'X-RAY DIFFRACTION' ? 
r_nbd_refined                0.188  0.200  ? 660  'X-RAY DIFFRACTION' ? 
r_nbd_other                  ?      ?      ? ?    'X-RAY DIFFRACTION' ? 
r_nbtor_refined              0.304  0.200  ? 1071 'X-RAY DIFFRACTION' ? 
r_nbtor_other                ?      ?      ? ?    'X-RAY DIFFRACTION' ? 
r_xyhbond_nbd_refined        0.165  0.200  ? 111  'X-RAY DIFFRACTION' ? 
r_xyhbond_nbd_other          ?      ?      ? ?    'X-RAY DIFFRACTION' ? 
r_metal_ion_refined          ?      ?      ? ?    'X-RAY DIFFRACTION' ? 
r_metal_ion_other            ?      ?      ? ?    'X-RAY DIFFRACTION' ? 
r_symmetry_vdw_refined       0.160  0.200  ? 42   'X-RAY DIFFRACTION' ? 
r_symmetry_vdw_other         ?      ?      ? ?    'X-RAY DIFFRACTION' ? 
r_symmetry_hbond_refined     0.126  0.200  ? 6    'X-RAY DIFFRACTION' ? 
r_symmetry_hbond_other       ?      ?      ? ?    'X-RAY DIFFRACTION' ? 
r_symmetry_metal_ion_refined ?      ?      ? ?    'X-RAY DIFFRACTION' ? 
r_symmetry_metal_ion_other   ?      ?      ? ?    'X-RAY DIFFRACTION' ? 
r_mcbond_it                  0.959  1.500  ? 1025 'X-RAY DIFFRACTION' ? 
r_mcbond_other               ?      ?      ? ?    'X-RAY DIFFRACTION' ? 
r_mcangle_it                 1.392  2.000  ? 1586 'X-RAY DIFFRACTION' ? 
r_scbond_it                  2.282  3.000  ? 665  'X-RAY DIFFRACTION' ? 
r_scangle_it                 3.417  4.500  ? 573  'X-RAY DIFFRACTION' ? 
r_rigid_bond_restr           ?      ?      ? ?    'X-RAY DIFFRACTION' ? 
r_sphericity_free            ?      ?      ? ?    'X-RAY DIFFRACTION' ? 
r_sphericity_bonded          ?      ?      ? ?    'X-RAY DIFFRACTION' ? 
# 
_refine_ls_shell.pdbx_total_number_of_bins_used   20 
_refine_ls_shell.d_res_high                       1.799 
_refine_ls_shell.d_res_low                        1.846 
_refine_ls_shell.number_reflns_R_work             1289 
_refine_ls_shell.R_factor_R_work                  0.288 
_refine_ls_shell.percent_reflns_obs               100.00 
_refine_ls_shell.R_factor_R_free                  0.394 
_refine_ls_shell.R_factor_R_free_error            ? 
_refine_ls_shell.percent_reflns_R_free            ? 
_refine_ls_shell.number_reflns_R_free             127 
_refine_ls_shell.number_reflns_all                ? 
_refine_ls_shell.R_factor_all                     ? 
_refine_ls_shell.redundancy_reflns_obs            ? 
_refine_ls_shell.number_reflns_obs                ? 
_refine_ls_shell.pdbx_refine_id                   'X-RAY DIFFRACTION' 
# 
_struct.entry_id                  2O4P 
_struct.title                     'Crystal Structure of HIV-1 Protease (Q7K) in Complex with Tipranavir' 
_struct.pdbx_model_details        ? 
_struct.pdbx_CASP_flag            ? 
_struct.pdbx_model_type_details   ? 
# 
_struct_keywords.entry_id        2O4P 
_struct_keywords.pdbx_keywords   'VIRAL PROTEIN' 
_struct_keywords.text            'protease, Viral Protein' 
# 
loop_
_struct_asym.id 
_struct_asym.pdbx_blank_PDB_chainid_flag 
_struct_asym.pdbx_modified 
_struct_asym.entity_id 
_struct_asym.details 
A N N 1 ? 
B N N 1 ? 
C N N 2 ? 
D N N 3 ? 
E N N 4 ? 
F N N 4 ? 
# 
_struct_ref.id                         1 
_struct_ref.db_name                    UNP 
_struct_ref.db_code                    POL_HV1BR 
_struct_ref.pdbx_db_accession          P03367 
_struct_ref.entity_id                  1 
_struct_ref.pdbx_seq_one_letter_code   
;PQITLWQRPLVTIKIGGQLKEALLDTGADDTVLEEMSLPGRWKPKMIGGIGGFIKVRQYDQILIEICGHKAIGTVLVGPT
PVNIIGRNLLTQIGCTLNF
;
_struct_ref.pdbx_align_begin           500 
_struct_ref.pdbx_db_isoform            ? 
# 
loop_
_struct_ref_seq.align_id 
_struct_ref_seq.ref_id 
_struct_ref_seq.pdbx_PDB_id_code 
_struct_ref_seq.pdbx_strand_id 
_struct_ref_seq.seq_align_beg 
_struct_ref_seq.pdbx_seq_align_beg_ins_code 
_struct_ref_seq.seq_align_end 
_struct_ref_seq.pdbx_seq_align_end_ins_code 
_struct_ref_seq.pdbx_db_accession 
_struct_ref_seq.db_align_beg 
_struct_ref_seq.pdbx_db_align_beg_ins_code 
_struct_ref_seq.db_align_end 
_struct_ref_seq.pdbx_db_align_end_ins_code 
_struct_ref_seq.pdbx_auth_seq_align_beg 
_struct_ref_seq.pdbx_auth_seq_align_end 
1 1 2O4P A 1 ? 99 ? P03367 500 ? 598 ? 1 99 
2 1 2O4P B 1 ? 99 ? P03367 500 ? 598 ? 1 99 
# 
loop_
_struct_ref_seq_dif.align_id 
_struct_ref_seq_dif.pdbx_pdb_id_code 
_struct_ref_seq_dif.mon_id 
_struct_ref_seq_dif.pdbx_pdb_strand_id 
_struct_ref_seq_dif.seq_num 
_struct_ref_seq_dif.pdbx_pdb_ins_code 
_struct_ref_seq_dif.pdbx_seq_db_name 
_struct_ref_seq_dif.pdbx_seq_db_accession_code 
_struct_ref_seq_dif.db_mon_id 
_struct_ref_seq_dif.pdbx_seq_db_seq_num 
_struct_ref_seq_dif.details 
_struct_ref_seq_dif.pdbx_auth_seq_num 
_struct_ref_seq_dif.pdbx_ordinal 
1 2O4P LYS A 7 ? UNP P03367 GLN 506 'engineered mutation' 7 1 
2 2O4P LYS B 7 ? UNP P03367 GLN 506 'engineered mutation' 7 2 
# 
_pdbx_struct_assembly.id                   1 
_pdbx_struct_assembly.details              author_and_software_defined_assembly 
_pdbx_struct_assembly.method_details       PISA,PQS 
_pdbx_struct_assembly.oligomeric_details   dimeric 
_pdbx_struct_assembly.oligomeric_count     2 
# 
loop_
_pdbx_struct_assembly_prop.biol_id 
_pdbx_struct_assembly_prop.type 
_pdbx_struct_assembly_prop.value 
_pdbx_struct_assembly_prop.details 
1 'ABSA (A^2)' 5340 ? 
1 MORE         -25  ? 
1 'SSA (A^2)'  9260 ? 
# 
_pdbx_struct_assembly_gen.assembly_id       1 
_pdbx_struct_assembly_gen.oper_expression   1 
_pdbx_struct_assembly_gen.asym_id_list      A,B,C,D,E,F 
# 
_pdbx_struct_oper_list.id                   1 
_pdbx_struct_oper_list.type                 'identity operation' 
_pdbx_struct_oper_list.name                 1_555 
_pdbx_struct_oper_list.symmetry_operation   x,y,z 
_pdbx_struct_oper_list.matrix[1][1]         1.0000000000 
_pdbx_struct_oper_list.matrix[1][2]         0.0000000000 
_pdbx_struct_oper_list.matrix[1][3]         0.0000000000 
_pdbx_struct_oper_list.vector[1]            0.0000000000 
_pdbx_struct_oper_list.matrix[2][1]         0.0000000000 
_pdbx_struct_oper_list.matrix[2][2]         1.0000000000 
_pdbx_struct_oper_list.matrix[2][3]         0.0000000000 
_pdbx_struct_oper_list.vector[2]            0.0000000000 
_pdbx_struct_oper_list.matrix[3][1]         0.0000000000 
_pdbx_struct_oper_list.matrix[3][2]         0.0000000000 
_pdbx_struct_oper_list.matrix[3][3]         1.0000000000 
_pdbx_struct_oper_list.vector[3]            0.0000000000 
# 
_struct_biol.id   1 
# 
loop_
_struct_conf.conf_type_id 
_struct_conf.id 
_struct_conf.pdbx_PDB_helix_id 
_struct_conf.beg_label_comp_id 
_struct_conf.beg_label_asym_id 
_struct_conf.beg_label_seq_id 
_struct_conf.pdbx_beg_PDB_ins_code 
_struct_conf.end_label_comp_id 
_struct_conf.end_label_asym_id 
_struct_conf.end_label_seq_id 
_struct_conf.pdbx_end_PDB_ins_code 
_struct_conf.beg_auth_comp_id 
_struct_conf.beg_auth_asym_id 
_struct_conf.beg_auth_seq_id 
_struct_conf.end_auth_comp_id 
_struct_conf.end_auth_asym_id 
_struct_conf.end_auth_seq_id 
_struct_conf.pdbx_PDB_helix_class 
_struct_conf.details 
_struct_conf.pdbx_PDB_helix_length 
HELX_P HELX_P1 1 GLY A 86 ? THR A 91 ? GLY A 86 THR A 91 1 ? 6 
HELX_P HELX_P2 2 GLY B 86 ? THR B 91 ? GLY B 86 THR B 91 1 ? 6 
# 
_struct_conf_type.id          HELX_P 
_struct_conf_type.criteria    ? 
_struct_conf_type.reference   ? 
# 
loop_
_struct_sheet.id 
_struct_sheet.type 
_struct_sheet.number_strands 
_struct_sheet.details 
A ? 4 ? 
B ? 8 ? 
C ? 8 ? 
# 
loop_
_struct_sheet_order.sheet_id 
_struct_sheet_order.range_id_1 
_struct_sheet_order.range_id_2 
_struct_sheet_order.offset 
_struct_sheet_order.sense 
A 1 2 ? anti-parallel 
A 2 3 ? anti-parallel 
A 3 4 ? anti-parallel 
B 1 2 ? anti-parallel 
B 2 3 ? anti-parallel 
B 3 4 ? parallel      
B 4 5 ? anti-parallel 
B 5 6 ? parallel      
B 6 7 ? anti-parallel 
B 7 8 ? anti-parallel 
C 1 2 ? anti-parallel 
C 2 3 ? anti-parallel 
C 3 4 ? parallel      
C 4 5 ? anti-parallel 
C 5 6 ? parallel      
C 6 7 ? anti-parallel 
C 7 8 ? anti-parallel 
# 
loop_
_struct_sheet_range.sheet_id 
_struct_sheet_range.id 
_struct_sheet_range.beg_label_comp_id 
_struct_sheet_range.beg_label_asym_id 
_struct_sheet_range.beg_label_seq_id 
_struct_sheet_range.pdbx_beg_PDB_ins_code 
_struct_sheet_range.end_label_comp_id 
_struct_sheet_range.end_label_asym_id 
_struct_sheet_range.end_label_seq_id 
_struct_sheet_range.pdbx_end_PDB_ins_code 
_struct_sheet_range.beg_auth_comp_id 
_struct_sheet_range.beg_auth_asym_id 
_struct_sheet_range.beg_auth_seq_id 
_struct_sheet_range.end_auth_comp_id 
_struct_sheet_range.end_auth_asym_id 
_struct_sheet_range.end_auth_seq_id 
A 1 GLN A 2  ? ILE A 3  ? GLN A 2  ILE A 3  
A 2 THR B 96 ? ASN B 98 ? THR B 96 ASN B 98 
A 3 THR A 96 ? ASN A 98 ? THR A 96 ASN A 98 
A 4 GLN B 2  ? ILE B 3  ? GLN B 2  ILE B 3  
B 1 LYS A 43 ? GLY A 49 ? LYS A 43 GLY A 49 
B 2 GLY A 52 ? ILE A 66 ? GLY A 52 ILE A 66 
B 3 HIS A 69 ? VAL A 77 ? HIS A 69 VAL A 77 
B 4 VAL A 32 ? LEU A 33 ? VAL A 32 LEU A 33 
B 5 ILE A 84 ? ILE A 85 ? ILE A 84 ILE A 85 
B 6 GLN A 18 ? LEU A 24 ? GLN A 18 LEU A 24 
B 7 LEU A 10 ? ILE A 15 ? LEU A 10 ILE A 15 
B 8 GLY A 52 ? ILE A 66 ? GLY A 52 ILE A 66 
C 1 LYS B 43 ? GLY B 49 ? LYS B 43 GLY B 49 
C 2 GLY B 52 ? ILE B 66 ? GLY B 52 ILE B 66 
C 3 HIS B 69 ? VAL B 77 ? HIS B 69 VAL B 77 
C 4 VAL B 32 ? LEU B 33 ? VAL B 32 LEU B 33 
C 5 ILE B 84 ? ILE B 85 ? ILE B 84 ILE B 85 
C 6 GLN B 18 ? LEU B 24 ? GLN B 18 LEU B 24 
C 7 LEU B 10 ? ILE B 15 ? LEU B 10 ILE B 15 
C 8 GLY B 52 ? ILE B 66 ? GLY B 52 ILE B 66 
# 
loop_
_pdbx_struct_sheet_hbond.sheet_id 
_pdbx_struct_sheet_hbond.range_id_1 
_pdbx_struct_sheet_hbond.range_id_2 
_pdbx_struct_sheet_hbond.range_1_label_atom_id 
_pdbx_struct_sheet_hbond.range_1_label_comp_id 
_pdbx_struct_sheet_hbond.range_1_label_asym_id 
_pdbx_struct_sheet_hbond.range_1_label_seq_id 
_pdbx_struct_sheet_hbond.range_1_PDB_ins_code 
_pdbx_struct_sheet_hbond.range_1_auth_atom_id 
_pdbx_struct_sheet_hbond.range_1_auth_comp_id 
_pdbx_struct_sheet_hbond.range_1_auth_asym_id 
_pdbx_struct_sheet_hbond.range_1_auth_seq_id 
_pdbx_struct_sheet_hbond.range_2_label_atom_id 
_pdbx_struct_sheet_hbond.range_2_label_comp_id 
_pdbx_struct_sheet_hbond.range_2_label_asym_id 
_pdbx_struct_sheet_hbond.range_2_label_seq_id 
_pdbx_struct_sheet_hbond.range_2_PDB_ins_code 
_pdbx_struct_sheet_hbond.range_2_auth_atom_id 
_pdbx_struct_sheet_hbond.range_2_auth_comp_id 
_pdbx_struct_sheet_hbond.range_2_auth_asym_id 
_pdbx_struct_sheet_hbond.range_2_auth_seq_id 
A 1 2 N ILE A 3  ? N ILE A 3  O LEU B 97 ? O LEU B 97 
A 2 3 O ASN B 98 ? O ASN B 98 N THR A 96 ? N THR A 96 
A 3 4 N LEU A 97 ? N LEU A 97 O ILE B 3  ? O ILE B 3  
B 1 2 N LYS A 43 ? N LYS A 43 O GLN A 58 ? O GLN A 58 
B 2 3 N ILE A 64 ? N ILE A 64 O ALA A 71 ? O ALA A 71 
B 3 4 O LEU A 76 ? O LEU A 76 N LEU A 33 ? N LEU A 33 
B 4 5 N VAL A 32 ? N VAL A 32 O ILE A 84 ? O ILE A 84 
B 5 6 O ILE A 85 ? O ILE A 85 N LEU A 23 ? N LEU A 23 
B 6 7 O LYS A 20 ? O LYS A 20 N ILE A 13 ? N ILE A 13 
B 7 8 N LYS A 14 ? N LYS A 14 O GLU A 65 ? O GLU A 65 
C 1 2 N LYS B 43 ? N LYS B 43 O GLN B 58 ? O GLN B 58 
C 2 3 N ILE B 66 ? N ILE B 66 O HIS B 69 ? O HIS B 69 
C 3 4 O LEU B 76 ? O LEU B 76 N LEU B 33 ? N LEU B 33 
C 4 5 N VAL B 32 ? N VAL B 32 O ILE B 84 ? O ILE B 84 
C 5 6 O ILE B 85 ? O ILE B 85 N LEU B 23 ? N LEU B 23 
C 6 7 O LYS B 20 ? O LYS B 20 N ILE B 13 ? N ILE B 13 
C 7 8 N LYS B 14 ? N LYS B 14 O GLU B 65 ? O GLU B 65 
# 
loop_
_struct_site.id 
_struct_site.pdbx_evidence_code 
_struct_site.pdbx_auth_asym_id 
_struct_site.pdbx_auth_comp_id 
_struct_site.pdbx_auth_seq_id 
_struct_site.pdbx_auth_ins_code 
_struct_site.pdbx_num_residues 
_struct_site.details 
AC1 Software A TPV 300 ? 20 'BINDING SITE FOR RESIDUE TPV A 300' 
AC2 Software B GOL 301 ? 6  'BINDING SITE FOR RESIDUE GOL B 301' 
# 
loop_
_struct_site_gen.id 
_struct_site_gen.site_id 
_struct_site_gen.pdbx_num_res 
_struct_site_gen.label_comp_id 
_struct_site_gen.label_asym_id 
_struct_site_gen.label_seq_id 
_struct_site_gen.pdbx_auth_ins_code 
_struct_site_gen.auth_comp_id 
_struct_site_gen.auth_asym_id 
_struct_site_gen.auth_seq_id 
_struct_site_gen.label_atom_id 
_struct_site_gen.label_alt_id 
_struct_site_gen.symmetry 
_struct_site_gen.details 
1  AC1 20 ARG A 8  ? ARG A 8   . ? 1_555 ? 
2  AC1 20 LEU A 23 ? LEU A 23  . ? 1_555 ? 
3  AC1 20 ASP A 25 ? ASP A 25  . ? 1_555 ? 
4  AC1 20 GLY A 27 ? GLY A 27  . ? 1_555 ? 
5  AC1 20 ALA A 28 ? ALA A 28  . ? 1_555 ? 
6  AC1 20 ASP A 29 ? ASP A 29  . ? 1_555 ? 
7  AC1 20 ASP A 30 ? ASP A 30  . ? 1_555 ? 
8  AC1 20 ILE A 47 ? ILE A 47  . ? 1_555 ? 
9  AC1 20 GLY A 48 ? GLY A 48  . ? 1_555 ? 
10 AC1 20 GLY A 49 ? GLY A 49  . ? 1_555 ? 
11 AC1 20 ILE A 50 ? ILE A 50  . ? 1_555 ? 
12 AC1 20 HOH E .  ? HOH A 310 . ? 1_555 ? 
13 AC1 20 ARG B 8  ? ARG B 8   . ? 1_555 ? 
14 AC1 20 LEU B 23 ? LEU B 23  . ? 1_555 ? 
15 AC1 20 ASP B 25 ? ASP B 25  . ? 1_555 ? 
16 AC1 20 GLY B 27 ? GLY B 27  . ? 1_555 ? 
17 AC1 20 GLY B 49 ? GLY B 49  . ? 1_555 ? 
18 AC1 20 ILE B 50 ? ILE B 50  . ? 1_555 ? 
19 AC1 20 VAL B 82 ? VAL B 82  . ? 1_555 ? 
20 AC1 20 GOL D .  ? GOL B 301 . ? 1_555 ? 
21 AC2 6  TPV C .  ? TPV A 300 . ? 1_555 ? 
22 AC2 6  ALA B 28 ? ALA B 28  . ? 1_555 ? 
23 AC2 6  ASP B 29 ? ASP B 29  . ? 1_555 ? 
24 AC2 6  GLY B 48 ? GLY B 48  . ? 1_555 ? 
25 AC2 6  HOH F .  ? HOH B 334 . ? 1_555 ? 
26 AC2 6  HOH F .  ? HOH B 356 . ? 1_555 ? 
# 
_pdbx_validate_rmsd_angle.id                         1 
_pdbx_validate_rmsd_angle.PDB_model_num              1 
_pdbx_validate_rmsd_angle.auth_atom_id_1             CB 
_pdbx_validate_rmsd_angle.auth_asym_id_1             B 
_pdbx_validate_rmsd_angle.auth_comp_id_1             ASP 
_pdbx_validate_rmsd_angle.auth_seq_id_1              25 
_pdbx_validate_rmsd_angle.PDB_ins_code_1             ? 
_pdbx_validate_rmsd_angle.label_alt_id_1             ? 
_pdbx_validate_rmsd_angle.auth_atom_id_2             CG 
_pdbx_validate_rmsd_angle.auth_asym_id_2             B 
_pdbx_validate_rmsd_angle.auth_comp_id_2             ASP 
_pdbx_validate_rmsd_angle.auth_seq_id_2              25 
_pdbx_validate_rmsd_angle.PDB_ins_code_2             ? 
_pdbx_validate_rmsd_angle.label_alt_id_2             ? 
_pdbx_validate_rmsd_angle.auth_atom_id_3             OD2 
_pdbx_validate_rmsd_angle.auth_asym_id_3             B 
_pdbx_validate_rmsd_angle.auth_comp_id_3             ASP 
_pdbx_validate_rmsd_angle.auth_seq_id_3              25 
_pdbx_validate_rmsd_angle.PDB_ins_code_3             ? 
_pdbx_validate_rmsd_angle.label_alt_id_3             ? 
_pdbx_validate_rmsd_angle.angle_value                125.30 
_pdbx_validate_rmsd_angle.angle_target_value         118.30 
_pdbx_validate_rmsd_angle.angle_deviation            7.00 
_pdbx_validate_rmsd_angle.angle_standard_deviation   0.90 
_pdbx_validate_rmsd_angle.linker_flag                N 
# 
loop_
_pdbx_refine_tls.id 
_pdbx_refine_tls.details 
_pdbx_refine_tls.method 
_pdbx_refine_tls.origin_x 
_pdbx_refine_tls.origin_y 
_pdbx_refine_tls.origin_z 
_pdbx_refine_tls.T[1][1] 
_pdbx_refine_tls.T[2][2] 
_pdbx_refine_tls.T[3][3] 
_pdbx_refine_tls.T[1][2] 
_pdbx_refine_tls.T[1][3] 
_pdbx_refine_tls.T[2][3] 
_pdbx_refine_tls.L[1][1] 
_pdbx_refine_tls.L[2][2] 
_pdbx_refine_tls.L[3][3] 
_pdbx_refine_tls.L[1][2] 
_pdbx_refine_tls.L[1][3] 
_pdbx_refine_tls.L[2][3] 
_pdbx_refine_tls.S[1][1] 
_pdbx_refine_tls.S[1][2] 
_pdbx_refine_tls.S[1][3] 
_pdbx_refine_tls.S[2][1] 
_pdbx_refine_tls.S[2][2] 
_pdbx_refine_tls.S[2][3] 
_pdbx_refine_tls.S[3][1] 
_pdbx_refine_tls.S[3][2] 
_pdbx_refine_tls.S[3][3] 
_pdbx_refine_tls.pdbx_refine_id 
1 ? refined -4.4562 -8.8877 -4.0591 0.0015  -0.0095 -0.0132 -0.0027 -0.0035 0.0074  0.2910 0.4607 0.7230 0.0574  0.1098  0.4448 0.0213  0.0131 -0.0440 0.0687  -0.0434 0.0170  0.0708  -0.0300 0.0220  'X-RAY DIFFRACTION' 
2 ? refined 4.5152  8.8812  4.0005  -0.0073 0.0049  -0.0248 0.0017  -0.0011 0.0077  0.5926 0.4696 0.3970 0.3183  0.2978  0.3071 -0.0134 0.0192 0.0302  -0.0049 0.0148  0.0165  -0.0202 0.0179  -0.0015 'X-RAY DIFFRACTION' 
3 ? refined 3.0967  -0.8116 -4.0590 0.0275  -0.0378 0.0257  -0.0252 -0.0261 -0.0094 1.9358 0.6374 1.6270 -0.4697 -0.1906 0.9637 -0.0053 0.0838 0.2655  -0.0163 -0.1216 -0.1068 0.2483  0.0368  0.1269  'X-RAY DIFFRACTION' 
# 
loop_
_pdbx_refine_tls_group.id 
_pdbx_refine_tls_group.refine_tls_id 
_pdbx_refine_tls_group.beg_auth_asym_id 
_pdbx_refine_tls_group.beg_auth_seq_id 
_pdbx_refine_tls_group.beg_label_asym_id 
_pdbx_refine_tls_group.beg_label_seq_id 
_pdbx_refine_tls_group.end_auth_asym_id 
_pdbx_refine_tls_group.end_auth_seq_id 
_pdbx_refine_tls_group.end_label_asym_id 
_pdbx_refine_tls_group.end_label_seq_id 
_pdbx_refine_tls_group.selection 
_pdbx_refine_tls_group.pdbx_refine_id 
_pdbx_refine_tls_group.selection_details 
1 1 A 1   A 1 A 99  A 99 ? 'X-RAY DIFFRACTION' ? 
2 2 B 1   B 1 B 99  B 99 ? 'X-RAY DIFFRACTION' ? 
3 3 A 300 C ? A 300 C ?  ? 'X-RAY DIFFRACTION' ? 
# 
loop_
_chem_comp_atom.comp_id 
_chem_comp_atom.atom_id 
_chem_comp_atom.type_symbol 
_chem_comp_atom.pdbx_aromatic_flag 
_chem_comp_atom.pdbx_stereo_config 
_chem_comp_atom.pdbx_ordinal 
ALA N    N N N 1   
ALA CA   C N S 2   
ALA C    C N N 3   
ALA O    O N N 4   
ALA CB   C N N 5   
ALA OXT  O N N 6   
ALA H    H N N 7   
ALA H2   H N N 8   
ALA HA   H N N 9   
ALA HB1  H N N 10  
ALA HB2  H N N 11  
ALA HB3  H N N 12  
ALA HXT  H N N 13  
ARG N    N N N 14  
ARG CA   C N S 15  
ARG C    C N N 16  
ARG O    O N N 17  
ARG CB   C N N 18  
ARG CG   C N N 19  
ARG CD   C N N 20  
ARG NE   N N N 21  
ARG CZ   C N N 22  
ARG NH1  N N N 23  
ARG NH2  N N N 24  
ARG OXT  O N N 25  
ARG H    H N N 26  
ARG H2   H N N 27  
ARG HA   H N N 28  
ARG HB2  H N N 29  
ARG HB3  H N N 30  
ARG HG2  H N N 31  
ARG HG3  H N N 32  
ARG HD2  H N N 33  
ARG HD3  H N N 34  
ARG HE   H N N 35  
ARG HH11 H N N 36  
ARG HH12 H N N 37  
ARG HH21 H N N 38  
ARG HH22 H N N 39  
ARG HXT  H N N 40  
ASN N    N N N 41  
ASN CA   C N S 42  
ASN C    C N N 43  
ASN O    O N N 44  
ASN CB   C N N 45  
ASN CG   C N N 46  
ASN OD1  O N N 47  
ASN ND2  N N N 48  
ASN OXT  O N N 49  
ASN H    H N N 50  
ASN H2   H N N 51  
ASN HA   H N N 52  
ASN HB2  H N N 53  
ASN HB3  H N N 54  
ASN HD21 H N N 55  
ASN HD22 H N N 56  
ASN HXT  H N N 57  
ASP N    N N N 58  
ASP CA   C N S 59  
ASP C    C N N 60  
ASP O    O N N 61  
ASP CB   C N N 62  
ASP CG   C N N 63  
ASP OD1  O N N 64  
ASP OD2  O N N 65  
ASP OXT  O N N 66  
ASP H    H N N 67  
ASP H2   H N N 68  
ASP HA   H N N 69  
ASP HB2  H N N 70  
ASP HB3  H N N 71  
ASP HD2  H N N 72  
ASP HXT  H N N 73  
CYS N    N N N 74  
CYS CA   C N R 75  
CYS C    C N N 76  
CYS O    O N N 77  
CYS CB   C N N 78  
CYS SG   S N N 79  
CYS OXT  O N N 80  
CYS H    H N N 81  
CYS H2   H N N 82  
CYS HA   H N N 83  
CYS HB2  H N N 84  
CYS HB3  H N N 85  
CYS HG   H N N 86  
CYS HXT  H N N 87  
GLN N    N N N 88  
GLN CA   C N S 89  
GLN C    C N N 90  
GLN O    O N N 91  
GLN CB   C N N 92  
GLN CG   C N N 93  
GLN CD   C N N 94  
GLN OE1  O N N 95  
GLN NE2  N N N 96  
GLN OXT  O N N 97  
GLN H    H N N 98  
GLN H2   H N N 99  
GLN HA   H N N 100 
GLN HB2  H N N 101 
GLN HB3  H N N 102 
GLN HG2  H N N 103 
GLN HG3  H N N 104 
GLN HE21 H N N 105 
GLN HE22 H N N 106 
GLN HXT  H N N 107 
GLU N    N N N 108 
GLU CA   C N S 109 
GLU C    C N N 110 
GLU O    O N N 111 
GLU CB   C N N 112 
GLU CG   C N N 113 
GLU CD   C N N 114 
GLU OE1  O N N 115 
GLU OE2  O N N 116 
GLU OXT  O N N 117 
GLU H    H N N 118 
GLU H2   H N N 119 
GLU HA   H N N 120 
GLU HB2  H N N 121 
GLU HB3  H N N 122 
GLU HG2  H N N 123 
GLU HG3  H N N 124 
GLU HE2  H N N 125 
GLU HXT  H N N 126 
GLY N    N N N 127 
GLY CA   C N N 128 
GLY C    C N N 129 
GLY O    O N N 130 
GLY OXT  O N N 131 
GLY H    H N N 132 
GLY H2   H N N 133 
GLY HA2  H N N 134 
GLY HA3  H N N 135 
GLY HXT  H N N 136 
GOL C1   C N N 137 
GOL O1   O N N 138 
GOL C2   C N N 139 
GOL O2   O N N 140 
GOL C3   C N N 141 
GOL O3   O N N 142 
GOL H11  H N N 143 
GOL H12  H N N 144 
GOL HO1  H N N 145 
GOL H2   H N N 146 
GOL HO2  H N N 147 
GOL H31  H N N 148 
GOL H32  H N N 149 
GOL HO3  H N N 150 
HIS N    N N N 151 
HIS CA   C N S 152 
HIS C    C N N 153 
HIS O    O N N 154 
HIS CB   C N N 155 
HIS CG   C Y N 156 
HIS ND1  N Y N 157 
HIS CD2  C Y N 158 
HIS CE1  C Y N 159 
HIS NE2  N Y N 160 
HIS OXT  O N N 161 
HIS H    H N N 162 
HIS H2   H N N 163 
HIS HA   H N N 164 
HIS HB2  H N N 165 
HIS HB3  H N N 166 
HIS HD1  H N N 167 
HIS HD2  H N N 168 
HIS HE1  H N N 169 
HIS HE2  H N N 170 
HIS HXT  H N N 171 
HOH O    O N N 172 
HOH H1   H N N 173 
HOH H2   H N N 174 
ILE N    N N N 175 
ILE CA   C N S 176 
ILE C    C N N 177 
ILE O    O N N 178 
ILE CB   C N S 179 
ILE CG1  C N N 180 
ILE CG2  C N N 181 
ILE CD1  C N N 182 
ILE OXT  O N N 183 
ILE H    H N N 184 
ILE H2   H N N 185 
ILE HA   H N N 186 
ILE HB   H N N 187 
ILE HG12 H N N 188 
ILE HG13 H N N 189 
ILE HG21 H N N 190 
ILE HG22 H N N 191 
ILE HG23 H N N 192 
ILE HD11 H N N 193 
ILE HD12 H N N 194 
ILE HD13 H N N 195 
ILE HXT  H N N 196 
LEU N    N N N 197 
LEU CA   C N S 198 
LEU C    C N N 199 
LEU O    O N N 200 
LEU CB   C N N 201 
LEU CG   C N N 202 
LEU CD1  C N N 203 
LEU CD2  C N N 204 
LEU OXT  O N N 205 
LEU H    H N N 206 
LEU H2   H N N 207 
LEU HA   H N N 208 
LEU HB2  H N N 209 
LEU HB3  H N N 210 
LEU HG   H N N 211 
LEU HD11 H N N 212 
LEU HD12 H N N 213 
LEU HD13 H N N 214 
LEU HD21 H N N 215 
LEU HD22 H N N 216 
LEU HD23 H N N 217 
LEU HXT  H N N 218 
LYS N    N N N 219 
LYS CA   C N S 220 
LYS C    C N N 221 
LYS O    O N N 222 
LYS CB   C N N 223 
LYS CG   C N N 224 
LYS CD   C N N 225 
LYS CE   C N N 226 
LYS NZ   N N N 227 
LYS OXT  O N N 228 
LYS H    H N N 229 
LYS H2   H N N 230 
LYS HA   H N N 231 
LYS HB2  H N N 232 
LYS HB3  H N N 233 
LYS HG2  H N N 234 
LYS HG3  H N N 235 
LYS HD2  H N N 236 
LYS HD3  H N N 237 
LYS HE2  H N N 238 
LYS HE3  H N N 239 
LYS HZ1  H N N 240 
LYS HZ2  H N N 241 
LYS HZ3  H N N 242 
LYS HXT  H N N 243 
MET N    N N N 244 
MET CA   C N S 245 
MET C    C N N 246 
MET O    O N N 247 
MET CB   C N N 248 
MET CG   C N N 249 
MET SD   S N N 250 
MET CE   C N N 251 
MET OXT  O N N 252 
MET H    H N N 253 
MET H2   H N N 254 
MET HA   H N N 255 
MET HB2  H N N 256 
MET HB3  H N N 257 
MET HG2  H N N 258 
MET HG3  H N N 259 
MET HE1  H N N 260 
MET HE2  H N N 261 
MET HE3  H N N 262 
MET HXT  H N N 263 
PHE N    N N N 264 
PHE CA   C N S 265 
PHE C    C N N 266 
PHE O    O N N 267 
PHE CB   C N N 268 
PHE CG   C Y N 269 
PHE CD1  C Y N 270 
PHE CD2  C Y N 271 
PHE CE1  C Y N 272 
PHE CE2  C Y N 273 
PHE CZ   C Y N 274 
PHE OXT  O N N 275 
PHE H    H N N 276 
PHE H2   H N N 277 
PHE HA   H N N 278 
PHE HB2  H N N 279 
PHE HB3  H N N 280 
PHE HD1  H N N 281 
PHE HD2  H N N 282 
PHE HE1  H N N 283 
PHE HE2  H N N 284 
PHE HZ   H N N 285 
PHE HXT  H N N 286 
PRO N    N N N 287 
PRO CA   C N S 288 
PRO C    C N N 289 
PRO O    O N N 290 
PRO CB   C N N 291 
PRO CG   C N N 292 
PRO CD   C N N 293 
PRO OXT  O N N 294 
PRO H    H N N 295 
PRO HA   H N N 296 
PRO HB2  H N N 297 
PRO HB3  H N N 298 
PRO HG2  H N N 299 
PRO HG3  H N N 300 
PRO HD2  H N N 301 
PRO HD3  H N N 302 
PRO HXT  H N N 303 
SER N    N N N 304 
SER CA   C N S 305 
SER C    C N N 306 
SER O    O N N 307 
SER CB   C N N 308 
SER OG   O N N 309 
SER OXT  O N N 310 
SER H    H N N 311 
SER H2   H N N 312 
SER HA   H N N 313 
SER HB2  H N N 314 
SER HB3  H N N 315 
SER HG   H N N 316 
SER HXT  H N N 317 
THR N    N N N 318 
THR CA   C N S 319 
THR C    C N N 320 
THR O    O N N 321 
THR CB   C N R 322 
THR OG1  O N N 323 
THR CG2  C N N 324 
THR OXT  O N N 325 
THR H    H N N 326 
THR H2   H N N 327 
THR HA   H N N 328 
THR HB   H N N 329 
THR HG1  H N N 330 
THR HG21 H N N 331 
THR HG22 H N N 332 
THR HG23 H N N 333 
THR HXT  H N N 334 
TPV O1   O N N 335 
TPV C2   C N N 336 
TPV C3   C N N 337 
TPV C4   C N N 338 
TPV C5   C N N 339 
TPV C6   C N R 340 
TPV O7   O N N 341 
TPV O8   O N N 342 
TPV C9   C N N 343 
TPV C10  C N N 344 
TPV C11  C N N 345 
TPV C12  C N N 346 
TPV C13  C N N 347 
TPV C14  C Y N 348 
TPV C15  C Y N 349 
TPV C16  C Y N 350 
TPV C17  C Y N 351 
TPV C18  C Y N 352 
TPV C19  C Y N 353 
TPV C20  C N S 354 
TPV C21  C N N 355 
TPV C22  C N N 356 
TPV C23  C Y N 357 
TPV C24  C Y N 358 
TPV C25  C Y N 359 
TPV C26  C Y N 360 
TPV C27  C Y N 361 
TPV N28  N N N 362 
TPV C29  C Y N 363 
TPV S30  S N N 364 
TPV O31  O N N 365 
TPV O32  O N N 366 
TPV C33  C Y N 367 
TPV N34  N Y N 368 
TPV C35  C Y N 369 
TPV C36  C Y N 370 
TPV C37  C Y N 371 
TPV C38  C Y N 372 
TPV C39  C N N 373 
TPV F40  F N N 374 
TPV F41  F N N 375 
TPV F42  F N N 376 
TPV H51  H N N 377 
TPV H52  H N N 378 
TPV HO81 H N N 379 
TPV H91  H N N 380 
TPV H92  H N N 381 
TPV H101 H N N 382 
TPV H102 H N N 383 
TPV H111 H N N 384 
TPV H112 H N N 385 
TPV H113 H N N 386 
TPV H121 H N N 387 
TPV H122 H N N 388 
TPV H131 H N N 389 
TPV H132 H N N 390 
TPV H151 H N N 391 
TPV H161 H N N 392 
TPV H171 H N N 393 
TPV H181 H N N 394 
TPV H191 H N N 395 
TPV H201 H N N 396 
TPV H211 H N N 397 
TPV H212 H N N 398 
TPV H221 H N N 399 
TPV H222 H N N 400 
TPV H223 H N N 401 
TPV H241 H N N 402 
TPV H251 H N N 403 
TPV H261 H N N 404 
TPV H281 H N N 405 
TPV H291 H N N 406 
TPV H351 H N N 407 
TPV H371 H N N 408 
TPV H381 H N N 409 
TRP N    N N N 410 
TRP CA   C N S 411 
TRP C    C N N 412 
TRP O    O N N 413 
TRP CB   C N N 414 
TRP CG   C Y N 415 
TRP CD1  C Y N 416 
TRP CD2  C Y N 417 
TRP NE1  N Y N 418 
TRP CE2  C Y N 419 
TRP CE3  C Y N 420 
TRP CZ2  C Y N 421 
TRP CZ3  C Y N 422 
TRP CH2  C Y N 423 
TRP OXT  O N N 424 
TRP H    H N N 425 
TRP H2   H N N 426 
TRP HA   H N N 427 
TRP HB2  H N N 428 
TRP HB3  H N N 429 
TRP HD1  H N N 430 
TRP HE1  H N N 431 
TRP HE3  H N N 432 
TRP HZ2  H N N 433 
TRP HZ3  H N N 434 
TRP HH2  H N N 435 
TRP HXT  H N N 436 
TYR N    N N N 437 
TYR CA   C N S 438 
TYR C    C N N 439 
TYR O    O N N 440 
TYR CB   C N N 441 
TYR CG   C Y N 442 
TYR CD1  C Y N 443 
TYR CD2  C Y N 444 
TYR CE1  C Y N 445 
TYR CE2  C Y N 446 
TYR CZ   C Y N 447 
TYR OH   O N N 448 
TYR OXT  O N N 449 
TYR H    H N N 450 
TYR H2   H N N 451 
TYR HA   H N N 452 
TYR HB2  H N N 453 
TYR HB3  H N N 454 
TYR HD1  H N N 455 
TYR HD2  H N N 456 
TYR HE1  H N N 457 
TYR HE2  H N N 458 
TYR HH   H N N 459 
TYR HXT  H N N 460 
VAL N    N N N 461 
VAL CA   C N S 462 
VAL C    C N N 463 
VAL O    O N N 464 
VAL CB   C N N 465 
VAL CG1  C N N 466 
VAL CG2  C N N 467 
VAL OXT  O N N 468 
VAL H    H N N 469 
VAL H2   H N N 470 
VAL HA   H N N 471 
VAL HB   H N N 472 
VAL HG11 H N N 473 
VAL HG12 H N N 474 
VAL HG13 H N N 475 
VAL HG21 H N N 476 
VAL HG22 H N N 477 
VAL HG23 H N N 478 
VAL HXT  H N N 479 
# 
loop_
_chem_comp_bond.comp_id 
_chem_comp_bond.atom_id_1 
_chem_comp_bond.atom_id_2 
_chem_comp_bond.value_order 
_chem_comp_bond.pdbx_aromatic_flag 
_chem_comp_bond.pdbx_stereo_config 
_chem_comp_bond.pdbx_ordinal 
ALA N   CA   sing N N 1   
ALA N   H    sing N N 2   
ALA N   H2   sing N N 3   
ALA CA  C    sing N N 4   
ALA CA  CB   sing N N 5   
ALA CA  HA   sing N N 6   
ALA C   O    doub N N 7   
ALA C   OXT  sing N N 8   
ALA CB  HB1  sing N N 9   
ALA CB  HB2  sing N N 10  
ALA CB  HB3  sing N N 11  
ALA OXT HXT  sing N N 12  
ARG N   CA   sing N N 13  
ARG N   H    sing N N 14  
ARG N   H2   sing N N 15  
ARG CA  C    sing N N 16  
ARG CA  CB   sing N N 17  
ARG CA  HA   sing N N 18  
ARG C   O    doub N N 19  
ARG C   OXT  sing N N 20  
ARG CB  CG   sing N N 21  
ARG CB  HB2  sing N N 22  
ARG CB  HB3  sing N N 23  
ARG CG  CD   sing N N 24  
ARG CG  HG2  sing N N 25  
ARG CG  HG3  sing N N 26  
ARG CD  NE   sing N N 27  
ARG CD  HD2  sing N N 28  
ARG CD  HD3  sing N N 29  
ARG NE  CZ   sing N N 30  
ARG NE  HE   sing N N 31  
ARG CZ  NH1  sing N N 32  
ARG CZ  NH2  doub N N 33  
ARG NH1 HH11 sing N N 34  
ARG NH1 HH12 sing N N 35  
ARG NH2 HH21 sing N N 36  
ARG NH2 HH22 sing N N 37  
ARG OXT HXT  sing N N 38  
ASN N   CA   sing N N 39  
ASN N   H    sing N N 40  
ASN N   H2   sing N N 41  
ASN CA  C    sing N N 42  
ASN CA  CB   sing N N 43  
ASN CA  HA   sing N N 44  
ASN C   O    doub N N 45  
ASN C   OXT  sing N N 46  
ASN CB  CG   sing N N 47  
ASN CB  HB2  sing N N 48  
ASN CB  HB3  sing N N 49  
ASN CG  OD1  doub N N 50  
ASN CG  ND2  sing N N 51  
ASN ND2 HD21 sing N N 52  
ASN ND2 HD22 sing N N 53  
ASN OXT HXT  sing N N 54  
ASP N   CA   sing N N 55  
ASP N   H    sing N N 56  
ASP N   H2   sing N N 57  
ASP CA  C    sing N N 58  
ASP CA  CB   sing N N 59  
ASP CA  HA   sing N N 60  
ASP C   O    doub N N 61  
ASP C   OXT  sing N N 62  
ASP CB  CG   sing N N 63  
ASP CB  HB2  sing N N 64  
ASP CB  HB3  sing N N 65  
ASP CG  OD1  doub N N 66  
ASP CG  OD2  sing N N 67  
ASP OD2 HD2  sing N N 68  
ASP OXT HXT  sing N N 69  
CYS N   CA   sing N N 70  
CYS N   H    sing N N 71  
CYS N   H2   sing N N 72  
CYS CA  C    sing N N 73  
CYS CA  CB   sing N N 74  
CYS CA  HA   sing N N 75  
CYS C   O    doub N N 76  
CYS C   OXT  sing N N 77  
CYS CB  SG   sing N N 78  
CYS CB  HB2  sing N N 79  
CYS CB  HB3  sing N N 80  
CYS SG  HG   sing N N 81  
CYS OXT HXT  sing N N 82  
GLN N   CA   sing N N 83  
GLN N   H    sing N N 84  
GLN N   H2   sing N N 85  
GLN CA  C    sing N N 86  
GLN CA  CB   sing N N 87  
GLN CA  HA   sing N N 88  
GLN C   O    doub N N 89  
GLN C   OXT  sing N N 90  
GLN CB  CG   sing N N 91  
GLN CB  HB2  sing N N 92  
GLN CB  HB3  sing N N 93  
GLN CG  CD   sing N N 94  
GLN CG  HG2  sing N N 95  
GLN CG  HG3  sing N N 96  
GLN CD  OE1  doub N N 97  
GLN CD  NE2  sing N N 98  
GLN NE2 HE21 sing N N 99  
GLN NE2 HE22 sing N N 100 
GLN OXT HXT  sing N N 101 
GLU N   CA   sing N N 102 
GLU N   H    sing N N 103 
GLU N   H2   sing N N 104 
GLU CA  C    sing N N 105 
GLU CA  CB   sing N N 106 
GLU CA  HA   sing N N 107 
GLU C   O    doub N N 108 
GLU C   OXT  sing N N 109 
GLU CB  CG   sing N N 110 
GLU CB  HB2  sing N N 111 
GLU CB  HB3  sing N N 112 
GLU CG  CD   sing N N 113 
GLU CG  HG2  sing N N 114 
GLU CG  HG3  sing N N 115 
GLU CD  OE1  doub N N 116 
GLU CD  OE2  sing N N 117 
GLU OE2 HE2  sing N N 118 
GLU OXT HXT  sing N N 119 
GLY N   CA   sing N N 120 
GLY N   H    sing N N 121 
GLY N   H2   sing N N 122 
GLY CA  C    sing N N 123 
GLY CA  HA2  sing N N 124 
GLY CA  HA3  sing N N 125 
GLY C   O    doub N N 126 
GLY C   OXT  sing N N 127 
GLY OXT HXT  sing N N 128 
GOL C1  O1   sing N N 129 
GOL C1  C2   sing N N 130 
GOL C1  H11  sing N N 131 
GOL C1  H12  sing N N 132 
GOL O1  HO1  sing N N 133 
GOL C2  O2   sing N N 134 
GOL C2  C3   sing N N 135 
GOL C2  H2   sing N N 136 
GOL O2  HO2  sing N N 137 
GOL C3  O3   sing N N 138 
GOL C3  H31  sing N N 139 
GOL C3  H32  sing N N 140 
GOL O3  HO3  sing N N 141 
HIS N   CA   sing N N 142 
HIS N   H    sing N N 143 
HIS N   H2   sing N N 144 
HIS CA  C    sing N N 145 
HIS CA  CB   sing N N 146 
HIS CA  HA   sing N N 147 
HIS C   O    doub N N 148 
HIS C   OXT  sing N N 149 
HIS CB  CG   sing N N 150 
HIS CB  HB2  sing N N 151 
HIS CB  HB3  sing N N 152 
HIS CG  ND1  sing Y N 153 
HIS CG  CD2  doub Y N 154 
HIS ND1 CE1  doub Y N 155 
HIS ND1 HD1  sing N N 156 
HIS CD2 NE2  sing Y N 157 
HIS CD2 HD2  sing N N 158 
HIS CE1 NE2  sing Y N 159 
HIS CE1 HE1  sing N N 160 
HIS NE2 HE2  sing N N 161 
HIS OXT HXT  sing N N 162 
HOH O   H1   sing N N 163 
HOH O   H2   sing N N 164 
ILE N   CA   sing N N 165 
ILE N   H    sing N N 166 
ILE N   H2   sing N N 167 
ILE CA  C    sing N N 168 
ILE CA  CB   sing N N 169 
ILE CA  HA   sing N N 170 
ILE C   O    doub N N 171 
ILE C   OXT  sing N N 172 
ILE CB  CG1  sing N N 173 
ILE CB  CG2  sing N N 174 
ILE CB  HB   sing N N 175 
ILE CG1 CD1  sing N N 176 
ILE CG1 HG12 sing N N 177 
ILE CG1 HG13 sing N N 178 
ILE CG2 HG21 sing N N 179 
ILE CG2 HG22 sing N N 180 
ILE CG2 HG23 sing N N 181 
ILE CD1 HD11 sing N N 182 
ILE CD1 HD12 sing N N 183 
ILE CD1 HD13 sing N N 184 
ILE OXT HXT  sing N N 185 
LEU N   CA   sing N N 186 
LEU N   H    sing N N 187 
LEU N   H2   sing N N 188 
LEU CA  C    sing N N 189 
LEU CA  CB   sing N N 190 
LEU CA  HA   sing N N 191 
LEU C   O    doub N N 192 
LEU C   OXT  sing N N 193 
LEU CB  CG   sing N N 194 
LEU CB  HB2  sing N N 195 
LEU CB  HB3  sing N N 196 
LEU CG  CD1  sing N N 197 
LEU CG  CD2  sing N N 198 
LEU CG  HG   sing N N 199 
LEU CD1 HD11 sing N N 200 
LEU CD1 HD12 sing N N 201 
LEU CD1 HD13 sing N N 202 
LEU CD2 HD21 sing N N 203 
LEU CD2 HD22 sing N N 204 
LEU CD2 HD23 sing N N 205 
LEU OXT HXT  sing N N 206 
LYS N   CA   sing N N 207 
LYS N   H    sing N N 208 
LYS N   H2   sing N N 209 
LYS CA  C    sing N N 210 
LYS CA  CB   sing N N 211 
LYS CA  HA   sing N N 212 
LYS C   O    doub N N 213 
LYS C   OXT  sing N N 214 
LYS CB  CG   sing N N 215 
LYS CB  HB2  sing N N 216 
LYS CB  HB3  sing N N 217 
LYS CG  CD   sing N N 218 
LYS CG  HG2  sing N N 219 
LYS CG  HG3  sing N N 220 
LYS CD  CE   sing N N 221 
LYS CD  HD2  sing N N 222 
LYS CD  HD3  sing N N 223 
LYS CE  NZ   sing N N 224 
LYS CE  HE2  sing N N 225 
LYS CE  HE3  sing N N 226 
LYS NZ  HZ1  sing N N 227 
LYS NZ  HZ2  sing N N 228 
LYS NZ  HZ3  sing N N 229 
LYS OXT HXT  sing N N 230 
MET N   CA   sing N N 231 
MET N   H    sing N N 232 
MET N   H2   sing N N 233 
MET CA  C    sing N N 234 
MET CA  CB   sing N N 235 
MET CA  HA   sing N N 236 
MET C   O    doub N N 237 
MET C   OXT  sing N N 238 
MET CB  CG   sing N N 239 
MET CB  HB2  sing N N 240 
MET CB  HB3  sing N N 241 
MET CG  SD   sing N N 242 
MET CG  HG2  sing N N 243 
MET CG  HG3  sing N N 244 
MET SD  CE   sing N N 245 
MET CE  HE1  sing N N 246 
MET CE  HE2  sing N N 247 
MET CE  HE3  sing N N 248 
MET OXT HXT  sing N N 249 
PHE N   CA   sing N N 250 
PHE N   H    sing N N 251 
PHE N   H2   sing N N 252 
PHE CA  C    sing N N 253 
PHE CA  CB   sing N N 254 
PHE CA  HA   sing N N 255 
PHE C   O    doub N N 256 
PHE C   OXT  sing N N 257 
PHE CB  CG   sing N N 258 
PHE CB  HB2  sing N N 259 
PHE CB  HB3  sing N N 260 
PHE CG  CD1  doub Y N 261 
PHE CG  CD2  sing Y N 262 
PHE CD1 CE1  sing Y N 263 
PHE CD1 HD1  sing N N 264 
PHE CD2 CE2  doub Y N 265 
PHE CD2 HD2  sing N N 266 
PHE CE1 CZ   doub Y N 267 
PHE CE1 HE1  sing N N 268 
PHE CE2 CZ   sing Y N 269 
PHE CE2 HE2  sing N N 270 
PHE CZ  HZ   sing N N 271 
PHE OXT HXT  sing N N 272 
PRO N   CA   sing N N 273 
PRO N   CD   sing N N 274 
PRO N   H    sing N N 275 
PRO CA  C    sing N N 276 
PRO CA  CB   sing N N 277 
PRO CA  HA   sing N N 278 
PRO C   O    doub N N 279 
PRO C   OXT  sing N N 280 
PRO CB  CG   sing N N 281 
PRO CB  HB2  sing N N 282 
PRO CB  HB3  sing N N 283 
PRO CG  CD   sing N N 284 
PRO CG  HG2  sing N N 285 
PRO CG  HG3  sing N N 286 
PRO CD  HD2  sing N N 287 
PRO CD  HD3  sing N N 288 
PRO OXT HXT  sing N N 289 
SER N   CA   sing N N 290 
SER N   H    sing N N 291 
SER N   H2   sing N N 292 
SER CA  C    sing N N 293 
SER CA  CB   sing N N 294 
SER CA  HA   sing N N 295 
SER C   O    doub N N 296 
SER C   OXT  sing N N 297 
SER CB  OG   sing N N 298 
SER CB  HB2  sing N N 299 
SER CB  HB3  sing N N 300 
SER OG  HG   sing N N 301 
SER OXT HXT  sing N N 302 
THR N   CA   sing N N 303 
THR N   H    sing N N 304 
THR N   H2   sing N N 305 
THR CA  C    sing N N 306 
THR CA  CB   sing N N 307 
THR CA  HA   sing N N 308 
THR C   O    doub N N 309 
THR C   OXT  sing N N 310 
THR CB  OG1  sing N N 311 
THR CB  CG2  sing N N 312 
THR CB  HB   sing N N 313 
THR OG1 HG1  sing N N 314 
THR CG2 HG21 sing N N 315 
THR CG2 HG22 sing N N 316 
THR CG2 HG23 sing N N 317 
THR OXT HXT  sing N N 318 
TPV O1  C2   sing N N 319 
TPV O1  C6   sing N N 320 
TPV C2  C3   sing N N 321 
TPV C2  O7   doub N N 322 
TPV C3  C4   doub N N 323 
TPV C3  C20  sing N N 324 
TPV C4  C5   sing N N 325 
TPV C4  O8   sing N N 326 
TPV C5  C6   sing N N 327 
TPV C5  H51  sing N N 328 
TPV C5  H52  sing N N 329 
TPV C6  C9   sing N N 330 
TPV C6  C12  sing N N 331 
TPV O8  HO81 sing N N 332 
TPV C9  C10  sing N N 333 
TPV C9  H91  sing N N 334 
TPV C9  H92  sing N N 335 
TPV C10 C11  sing N N 336 
TPV C10 H101 sing N N 337 
TPV C10 H102 sing N N 338 
TPV C11 H111 sing N N 339 
TPV C11 H112 sing N N 340 
TPV C11 H113 sing N N 341 
TPV C12 C13  sing N N 342 
TPV C12 H121 sing N N 343 
TPV C12 H122 sing N N 344 
TPV C13 C14  sing N N 345 
TPV C13 H131 sing N N 346 
TPV C13 H132 sing N N 347 
TPV C14 C15  doub Y N 348 
TPV C14 C19  sing Y N 349 
TPV C15 C16  sing Y N 350 
TPV C15 H151 sing N N 351 
TPV C16 C17  doub Y N 352 
TPV C16 H161 sing N N 353 
TPV C17 C18  sing Y N 354 
TPV C17 H171 sing N N 355 
TPV C18 C19  doub Y N 356 
TPV C18 H181 sing N N 357 
TPV C19 H191 sing N N 358 
TPV C20 C21  sing N N 359 
TPV C20 C23  sing N N 360 
TPV C20 H201 sing N N 361 
TPV C21 C22  sing N N 362 
TPV C21 H211 sing N N 363 
TPV C21 H212 sing N N 364 
TPV C22 H221 sing N N 365 
TPV C22 H222 sing N N 366 
TPV C22 H223 sing N N 367 
TPV C23 C24  doub Y N 368 
TPV C23 C29  sing Y N 369 
TPV C24 C25  sing Y N 370 
TPV C24 H241 sing N N 371 
TPV C25 C26  doub Y N 372 
TPV C25 H251 sing N N 373 
TPV C26 C27  sing Y N 374 
TPV C26 H261 sing N N 375 
TPV C27 N28  sing N N 376 
TPV C27 C29  doub Y N 377 
TPV N28 S30  sing N N 378 
TPV N28 H281 sing N N 379 
TPV C29 H291 sing N N 380 
TPV S30 O31  doub N N 381 
TPV S30 O32  doub N N 382 
TPV S30 C33  sing N N 383 
TPV C33 N34  doub Y N 384 
TPV C33 C38  sing Y N 385 
TPV N34 C35  sing Y N 386 
TPV C35 C36  doub Y N 387 
TPV C35 H351 sing N N 388 
TPV C36 C37  sing Y N 389 
TPV C36 C39  sing N N 390 
TPV C37 C38  doub Y N 391 
TPV C37 H371 sing N N 392 
TPV C38 H381 sing N N 393 
TPV C39 F40  sing N N 394 
TPV C39 F41  sing N N 395 
TPV C39 F42  sing N N 396 
TRP N   CA   sing N N 397 
TRP N   H    sing N N 398 
TRP N   H2   sing N N 399 
TRP CA  C    sing N N 400 
TRP CA  CB   sing N N 401 
TRP CA  HA   sing N N 402 
TRP C   O    doub N N 403 
TRP C   OXT  sing N N 404 
TRP CB  CG   sing N N 405 
TRP CB  HB2  sing N N 406 
TRP CB  HB3  sing N N 407 
TRP CG  CD1  doub Y N 408 
TRP CG  CD2  sing Y N 409 
TRP CD1 NE1  sing Y N 410 
TRP CD1 HD1  sing N N 411 
TRP CD2 CE2  doub Y N 412 
TRP CD2 CE3  sing Y N 413 
TRP NE1 CE2  sing Y N 414 
TRP NE1 HE1  sing N N 415 
TRP CE2 CZ2  sing Y N 416 
TRP CE3 CZ3  doub Y N 417 
TRP CE3 HE3  sing N N 418 
TRP CZ2 CH2  doub Y N 419 
TRP CZ2 HZ2  sing N N 420 
TRP CZ3 CH2  sing Y N 421 
TRP CZ3 HZ3  sing N N 422 
TRP CH2 HH2  sing N N 423 
TRP OXT HXT  sing N N 424 
TYR N   CA   sing N N 425 
TYR N   H    sing N N 426 
TYR N   H2   sing N N 427 
TYR CA  C    sing N N 428 
TYR CA  CB   sing N N 429 
TYR CA  HA   sing N N 430 
TYR C   O    doub N N 431 
TYR C   OXT  sing N N 432 
TYR CB  CG   sing N N 433 
TYR CB  HB2  sing N N 434 
TYR CB  HB3  sing N N 435 
TYR CG  CD1  doub Y N 436 
TYR CG  CD2  sing Y N 437 
TYR CD1 CE1  sing Y N 438 
TYR CD1 HD1  sing N N 439 
TYR CD2 CE2  doub Y N 440 
TYR CD2 HD2  sing N N 441 
TYR CE1 CZ   doub Y N 442 
TYR CE1 HE1  sing N N 443 
TYR CE2 CZ   sing Y N 444 
TYR CE2 HE2  sing N N 445 
TYR CZ  OH   sing N N 446 
TYR OH  HH   sing N N 447 
TYR OXT HXT  sing N N 448 
VAL N   CA   sing N N 449 
VAL N   H    sing N N 450 
VAL N   H2   sing N N 451 
VAL CA  C    sing N N 452 
VAL CA  CB   sing N N 453 
VAL CA  HA   sing N N 454 
VAL C   O    doub N N 455 
VAL C   OXT  sing N N 456 
VAL CB  CG1  sing N N 457 
VAL CB  CG2  sing N N 458 
VAL CB  HB   sing N N 459 
VAL CG1 HG11 sing N N 460 
VAL CG1 HG12 sing N N 461 
VAL CG1 HG13 sing N N 462 
VAL CG2 HG21 sing N N 463 
VAL CG2 HG22 sing N N 464 
VAL CG2 HG23 sing N N 465 
VAL OXT HXT  sing N N 466 
# 
_atom_sites.entry_id                    2O4P 
_atom_sites.fract_transf_matrix[1][1]   -0.00249170 
_atom_sites.fract_transf_matrix[1][2]   -0.00455853 
_atom_sites.fract_transf_matrix[1][3]   0.01625186 
_atom_sites.fract_transf_matrix[2][1]   0.01141521 
_atom_sites.fract_transf_matrix[2][2]   0.00062180 
_atom_sites.fract_transf_matrix[2][3]   0.00192457 
_atom_sites.fract_transf_matrix[3][1]   -0.00207990 
_atom_sites.fract_transf_matrix[3][2]   0.02096727 
_atom_sites.fract_transf_matrix[3][3]   0.00556229 
_atom_sites.fract_transf_vector[1]      0.269418 
_atom_sites.fract_transf_vector[2]      0.196094 
_atom_sites.fract_transf_vector[3]      0.420995 
# 
loop_
_atom_type.symbol 
C 
F 
N 
O 
S 
# 
loop_
_atom_site.group_PDB 
_atom_site.id 
_atom_site.type_symbol 
_atom_site.label_atom_id 
_atom_site.label_alt_id 
_atom_site.label_comp_id 
_atom_site.label_asym_id 
_atom_site.label_entity_id 
_atom_site.label_seq_id 
_atom_site.pdbx_PDB_ins_code 
_atom_site.Cartn_x 
_atom_site.Cartn_y 
_atom_site.Cartn_z 
_atom_site.occupancy 
_atom_site.B_iso_or_equiv 
_atom_site.pdbx_formal_charge 
_atom_site.auth_seq_id 
_atom_site.auth_comp_id 
_atom_site.auth_asym_id 
_atom_site.auth_atom_id 
_atom_site.pdbx_PDB_model_num 
ATOM   1    N N   . PRO A 1 1  ? -15.293 -6.025  10.335  1.00 37.95 ? 1   PRO A N   1 
ATOM   2    C CA  . PRO A 1 1  ? -13.948 -5.916  10.893  1.00 36.75 ? 1   PRO A CA  1 
ATOM   3    C C   . PRO A 1 1  ? -13.415 -4.495  10.842  1.00 35.83 ? 1   PRO A C   1 
ATOM   4    O O   . PRO A 1 1  ? -13.515 -3.829  9.807   1.00 35.39 ? 1   PRO A O   1 
ATOM   5    C CB  . PRO A 1 1  ? -13.119 -6.842  9.992   1.00 37.24 ? 1   PRO A CB  1 
ATOM   6    C CG  . PRO A 1 1  ? -14.128 -7.491  9.045   1.00 37.76 ? 1   PRO A CG  1 
ATOM   7    C CD  . PRO A 1 1  ? -15.499 -7.333  9.685   1.00 38.38 ? 1   PRO A CD  1 
ATOM   8    N N   . GLN A 1 2  ? -12.898 -4.026  11.974  1.00 34.78 ? 2   GLN A N   1 
ATOM   9    C CA  . GLN A 1 2  ? -12.114 -2.807  12.017  1.00 33.75 ? 2   GLN A CA  1 
ATOM   10   C C   . GLN A 1 2  ? -10.662 -3.173  12.303  1.00 33.18 ? 2   GLN A C   1 
ATOM   11   O O   . GLN A 1 2  ? -10.367 -3.771  13.340  1.00 32.88 ? 2   GLN A O   1 
ATOM   12   C CB  . GLN A 1 2  ? -12.620 -1.843  13.081  1.00 33.87 ? 2   GLN A CB  1 
ATOM   13   C CG  . GLN A 1 2  ? -11.601 -0.727  13.364  1.00 34.42 ? 2   GLN A CG  1 
ATOM   14   C CD  . GLN A 1 2  ? -12.187 0.492   14.044  1.00 36.60 ? 2   GLN A CD  1 
ATOM   15   O OE1 . GLN A 1 2  ? -12.979 1.231   13.449  1.00 38.58 ? 2   GLN A OE1 1 
ATOM   16   N NE2 . GLN A 1 2  ? -11.762 0.733   15.277  1.00 34.55 ? 2   GLN A NE2 1 
ATOM   17   N N   . ILE A 1 3  ? -9.757  -2.809  11.392  1.00 31.21 ? 3   ILE A N   1 
ATOM   18   C CA  . ILE A 1 3  ? -8.358  -3.202  11.521  1.00 29.96 ? 3   ILE A CA  1 
ATOM   19   C C   . ILE A 1 3  ? -7.510  -1.984  11.865  1.00 28.75 ? 3   ILE A C   1 
ATOM   20   O O   . ILE A 1 3  ? -7.514  -0.983  11.143  1.00 26.24 ? 3   ILE A O   1 
ATOM   21   C CB  . ILE A 1 3  ? -7.856  -3.914  10.226  1.00 29.82 ? 3   ILE A CB  1 
ATOM   22   C CG1 . ILE A 1 3  ? -8.668  -5.198  9.971   1.00 30.51 ? 3   ILE A CG1 1 
ATOM   23   C CG2 . ILE A 1 3  ? -6.369  -4.232  10.316  1.00 29.15 ? 3   ILE A CG2 1 
ATOM   24   C CD1 . ILE A 1 3  ? -8.550  -5.731  8.554   1.00 30.82 ? 3   ILE A CD1 1 
ATOM   25   N N   . THR A 1 4  ? -6.806  -2.072  12.994  1.00 27.98 ? 4   THR A N   1 
ATOM   26   C CA  . THR A 1 4  ? -5.847  -1.050  13.392  1.00 27.81 ? 4   THR A CA  1 
ATOM   27   C C   . THR A 1 4  ? -4.579  -1.241  12.571  1.00 26.38 ? 4   THR A C   1 
ATOM   28   O O   . THR A 1 4  ? -4.355  -2.297  11.989  1.00 27.86 ? 4   THR A O   1 
ATOM   29   C CB  . THR A 1 4  ? -5.524  -1.115  14.909  1.00 27.45 ? 4   THR A CB  1 
ATOM   30   O OG1 . THR A 1 4  ? -4.907  -2.373  15.211  1.00 30.14 ? 4   THR A OG1 1 
ATOM   31   C CG2 . THR A 1 4  ? -6.784  -1.112  15.722  1.00 28.46 ? 4   THR A CG2 1 
ATOM   32   N N   . LEU A 1 5  ? -3.741  -0.221  12.534  1.00 25.75 ? 5   LEU A N   1 
ATOM   33   C CA  . LEU A 1 5  ? -2.562  -0.256  11.670  1.00 24.66 ? 5   LEU A CA  1 
ATOM   34   C C   . LEU A 1 5  ? -1.260  -0.306  12.461  1.00 24.47 ? 5   LEU A C   1 
ATOM   35   O O   . LEU A 1 5  ? -0.181  0.006   11.937  1.00 23.72 ? 5   LEU A O   1 
ATOM   36   C CB  . LEU A 1 5  ? -2.602  0.911   10.659  1.00 23.92 ? 5   LEU A CB  1 
ATOM   37   C CG  . LEU A 1 5  ? -3.807  0.745   9.706   1.00 25.72 ? 5   LEU A CG  1 
ATOM   38   C CD1 . LEU A 1 5  ? -4.006  1.993   8.871   1.00 21.75 ? 5   LEU A CD1 1 
ATOM   39   C CD2 . LEU A 1 5  ? -3.670  -0.496  8.823   1.00 27.63 ? 5   LEU A CD2 1 
ATOM   40   N N   . TRP A 1 6  ? -1.363  -0.784  13.705  1.00 24.85 ? 6   TRP A N   1 
ATOM   41   C CA  . TRP A 1 6  ? -0.180  -0.956  14.557  1.00 25.31 ? 6   TRP A CA  1 
ATOM   42   C C   . TRP A 1 6  ? 0.759   -1.963  13.890  1.00 25.38 ? 6   TRP A C   1 
ATOM   43   O O   . TRP A 1 6  ? 1.987   -1.840  13.958  1.00 26.05 ? 6   TRP A O   1 
ATOM   44   C CB  . TRP A 1 6  ? -0.592  -1.454  15.944  1.00 25.20 ? 6   TRP A CB  1 
ATOM   45   C CG  . TRP A 1 6  ? -1.317  -0.437  16.801  1.00 25.88 ? 6   TRP A CG  1 
ATOM   46   C CD1 . TRP A 1 6  ? -2.624  -0.499  17.238  1.00 24.56 ? 6   TRP A CD1 1 
ATOM   47   C CD2 . TRP A 1 6  ? -0.767  0.775   17.358  1.00 25.97 ? 6   TRP A CD2 1 
ATOM   48   N NE1 . TRP A 1 6  ? -2.906  0.593   18.028  1.00 26.60 ? 6   TRP A NE1 1 
ATOM   49   C CE2 . TRP A 1 6  ? -1.790  1.391   18.119  1.00 26.22 ? 6   TRP A CE2 1 
ATOM   50   C CE3 . TRP A 1 6  ? 0.494   1.400   17.292  1.00 25.25 ? 6   TRP A CE3 1 
ATOM   51   C CZ2 . TRP A 1 6  ? -1.598  2.606   18.805  1.00 25.40 ? 6   TRP A CZ2 1 
ATOM   52   C CZ3 . TRP A 1 6  ? 0.693   2.624   18.002  1.00 25.10 ? 6   TRP A CZ3 1 
ATOM   53   C CH2 . TRP A 1 6  ? -0.356  3.199   18.745  1.00 25.44 ? 6   TRP A CH2 1 
ATOM   54   N N   . LYS A 1 7  ? 0.162   -2.963  13.252  1.00 25.31 ? 7   LYS A N   1 
ATOM   55   C CA  . LYS A 1 7  ? 0.903   -4.000  12.544  1.00 25.93 ? 7   LYS A CA  1 
ATOM   56   C C   . LYS A 1 7  ? 0.379   -4.109  11.124  1.00 25.16 ? 7   LYS A C   1 
ATOM   57   O O   . LYS A 1 7  ? -0.656  -3.518  10.799  1.00 23.96 ? 7   LYS A O   1 
ATOM   58   C CB  . LYS A 1 7  ? 0.811   -5.329  13.286  1.00 27.12 ? 7   LYS A CB  1 
ATOM   59   C CG  . LYS A 1 7  ? 1.446   -5.215  14.723  1.00 28.74 ? 7   LYS A CG  1 
ATOM   60   C CD  . LYS A 1 7  ? 2.019   -6.495  15.293  1.00 34.84 ? 7   LYS A CD  1 
ATOM   61   C CE  . LYS A 1 7  ? 2.690   -6.187  16.652  1.00 34.84 ? 7   LYS A CE  1 
ATOM   62   N NZ  . LYS A 1 7  ? 3.156   -7.414  17.365  1.00 39.40 ? 7   LYS A NZ  1 
ATOM   63   N N   . ARG A 1 8  ? 1.116   -4.848  10.299  1.00 25.26 ? 8   ARG A N   1 
ATOM   64   C CA  . ARG A 1 8  ? 0.738   -5.084  8.910   1.00 26.79 ? 8   ARG A CA  1 
ATOM   65   C C   . ARG A 1 8  ? -0.643  -5.715  8.860   1.00 26.60 ? 8   ARG A C   1 
ATOM   66   O O   . ARG A 1 8  ? -0.878  -6.720  9.572   1.00 26.86 ? 8   ARG A O   1 
ATOM   67   C CB  . ARG A 1 8  ? 1.758   -6.000  8.231   1.00 26.08 ? 8   ARG A CB  1 
ATOM   68   C CG  . ARG A 1 8  ? 3.095   -5.324  7.985   1.00 27.37 ? 8   ARG A CG  1 
ATOM   69   C CD  . ARG A 1 8  ? 4.063   -6.221  7.293   1.00 28.15 ? 8   ARG A CD  1 
ATOM   70   N NE  . ARG A 1 8  ? 5.363   -5.594  7.116   1.00 29.18 ? 8   ARG A NE  1 
ATOM   71   C CZ  . ARG A 1 8  ? 6.450   -6.262  6.740   1.00 30.32 ? 8   ARG A CZ  1 
ATOM   72   N NH1 . ARG A 1 8  ? 6.371   -7.572  6.512   1.00 29.46 ? 8   ARG A NH1 1 
ATOM   73   N NH2 . ARG A 1 8  ? 7.606   -5.628  6.577   1.00 28.49 ? 8   ARG A NH2 1 
ATOM   74   N N   . PRO A 1 9  ? -1.559  -5.125  8.065   1.00 26.67 ? 9   PRO A N   1 
ATOM   75   C CA  . PRO A 1 9  ? -2.930  -5.644  7.954   1.00 27.13 ? 9   PRO A CA  1 
ATOM   76   C C   . PRO A 1 9  ? -2.996  -6.937  7.097   1.00 26.91 ? 9   PRO A C   1 
ATOM   77   O O   . PRO A 1 9  ? -3.391  -6.900  5.922   1.00 26.00 ? 9   PRO A O   1 
ATOM   78   C CB  . PRO A 1 9  ? -3.706  -4.465  7.322   1.00 26.75 ? 9   PRO A CB  1 
ATOM   79   C CG  . PRO A 1 9  ? -2.661  -3.782  6.436   1.00 26.42 ? 9   PRO A CG  1 
ATOM   80   C CD  . PRO A 1 9  ? -1.366  -3.910  7.235   1.00 26.74 ? 9   PRO A CD  1 
ATOM   81   N N   . LEU A 1 10 ? -2.600  -8.055  7.713   1.00 26.58 ? 10  LEU A N   1 
ATOM   82   C CA  . LEU A 1 10 ? -2.525  -9.369  7.051   1.00 26.97 ? 10  LEU A CA  1 
ATOM   83   C C   . LEU A 1 10 ? -3.794  -10.133 7.326   1.00 26.71 ? 10  LEU A C   1 
ATOM   84   O O   . LEU A 1 10 ? -4.211  -10.249 8.493   1.00 25.68 ? 10  LEU A O   1 
ATOM   85   C CB  . LEU A 1 10 ? -1.305  -10.168 7.537   1.00 27.26 ? 10  LEU A CB  1 
ATOM   86   C CG  . LEU A 1 10 ? 0.063   -9.555  7.213   1.00 29.39 ? 10  LEU A CG  1 
ATOM   87   C CD1 . LEU A 1 10 ? 1.164   -10.153 8.092   1.00 30.91 ? 10  LEU A CD1 1 
ATOM   88   C CD2 . LEU A 1 10 ? 0.398   -9.743  5.736   1.00 29.06 ? 10  LEU A CD2 1 
ATOM   89   N N   . VAL A 1 11 ? -4.434  -10.625 6.261   1.00 25.87 ? 11  VAL A N   1 
ATOM   90   C CA  . VAL A 1 11 ? -5.679  -11.410 6.402   1.00 26.03 ? 11  VAL A CA  1 
ATOM   91   C C   . VAL A 1 11 ? -5.566  -12.755 5.669   1.00 26.51 ? 11  VAL A C   1 
ATOM   92   O O   . VAL A 1 11 ? -4.653  -12.959 4.860   1.00 25.64 ? 11  VAL A O   1 
ATOM   93   C CB  . VAL A 1 11 ? -6.916  -10.646 5.862   1.00 25.64 ? 11  VAL A CB  1 
ATOM   94   C CG1 . VAL A 1 11 ? -7.101  -9.335  6.630   1.00 27.47 ? 11  VAL A CG1 1 
ATOM   95   C CG2 . VAL A 1 11 ? -6.772  -10.389 4.370   1.00 26.18 ? 11  VAL A CG2 1 
ATOM   96   N N   . THR A 1 12 ? -6.503  -13.655 5.948   1.00 26.60 ? 12  THR A N   1 
ATOM   97   C CA  . THR A 1 12 ? -6.574  -14.930 5.210   1.00 27.29 ? 12  THR A CA  1 
ATOM   98   C C   . THR A 1 12 ? -7.494  -14.763 4.011   1.00 27.40 ? 12  THR A C   1 
ATOM   99   O O   . THR A 1 12 ? -8.601  -14.239 4.141   1.00 27.81 ? 12  THR A O   1 
ATOM   100  C CB  . THR A 1 12 ? -7.085  -16.051 6.127   1.00 27.56 ? 12  THR A CB  1 
ATOM   101  O OG1 . THR A 1 12 ? -6.137  -16.265 7.178   1.00 29.16 ? 12  THR A OG1 1 
ATOM   102  C CG2 . THR A 1 12 ? -7.151  -17.426 5.389   1.00 27.72 ? 12  THR A CG2 1 
ATOM   103  N N   . ILE A 1 13 ? -7.013  -15.189 2.843   1.00 26.20 ? 13  ILE A N   1 
ATOM   104  C CA  . ILE A 1 13 ? -7.806  -15.224 1.647   1.00 26.42 ? 13  ILE A CA  1 
ATOM   105  C C   . ILE A 1 13 ? -7.927  -16.680 1.175   1.00 26.62 ? 13  ILE A C   1 
ATOM   106  O O   . ILE A 1 13 ? -7.116  -17.523 1.550   1.00 26.02 ? 13  ILE A O   1 
ATOM   107  C CB  . ILE A 1 13 ? -7.177  -14.351 0.520   1.00 26.41 ? 13  ILE A CB  1 
ATOM   108  C CG1 . ILE A 1 13 ? -5.743  -14.828 0.206   1.00 24.86 ? 13  ILE A CG1 1 
ATOM   109  C CG2 . ILE A 1 13 ? -7.243  -12.873 0.912   1.00 26.44 ? 13  ILE A CG2 1 
ATOM   110  C CD1 . ILE A 1 13 ? -5.226  -14.495 -1.230  1.00 26.11 ? 13  ILE A CD1 1 
ATOM   111  N N   . LYS A 1 14 ? -8.927  -16.941 0.336   1.00 26.70 ? 14  LYS A N   1 
ATOM   112  C CA  . LYS A 1 14 ? -9.089  -18.221 -0.325  1.00 26.69 ? 14  LYS A CA  1 
ATOM   113  C C   . LYS A 1 14 ? -9.212  -17.982 -1.817  1.00 26.70 ? 14  LYS A C   1 
ATOM   114  O O   . LYS A 1 14 ? -10.051 -17.183 -2.284  1.00 26.50 ? 14  LYS A O   1 
ATOM   115  C CB  . LYS A 1 14 ? -10.295 -18.987 0.215   1.00 27.24 ? 14  LYS A CB  1 
ATOM   116  C CG  . LYS A 1 14 ? -10.320 -20.445 -0.278  1.00 30.08 ? 14  LYS A CG  1 
ATOM   117  C CD  . LYS A 1 14 ? -11.597 -21.143 0.143   1.00 33.57 ? 14  LYS A CD  1 
ATOM   118  C CE  . LYS A 1 14 ? -11.590 -22.599 -0.320  1.00 34.74 ? 14  LYS A CE  1 
ATOM   119  N NZ  . LYS A 1 14 ? -12.721 -23.322 0.332   1.00 39.44 ? 14  LYS A NZ  1 
ATOM   120  N N   . ILE A 1 15 ? -8.326  -18.635 -2.550  1.00 27.27 ? 15  ILE A N   1 
ATOM   121  C CA  . ILE A 1 15 ? -8.237  -18.507 -4.009  1.00 28.56 ? 15  ILE A CA  1 
ATOM   122  C C   . ILE A 1 15 ? -7.794  -19.853 -4.624  1.00 29.75 ? 15  ILE A C   1 
ATOM   123  O O   . ILE A 1 15 ? -6.859  -20.498 -4.120  1.00 30.02 ? 15  ILE A O   1 
ATOM   124  C CB  . ILE A 1 15 ? -7.280  -17.355 -4.431  1.00 27.98 ? 15  ILE A CB  1 
ATOM   125  C CG1 . ILE A 1 15 ? -7.366  -17.138 -5.954  1.00 28.93 ? 15  ILE A CG1 1 
ATOM   126  C CG2 . ILE A 1 15 ? -5.823  -17.629 -3.958  1.00 28.51 ? 15  ILE A CG2 1 
ATOM   127  C CD1 . ILE A 1 15 ? -6.532  -15.964 -6.494  1.00 28.68 ? 15  ILE A CD1 1 
ATOM   128  N N   . GLY A 1 16 ? -8.477  -20.265 -5.697  1.00 30.57 ? 16  GLY A N   1 
ATOM   129  C CA  . GLY A 1 16 ? -8.221  -21.559 -6.367  1.00 31.93 ? 16  GLY A CA  1 
ATOM   130  C C   . GLY A 1 16 ? -8.143  -22.731 -5.409  1.00 32.30 ? 16  GLY A C   1 
ATOM   131  O O   . GLY A 1 16 ? -7.279  -23.587 -5.564  1.00 32.94 ? 16  GLY A O   1 
ATOM   132  N N   . GLY A 1 17 ? -9.031  -22.741 -4.416  1.00 32.09 ? 17  GLY A N   1 
ATOM   133  C CA  . GLY A 1 17 ? -9.052  -23.743 -3.356  1.00 33.44 ? 17  GLY A CA  1 
ATOM   134  C C   . GLY A 1 17 ? -7.972  -23.645 -2.291  1.00 33.84 ? 17  GLY A C   1 
ATOM   135  O O   . GLY A 1 17 ? -7.956  -24.448 -1.357  1.00 34.91 ? 17  GLY A O   1 
ATOM   136  N N   . GLN A 1 18 ? -7.065  -22.676 -2.422  1.00 33.86 ? 18  GLN A N   1 
ATOM   137  C CA  . GLN A 1 18 ? -5.931  -22.514 -1.503  1.00 33.22 ? 18  GLN A CA  1 
ATOM   138  C C   . GLN A 1 18 ? -6.178  -21.388 -0.496  1.00 32.70 ? 18  GLN A C   1 
ATOM   139  O O   . GLN A 1 18 ? -6.626  -20.309 -0.876  1.00 32.42 ? 18  GLN A O   1 
ATOM   140  C CB  . GLN A 1 18 ? -4.642  -22.209 -2.292  1.00 33.35 ? 18  GLN A CB  1 
ATOM   141  C CG  . GLN A 1 18 ? -4.202  -23.320 -3.260  1.00 33.87 ? 18  GLN A CG  1 
ATOM   142  C CD  . GLN A 1 18 ? -2.994  -22.916 -4.071  1.00 34.22 ? 18  GLN A CD  1 
ATOM   143  O OE1 . GLN A 1 18 ? -1.954  -22.598 -3.506  1.00 36.68 ? 18  GLN A OE1 1 
ATOM   144  N NE2 . GLN A 1 18 ? -3.125  -22.922 -5.389  1.00 33.60 ? 18  GLN A NE2 1 
ATOM   145  N N   . LEU A 1 19 ? -5.887  -21.654 0.783   1.00 32.09 ? 19  LEU A N   1 
ATOM   146  C CA  . LEU A 1 19 ? -5.856  -20.612 1.801   1.00 30.95 ? 19  LEU A CA  1 
ATOM   147  C C   . LEU A 1 19 ? -4.461  -19.986 1.811   1.00 30.82 ? 19  LEU A C   1 
ATOM   148  O O   . LEU A 1 19 ? -3.432  -20.696 1.883   1.00 30.90 ? 19  LEU A O   1 
ATOM   149  C CB  . LEU A 1 19 ? -6.212  -21.160 3.190   1.00 31.29 ? 19  LEU A CB  1 
ATOM   150  C CG  . LEU A 1 19 ? -7.638  -21.609 3.520   1.00 30.72 ? 19  LEU A CG  1 
ATOM   151  C CD1 . LEU A 1 19 ? -7.688  -22.075 4.971   1.00 32.75 ? 19  LEU A CD1 1 
ATOM   152  C CD2 . LEU A 1 19 ? -8.682  -20.516 3.306   1.00 31.11 ? 19  LEU A CD2 1 
ATOM   153  N N   . LYS A 1 20 ? -4.440  -18.659 1.741   1.00 29.49 ? 20  LYS A N   1 
ATOM   154  C CA  . LYS A 1 20 ? -3.223  -17.885 1.693   1.00 28.70 ? 20  LYS A CA  1 
ATOM   155  C C   . LYS A 1 20 ? -3.334  -16.668 2.620   1.00 28.19 ? 20  LYS A C   1 
ATOM   156  O O   . LYS A 1 20 ? -4.427  -16.151 2.875   1.00 27.33 ? 20  LYS A O   1 
ATOM   157  C CB  . LYS A 1 20 ? -2.950  -17.422 0.251   1.00 29.04 ? 20  LYS A CB  1 
ATOM   158  C CG  . LYS A 1 20 ? -2.443  -18.540 -0.668  1.00 30.71 ? 20  LYS A CG  1 
ATOM   159  C CD  . LYS A 1 20 ? -2.786  -18.290 -2.125  1.00 34.13 ? 20  LYS A CD  1 
ATOM   160  C CE  . LYS A 1 20 ? -1.579  -18.188 -3.035  1.00 35.54 ? 20  LYS A CE  1 
ATOM   161  N NZ  . LYS A 1 20 ? -0.454  -19.188 -2.962  1.00 30.28 ? 20  LYS A NZ  1 
ATOM   162  N N   . GLU A 1 21 ? -2.193  -16.230 3.133   1.00 27.88 ? 21  GLU A N   1 
ATOM   163  C CA  . GLU A 1 21 ? -2.112  -14.954 3.836   1.00 27.33 ? 21  GLU A CA  1 
ATOM   164  C C   . GLU A 1 21 ? -1.870  -13.808 2.836   1.00 25.98 ? 21  GLU A C   1 
ATOM   165  O O   . GLU A 1 21 ? -1.015  -13.910 1.951   1.00 26.51 ? 21  GLU A O   1 
ATOM   166  C CB  . GLU A 1 21 ? -0.975  -15.011 4.840   1.00 27.76 ? 21  GLU A CB  1 
ATOM   167  C CG  . GLU A 1 21 ? -0.724  -13.715 5.566   1.00 29.74 ? 21  GLU A CG  1 
ATOM   168  C CD  . GLU A 1 21 ? 0.360   -13.879 6.601   1.00 32.85 ? 21  GLU A CD  1 
ATOM   169  O OE1 . GLU A 1 21 ? 0.038   -14.269 7.742   1.00 35.47 ? 21  GLU A OE1 1 
ATOM   170  O OE2 . GLU A 1 21 ? 1.531   -13.661 6.252   1.00 33.96 ? 21  GLU A OE2 1 
ATOM   171  N N   . ALA A 1 22 ? -2.592  -12.698 2.992   1.00 25.05 ? 22  ALA A N   1 
ATOM   172  C CA  . ALA A 1 22 ? -2.381  -11.539 2.116   1.00 22.81 ? 22  ALA A CA  1 
ATOM   173  C C   . ALA A 1 22 ? -2.486  -10.180 2.831   1.00 22.83 ? 22  ALA A C   1 
ATOM   174  O O   . ALA A 1 22 ? -3.170  -10.039 3.865   1.00 21.91 ? 22  ALA A O   1 
ATOM   175  C CB  . ALA A 1 22 ? -3.308  -11.591 0.897   1.00 22.46 ? 22  ALA A CB  1 
ATOM   176  N N   . LEU A 1 23 ? -1.797  -9.202  2.246   1.00 21.81 ? 23  LEU A N   1 
ATOM   177  C CA  . LEU A 1 23 ? -1.664  -7.832  2.791   1.00 21.96 ? 23  LEU A CA  1 
ATOM   178  C C   . LEU A 1 23 ? -2.734  -6.930  2.183   1.00 21.96 ? 23  LEU A C   1 
ATOM   179  O O   . LEU A 1 23 ? -2.785  -6.722  0.967   1.00 22.52 ? 23  LEU A O   1 
ATOM   180  C CB  . LEU A 1 23 ? -0.261  -7.284  2.451   1.00 22.49 ? 23  LEU A CB  1 
ATOM   181  C CG  . LEU A 1 23 ? 0.156   -5.937  3.047   1.00 21.59 ? 23  LEU A CG  1 
ATOM   182  C CD1 . LEU A 1 23 ? 0.177   -5.969  4.589   1.00 23.71 ? 23  LEU A CD1 1 
ATOM   183  C CD2 . LEU A 1 23 ? 1.540   -5.495  2.461   1.00 21.02 ? 23  LEU A CD2 1 
ATOM   184  N N   . LEU A 1 24 ? -3.581  -6.354  3.022   1.00 22.34 ? 24  LEU A N   1 
ATOM   185  C CA  . LEU A 1 24 ? -4.524  -5.330  2.547   1.00 22.65 ? 24  LEU A CA  1 
ATOM   186  C C   . LEU A 1 24 ? -3.828  -4.000  2.295   1.00 22.80 ? 24  LEU A C   1 
ATOM   187  O O   . LEU A 1 24 ? -3.329  -3.352  3.212   1.00 23.95 ? 24  LEU A O   1 
ATOM   188  C CB  . LEU A 1 24 ? -5.692  -5.158  3.525   1.00 22.95 ? 24  LEU A CB  1 
ATOM   189  C CG  . LEU A 1 24 ? -6.445  -6.451  3.889   1.00 24.91 ? 24  LEU A CG  1 
ATOM   190  C CD1 . LEU A 1 24 ? -7.624  -6.128  4.806   1.00 26.36 ? 24  LEU A CD1 1 
ATOM   191  C CD2 . LEU A 1 24 ? -6.937  -7.159  2.654   1.00 24.50 ? 24  LEU A CD2 1 
ATOM   192  N N   . ASP A 1 25 ? -3.759  -3.597  1.031   1.00 22.40 ? 25  ASP A N   1 
ATOM   193  C CA  . ASP A 1 25 ? -2.931  -2.463  0.652   1.00 21.64 ? 25  ASP A CA  1 
ATOM   194  C C   . ASP A 1 25 ? -3.741  -1.432  -0.112  1.00 21.71 ? 25  ASP A C   1 
ATOM   195  O O   . ASP A 1 25 ? -3.994  -1.590  -1.319  1.00 21.22 ? 25  ASP A O   1 
ATOM   196  C CB  . ASP A 1 25 ? -1.767  -3.002  -0.184  1.00 21.24 ? 25  ASP A CB  1 
ATOM   197  C CG  . ASP A 1 25 ? -0.754  -1.924  -0.600  1.00 23.21 ? 25  ASP A CG  1 
ATOM   198  O OD1 . ASP A 1 25 ? -0.963  -0.694  -0.432  1.00 23.04 ? 25  ASP A OD1 1 
ATOM   199  O OD2 . ASP A 1 25 ? 0.347   -2.260  -1.070  1.00 23.17 ? 25  ASP A OD2 1 
ATOM   200  N N   . THR A 1 26 ? -4.115  -0.349  0.588   1.00 21.23 ? 26  THR A N   1 
ATOM   201  C CA  . THR A 1 26 ? -4.916  0.726   -0.008  1.00 20.43 ? 26  THR A CA  1 
ATOM   202  C C   . THR A 1 26 ? -4.115  1.524   -1.057  1.00 20.57 ? 26  THR A C   1 
ATOM   203  O O   . THR A 1 26 ? -4.722  2.203   -1.894  1.00 21.43 ? 26  THR A O   1 
ATOM   204  C CB  . THR A 1 26 ? -5.387  1.697   1.042   1.00 20.38 ? 26  THR A CB  1 
ATOM   205  O OG1 . THR A 1 26 ? -4.231  2.112   1.791   1.00 20.04 ? 26  THR A OG1 1 
ATOM   206  C CG2 . THR A 1 26 ? -6.295  0.985   2.099   1.00 19.29 ? 26  THR A CG2 1 
ATOM   207  N N   . GLY A 1 27 ? -2.785  1.427   -1.005  1.00 20.05 ? 27  GLY A N   1 
ATOM   208  C CA  . GLY A 1 27 ? -1.903  2.017   -2.031  1.00 20.40 ? 27  GLY A CA  1 
ATOM   209  C C   . GLY A 1 27 ? -1.743  1.279   -3.363  1.00 20.51 ? 27  GLY A C   1 
ATOM   210  O O   . GLY A 1 27 ? -1.294  1.883   -4.361  1.00 21.93 ? 27  GLY A O   1 
ATOM   211  N N   . ALA A 1 28 ? -2.080  -0.018  -3.405  1.00 20.42 ? 28  ALA A N   1 
ATOM   212  C CA  . ALA A 1 28 ? -1.993  -0.805  -4.637  1.00 19.24 ? 28  ALA A CA  1 
ATOM   213  C C   . ALA A 1 28 ? -3.231  -0.635  -5.494  1.00 20.08 ? 28  ALA A C   1 
ATOM   214  O O   . ALA A 1 28 ? -4.359  -0.870  -5.018  1.00 18.62 ? 28  ALA A O   1 
ATOM   215  C CB  . ALA A 1 28 ? -1.807  -2.323  -4.282  1.00 18.50 ? 28  ALA A CB  1 
ATOM   216  N N   . ASP A 1 29 ? -3.040  -0.240  -6.754  1.00 19.59 ? 29  ASP A N   1 
ATOM   217  C CA  . ASP A 1 29 ? -4.163  -0.161  -7.699  1.00 20.51 ? 29  ASP A CA  1 
ATOM   218  C C   . ASP A 1 29 ? -4.720  -1.580  -7.894  1.00 21.74 ? 29  ASP A C   1 
ATOM   219  O O   . ASP A 1 29 ? -5.932  -1.785  -7.982  1.00 21.38 ? 29  ASP A O   1 
ATOM   220  C CB  . ASP A 1 29 ? -3.659  0.246   -9.087  1.00 20.59 ? 29  ASP A CB  1 
ATOM   221  C CG  . ASP A 1 29 ? -3.236  1.703   -9.196  1.00 23.35 ? 29  ASP A CG  1 
ATOM   222  O OD1 . ASP A 1 29 ? -3.591  2.557   -8.332  1.00 23.19 ? 29  ASP A OD1 1 
ATOM   223  O OD2 . ASP A 1 29 ? -2.557  2.065   -10.192 1.00 23.78 ? 29  ASP A OD2 1 
ATOM   224  N N   . ASP A 1 30 ? -3.791  -2.538  -8.000  1.00 21.85 ? 30  ASP A N   1 
ATOM   225  C CA  . ASP A 1 30 ? -4.071  -3.911  -8.428  1.00 23.29 ? 30  ASP A CA  1 
ATOM   226  C C   . ASP A 1 30 ? -3.770  -4.906  -7.311  1.00 23.10 ? 30  ASP A C   1 
ATOM   227  O O   . ASP A 1 30 ? -2.951  -4.672  -6.421  1.00 23.99 ? 30  ASP A O   1 
ATOM   228  C CB  . ASP A 1 30 ? -3.140  -4.313  -9.588  1.00 23.64 ? 30  ASP A CB  1 
ATOM   229  C CG  . ASP A 1 30 ? -3.244  -3.399  -10.790 1.00 27.15 ? 30  ASP A CG  1 
ATOM   230  O OD1 . ASP A 1 30 ? -4.369  -2.901  -11.063 1.00 28.77 ? 30  ASP A OD1 1 
ATOM   231  O OD2 . ASP A 1 30 ? -2.250  -3.149  -11.536 1.00 29.60 ? 30  ASP A OD2 1 
ATOM   232  N N   . THR A 1 31 ? -4.387  -6.065  -7.440  1.00 23.86 ? 31  THR A N   1 
ATOM   233  C CA  . THR A 1 31 ? -4.092  -7.213  -6.609  1.00 23.80 ? 31  THR A CA  1 
ATOM   234  C C   . THR A 1 31 ? -2.985  -8.063  -7.266  1.00 23.34 ? 31  THR A C   1 
ATOM   235  O O   . THR A 1 31 ? -3.082  -8.444  -8.436  1.00 21.86 ? 31  THR A O   1 
ATOM   236  C CB  . THR A 1 31 ? -5.395  -8.021  -6.436  1.00 24.11 ? 31  THR A CB  1 
ATOM   237  O OG1 . THR A 1 31 ? -6.293  -7.295  -5.572  1.00 23.54 ? 31  THR A OG1 1 
ATOM   238  C CG2 . THR A 1 31 ? -5.129  -9.335  -5.711  1.00 24.18 ? 31  THR A CG2 1 
ATOM   239  N N   . VAL A 1 32 ? -1.912  -8.321  -6.518  1.00 22.00 ? 32  VAL A N   1 
ATOM   240  C CA  . VAL A 1 32 ? -0.788  -9.117  -7.045  1.00 21.43 ? 32  VAL A CA  1 
ATOM   241  C C   . VAL A 1 32 ? -0.376  -10.164 -6.039  1.00 20.71 ? 32  VAL A C   1 
ATOM   242  O O   . VAL A 1 32 ? -0.080  -9.842  -4.877  1.00 20.23 ? 32  VAL A O   1 
ATOM   243  C CB  . VAL A 1 32 ? 0.430   -8.260  -7.497  1.00 22.20 ? 32  VAL A CB  1 
ATOM   244  C CG1 . VAL A 1 32 ? 1.045   -7.477  -6.332  1.00 21.89 ? 32  VAL A CG1 1 
ATOM   245  C CG2 . VAL A 1 32 ? 1.506   -9.128  -8.228  1.00 21.23 ? 32  VAL A CG2 1 
ATOM   246  N N   . LEU A 1 33 ? -0.331  -11.407 -6.525  1.00 20.21 ? 33  LEU A N   1 
ATOM   247  C CA  . LEU A 1 33 ? -0.071  -12.583 -5.711  1.00 21.22 ? 33  LEU A CA  1 
ATOM   248  C C   . LEU A 1 33 ? 1.254   -13.238 -6.138  1.00 20.80 ? 33  LEU A C   1 
ATOM   249  O O   . LEU A 1 33 ? 1.664   -13.165 -7.306  1.00 20.65 ? 33  LEU A O   1 
ATOM   250  C CB  . LEU A 1 33 ? -1.238  -13.566 -5.836  1.00 21.19 ? 33  LEU A CB  1 
ATOM   251  C CG  . LEU A 1 33 ? -2.650  -13.031 -5.439  1.00 22.54 ? 33  LEU A CG  1 
ATOM   252  C CD1 . LEU A 1 33 ? -3.647  -14.163 -5.505  1.00 20.72 ? 33  LEU A CD1 1 
ATOM   253  C CD2 . LEU A 1 33 ? -2.655  -12.409 -4.025  1.00 22.11 ? 33  LEU A CD2 1 
ATOM   254  N N   . GLU A 1 34 ? 1.938   -13.841 -5.166  1.00 21.20 ? 34  GLU A N   1 
ATOM   255  C CA  . GLU A 1 34 ? 3.112   -14.645 -5.435  1.00 22.08 ? 34  GLU A CA  1 
ATOM   256  C C   . GLU A 1 34 ? 2.721   -15.797 -6.398  1.00 21.22 ? 34  GLU A C   1 
ATOM   257  O O   . GLU A 1 34 ? 1.541   -16.177 -6.485  1.00 19.77 ? 34  GLU A O   1 
ATOM   258  C CB  . GLU A 1 34 ? 3.690   -15.188 -4.105  1.00 22.15 ? 34  GLU A CB  1 
ATOM   259  C CG  . GLU A 1 34 ? 4.052   -14.102 -3.099  1.00 24.18 ? 34  GLU A CG  1 
ATOM   260  C CD  . GLU A 1 34 ? 4.821   -14.640 -1.901  1.00 27.35 ? 34  GLU A CD  1 
ATOM   261  O OE1 . GLU A 1 34 ? 4.493   -14.255 -0.760  1.00 33.10 ? 34  GLU A OE1 1 
ATOM   262  O OE2 . GLU A 1 34 ? 5.748   -15.446 -2.102  1.00 28.13 ? 34  GLU A OE2 1 
ATOM   263  N N   . GLU A 1 35 ? 3.714   -16.317 -7.126  1.00 21.21 ? 35  GLU A N   1 
ATOM   264  C CA  . GLU A 1 35 ? 3.494   -17.399 -8.113  1.00 22.97 ? 35  GLU A CA  1 
ATOM   265  C C   . GLU A 1 35 ? 2.535   -18.497 -7.683  1.00 23.08 ? 35  GLU A C   1 
ATOM   266  O O   . GLU A 1 35 ? 2.669   -19.077 -6.615  1.00 23.62 ? 35  GLU A O   1 
ATOM   267  C CB  . GLU A 1 35 ? 4.810   -18.013 -8.589  1.00 22.65 ? 35  GLU A CB  1 
ATOM   268  C CG  . GLU A 1 35 ? 5.613   -17.101 -9.498  1.00 24.52 ? 35  GLU A CG  1 
ATOM   269  C CD  . GLU A 1 35 ? 4.925   -16.821 -10.832 1.00 30.03 ? 35  GLU A CD  1 
ATOM   270  O OE1 . GLU A 1 35 ? 5.396   -15.896 -11.527 1.00 33.04 ? 35  GLU A OE1 1 
ATOM   271  O OE2 . GLU A 1 35 ? 3.926   -17.512 -11.180 1.00 30.22 ? 35  GLU A OE2 1 
ATOM   272  N N   . MET A 1 36 ? 1.532   -18.718 -8.521  1.00 23.73 ? 36  MET A N   1 
ATOM   273  C CA  . MET A 1 36 ? 0.581   -19.811 -8.382  1.00 24.68 ? 36  MET A CA  1 
ATOM   274  C C   . MET A 1 36 ? -0.029  -19.990 -9.752  1.00 25.22 ? 36  MET A C   1 
ATOM   275  O O   . MET A 1 36 ? 0.156   -19.157 -10.639 1.00 23.86 ? 36  MET A O   1 
ATOM   276  C CB  . MET A 1 36 ? -0.527  -19.482 -7.381  1.00 24.69 ? 36  MET A CB  1 
ATOM   277  C CG  . MET A 1 36 ? -1.337  -18.203 -7.727  1.00 24.30 ? 36  MET A CG  1 
ATOM   278  S SD  . MET A 1 36 ? -2.701  -17.884 -6.580  1.00 29.10 ? 36  MET A SD  1 
ATOM   279  C CE  . MET A 1 36 ? -3.595  -19.440 -6.554  1.00 27.91 ? 36  MET A CE  1 
ATOM   280  N N   . SER A 1 37 ? -0.741  -21.100 -9.913  1.00 25.86 ? 37  SER A N   1 
ATOM   281  C CA  . SER A 1 37 ? -1.503  -21.354 -11.105 1.00 26.59 ? 37  SER A CA  1 
ATOM   282  C C   . SER A 1 37 ? -2.932  -20.884 -10.865 1.00 26.27 ? 37  SER A C   1 
ATOM   283  O O   . SER A 1 37 ? -3.488  -21.037 -9.757  1.00 26.13 ? 37  SER A O   1 
ATOM   284  C CB  . SER A 1 37 ? -1.497  -22.858 -11.401 1.00 27.28 ? 37  SER A CB  1 
ATOM   285  O OG  . SER A 1 37 ? -2.452  -23.132 -12.385 1.00 31.10 ? 37  SER A OG  1 
ATOM   286  N N   . LEU A 1 38 ? -3.519  -20.325 -11.908 1.00 25.62 ? 38  LEU A N   1 
ATOM   287  C CA  . LEU A 1 38 ? -4.913  -19.940 -11.906 1.00 26.14 ? 38  LEU A CA  1 
ATOM   288  C C   . LEU A 1 38 ? -5.526  -20.402 -13.222 1.00 27.15 ? 38  LEU A C   1 
ATOM   289  O O   . LEU A 1 38 ? -4.807  -20.576 -14.206 1.00 25.91 ? 38  LEU A O   1 
ATOM   290  C CB  . LEU A 1 38 ? -5.078  -18.415 -11.748 1.00 24.88 ? 38  LEU A CB  1 
ATOM   291  C CG  . LEU A 1 38 ? -4.890  -17.793 -10.360 1.00 25.20 ? 38  LEU A CG  1 
ATOM   292  C CD1 . LEU A 1 38 ? -5.049  -16.273 -10.394 1.00 21.99 ? 38  LEU A CD1 1 
ATOM   293  C CD2 . LEU A 1 38 ? -5.914  -18.415 -9.387  1.00 23.47 ? 38  LEU A CD2 1 
ATOM   294  N N   . PRO A 1 39 ? -6.845  -20.608 -13.233 1.00 28.62 ? 39  PRO A N   1 
ATOM   295  C CA  . PRO A 1 39 ? -7.523  -21.111 -14.434 1.00 29.80 ? 39  PRO A CA  1 
ATOM   296  C C   . PRO A 1 39 ? -7.745  -20.030 -15.484 1.00 30.52 ? 39  PRO A C   1 
ATOM   297  O O   . PRO A 1 39 ? -7.754  -18.850 -15.156 1.00 31.14 ? 39  PRO A O   1 
ATOM   298  C CB  . PRO A 1 39 ? -8.885  -21.597 -13.906 1.00 29.97 ? 39  PRO A CB  1 
ATOM   299  C CG  . PRO A 1 39 ? -9.010  -21.119 -12.510 1.00 29.71 ? 39  PRO A CG  1 
ATOM   300  C CD  . PRO A 1 39 ? -7.780  -20.373 -12.113 1.00 29.06 ? 39  PRO A CD  1 
ATOM   301  N N   . GLY A 1 40 ? -7.916  -20.443 -16.738 1.00 31.70 ? 40  GLY A N   1 
ATOM   302  C CA  . GLY A 1 40 ? -8.333  -19.545 -17.819 1.00 32.42 ? 40  GLY A CA  1 
ATOM   303  C C   . GLY A 1 40 ? -7.187  -18.839 -18.514 1.00 33.06 ? 40  GLY A C   1 
ATOM   304  O O   . GLY A 1 40 ? -6.028  -19.160 -18.286 1.00 33.37 ? 40  GLY A O   1 
ATOM   305  N N   . ARG A 1 41 ? -7.520  -17.879 -19.373 1.00 33.61 ? 41  ARG A N   1 
ATOM   306  C CA  . ARG A 1 41 ? -6.522  -17.149 -20.150 1.00 34.55 ? 41  ARG A CA  1 
ATOM   307  C C   . ARG A 1 41 ? -5.816  -16.113 -19.265 1.00 32.46 ? 41  ARG A C   1 
ATOM   308  O O   . ARG A 1 41 ? -6.360  -15.663 -18.256 1.00 31.81 ? 41  ARG A O   1 
ATOM   309  C CB  . ARG A 1 41 ? -7.154  -16.466 -21.374 1.00 34.76 ? 41  ARG A CB  1 
ATOM   310  C CG  . ARG A 1 41 ? -7.949  -17.409 -22.294 1.00 37.95 ? 41  ARG A CG  1 
ATOM   311  C CD  . ARG A 1 41 ? -8.288  -16.832 -23.662 1.00 39.00 ? 41  ARG A CD  1 
ATOM   312  N NE  . ARG A 1 41 ? -8.892  -17.860 -24.519 1.00 49.50 ? 41  ARG A NE  1 
ATOM   313  C CZ  . ARG A 1 41 ? -8.884  -17.852 -25.858 1.00 53.65 ? 41  ARG A CZ  1 
ATOM   314  N NH1 . ARG A 1 41 ? -8.292  -16.858 -26.532 1.00 55.94 ? 41  ARG A NH1 1 
ATOM   315  N NH2 . ARG A 1 41 ? -9.472  -18.846 -26.530 1.00 54.20 ? 41  ARG A NH2 1 
ATOM   316  N N   . TRP A 1 42 ? -4.580  -15.783 -19.632 1.00 31.62 ? 42  TRP A N   1 
ATOM   317  C CA  . TRP A 1 42 ? -3.863  -14.695 -18.992 1.00 30.02 ? 42  TRP A CA  1 
ATOM   318  C C   . TRP A 1 42 ? -3.093  -13.917 -20.047 1.00 29.42 ? 42  TRP A C   1 
ATOM   319  O O   . TRP A 1 42 ? -2.800  -14.475 -21.103 1.00 28.35 ? 42  TRP A O   1 
ATOM   320  C CB  . TRP A 1 42 ? -2.904  -15.213 -17.921 1.00 30.87 ? 42  TRP A CB  1 
ATOM   321  C CG  . TRP A 1 42 ? -1.829  -16.118 -18.432 1.00 32.66 ? 42  TRP A CG  1 
ATOM   322  C CD1 . TRP A 1 42 ? -1.898  -17.474 -18.513 1.00 33.96 ? 42  TRP A CD1 1 
ATOM   323  C CD2 . TRP A 1 42 ? -0.522  -15.754 -18.927 1.00 33.34 ? 42  TRP A CD2 1 
ATOM   324  N NE1 . TRP A 1 42 ? -0.724  -17.976 -19.020 1.00 35.67 ? 42  TRP A NE1 1 
ATOM   325  C CE2 . TRP A 1 42 ? 0.136   -16.946 -19.287 1.00 33.43 ? 42  TRP A CE2 1 
ATOM   326  C CE3 . TRP A 1 42 ? 0.162   -14.536 -19.101 1.00 34.37 ? 42  TRP A CE3 1 
ATOM   327  C CZ2 . TRP A 1 42 ? 1.445   -16.968 -19.812 1.00 33.67 ? 42  TRP A CZ2 1 
ATOM   328  C CZ3 . TRP A 1 42 ? 1.470   -14.555 -19.623 1.00 33.57 ? 42  TRP A CZ3 1 
ATOM   329  C CH2 . TRP A 1 42 ? 2.092   -15.762 -19.962 1.00 33.01 ? 42  TRP A CH2 1 
ATOM   330  N N   . LYS A 1 43 ? -2.795  -12.637 -19.758 1.00 27.99 ? 43  LYS A N   1 
ATOM   331  C CA  . LYS A 1 43 ? -1.854  -11.850 -20.565 1.00 27.64 ? 43  LYS A CA  1 
ATOM   332  C C   . LYS A 1 43 ? -0.741  -11.220 -19.709 1.00 25.90 ? 43  LYS A C   1 
ATOM   333  O O   . LYS A 1 43 ? -0.922  -11.008 -18.519 1.00 25.91 ? 43  LYS A O   1 
ATOM   334  C CB  . LYS A 1 43 ? -2.582  -10.783 -21.399 1.00 27.83 ? 43  LYS A CB  1 
ATOM   335  C CG  . LYS A 1 43 ? -3.281  -9.696  -20.603 1.00 29.24 ? 43  LYS A CG  1 
ATOM   336  C CD  . LYS A 1 43 ? -4.182  -8.851  -21.535 1.00 29.51 ? 43  LYS A CD  1 
ATOM   337  C CE  . LYS A 1 43 ? -4.980  -7.787  -20.743 1.00 34.71 ? 43  LYS A CE  1 
ATOM   338  N NZ  . LYS A 1 43 ? -6.254  -7.322  -21.417 1.00 33.34 ? 43  LYS A NZ  1 
ATOM   339  N N   . PRO A 1 44 ? 0.411   -10.947 -20.319 1.00 25.16 ? 44  PRO A N   1 
ATOM   340  C CA  . PRO A 1 44 ? 1.520   -10.340 -19.611 1.00 24.83 ? 44  PRO A CA  1 
ATOM   341  C C   . PRO A 1 44 ? 1.255   -8.852  -19.373 1.00 23.96 ? 44  PRO A C   1 
ATOM   342  O O   . PRO A 1 44 ? 0.583   -8.180  -20.194 1.00 23.86 ? 44  PRO A O   1 
ATOM   343  C CB  . PRO A 1 44 ? 2.717   -10.542 -20.555 1.00 25.61 ? 44  PRO A CB  1 
ATOM   344  C CG  . PRO A 1 44 ? 2.147   -10.804 -21.910 1.00 26.51 ? 44  PRO A CG  1 
ATOM   345  C CD  . PRO A 1 44 ? 0.716   -11.203 -21.739 1.00 25.42 ? 44  PRO A CD  1 
ATOM   346  N N   . LYS A 1 45 ? 1.758   -8.365  -18.245 1.00 23.09 ? 45  LYS A N   1 
ATOM   347  C CA  . LYS A 1 45 ? 1.570   -6.995  -17.819 1.00 23.23 ? 45  LYS A CA  1 
ATOM   348  C C   . LYS A 1 45 ? 2.814   -6.623  -17.039 1.00 22.92 ? 45  LYS A C   1 
ATOM   349  O O   . LYS A 1 45 ? 3.490   -7.492  -16.475 1.00 22.25 ? 45  LYS A O   1 
ATOM   350  C CB  . LYS A 1 45 ? 0.313   -6.905  -16.937 1.00 22.93 ? 45  LYS A CB  1 
ATOM   351  C CG  . LYS A 1 45 ? -0.167  -5.496  -16.550 1.00 23.72 ? 45  LYS A CG  1 
ATOM   352  C CD  . LYS A 1 45 ? -1.387  -5.677  -15.639 1.00 22.81 ? 45  LYS A CD  1 
ATOM   353  C CE  . LYS A 1 45 ? -1.759  -4.397  -14.886 1.00 27.85 ? 45  LYS A CE  1 
ATOM   354  N NZ  . LYS A 1 45 ? -2.037  -3.269  -15.779 1.00 27.82 ? 45  LYS A NZ  1 
ATOM   355  N N   . MET A 1 46 ? 3.139   -5.340  -17.048 1.00 22.67 ? 46  MET A N   1 
ATOM   356  C CA  . MET A 1 46 ? 4.218   -4.797  -16.230 1.00 23.03 ? 46  MET A CA  1 
ATOM   357  C C   . MET A 1 46 ? 3.583   -3.880  -15.207 1.00 23.34 ? 46  MET A C   1 
ATOM   358  O O   . MET A 1 46 ? 2.781   -3.018  -15.560 1.00 23.85 ? 46  MET A O   1 
ATOM   359  C CB  . MET A 1 46 ? 5.194   -3.995  -17.091 1.00 23.87 ? 46  MET A CB  1 
ATOM   360  C CG  . MET A 1 46 ? 6.073   -4.838  -17.977 1.00 26.29 ? 46  MET A CG  1 
ATOM   361  S SD  . MET A 1 46 ? 7.426   -5.551  -17.029 1.00 31.22 ? 46  MET A SD  1 
ATOM   362  C CE  . MET A 1 46 ? 8.539   -4.128  -16.854 1.00 35.13 ? 46  MET A CE  1 
ATOM   363  N N   . ILE A 1 47 ? 3.929   -4.048  -13.936 1.00 22.93 ? 47  ILE A N   1 
ATOM   364  C CA  . ILE A 1 47 ? 3.416   -3.158  -12.906 1.00 23.33 ? 47  ILE A CA  1 
ATOM   365  C C   . ILE A 1 47 ? 4.561   -2.535  -12.121 1.00 23.34 ? 47  ILE A C   1 
ATOM   366  O O   . ILE A 1 47 ? 5.593   -3.186  -11.925 1.00 23.53 ? 47  ILE A O   1 
ATOM   367  C CB  . ILE A 1 47 ? 2.383   -3.887  -11.988 1.00 23.45 ? 47  ILE A CB  1 
ATOM   368  C CG1 . ILE A 1 47 ? 3.037   -5.036  -11.195 1.00 22.43 ? 47  ILE A CG1 1 
ATOM   369  C CG2 . ILE A 1 47 ? 1.174   -4.333  -12.810 1.00 24.29 ? 47  ILE A CG2 1 
ATOM   370  C CD1 . ILE A 1 47 ? 2.109   -5.600  -10.059 1.00 23.75 ? 47  ILE A CD1 1 
ATOM   371  N N   . GLY A 1 48 ? 4.414   -1.252  -11.772 1.00 24.01 ? 48  GLY A N   1 
ATOM   372  C CA  . GLY A 1 48 ? 5.434   -0.516  -11.018 1.00 23.67 ? 48  GLY A CA  1 
ATOM   373  C C   . GLY A 1 48 ? 5.089   -0.379  -9.552  1.00 24.09 ? 48  GLY A C   1 
ATOM   374  O O   . GLY A 1 48 ? 3.927   -0.332  -9.188  1.00 25.30 ? 48  GLY A O   1 
ATOM   375  N N   . GLY A 1 49 ? 6.116   -0.347  -8.713  1.00 23.03 ? 49  GLY A N   1 
ATOM   376  C CA  . GLY A 1 49 ? 5.994   -0.015  -7.313  1.00 22.84 ? 49  GLY A CA  1 
ATOM   377  C C   . GLY A 1 49 ? 7.320   0.518   -6.802  1.00 22.68 ? 49  GLY A C   1 
ATOM   378  O O   . GLY A 1 49 ? 8.158   1.009   -7.581  1.00 22.06 ? 49  GLY A O   1 
ATOM   379  N N   . ILE A 1 50 ? 7.522   0.416   -5.493  1.00 22.12 ? 50  ILE A N   1 
ATOM   380  C CA  . ILE A 1 50 ? 8.799   0.753   -4.890  1.00 23.82 ? 50  ILE A CA  1 
ATOM   381  C C   . ILE A 1 50 ? 9.807   -0.258  -5.412  1.00 24.38 ? 50  ILE A C   1 
ATOM   382  O O   . ILE A 1 50 ? 9.571   -1.482  -5.353  1.00 25.07 ? 50  ILE A O   1 
ATOM   383  C CB  . ILE A 1 50 ? 8.688   0.675   -3.326  1.00 23.84 ? 50  ILE A CB  1 
ATOM   384  C CG1 . ILE A 1 50 ? 7.963   1.923   -2.778  1.00 24.97 ? 50  ILE A CG1 1 
ATOM   385  C CG2 . ILE A 1 50 ? 10.062  0.475   -2.638  1.00 23.48 ? 50  ILE A CG2 1 
ATOM   386  C CD1 . ILE A 1 50 ? 8.728   3.226   -2.986  1.00 27.24 ? 50  ILE A CD1 1 
ATOM   387  N N   . GLY A 1 51 ? 10.919  0.243   -5.920  1.00 24.15 ? 51  GLY A N   1 
ATOM   388  C CA  . GLY A 1 51 ? 11.952  -0.645  -6.442  1.00 24.26 ? 51  GLY A CA  1 
ATOM   389  C C   . GLY A 1 51 ? 11.892  -0.769  -7.949  1.00 24.64 ? 51  GLY A C   1 
ATOM   390  O O   . GLY A 1 51 ? 12.790  -1.379  -8.555  1.00 24.93 ? 51  GLY A O   1 
ATOM   391  N N   . GLY A 1 52 ? 10.841  -0.231  -8.561  1.00 23.61 ? 52  GLY A N   1 
ATOM   392  C CA  . GLY A 1 52 ? 10.663  -0.346  -10.014 1.00 23.06 ? 52  GLY A CA  1 
ATOM   393  C C   . GLY A 1 52 ? 9.579   -1.329  -10.460 1.00 23.18 ? 52  GLY A C   1 
ATOM   394  O O   . GLY A 1 52 ? 8.591   -1.549  -9.759  1.00 23.02 ? 52  GLY A O   1 
ATOM   395  N N   . PHE A 1 53 ? 9.787   -1.947  -11.618 1.00 23.02 ? 53  PHE A N   1 
ATOM   396  C CA  . PHE A 1 53 ? 8.728   -2.712  -12.271 1.00 22.00 ? 53  PHE A CA  1 
ATOM   397  C C   . PHE A 1 53 ? 8.967   -4.215  -12.203 1.00 21.95 ? 53  PHE A C   1 
ATOM   398  O O   . PHE A 1 53 ? 10.116  -4.662  -12.224 1.00 21.43 ? 53  PHE A O   1 
ATOM   399  C CB  . PHE A 1 53 ? 8.581   -2.288  -13.744 1.00 22.28 ? 53  PHE A CB  1 
ATOM   400  C CG  . PHE A 1 53 ? 7.823   -1.020  -13.928 1.00 22.33 ? 53  PHE A CG  1 
ATOM   401  C CD1 . PHE A 1 53 ? 8.440   0.210   -13.701 1.00 22.49 ? 53  PHE A CD1 1 
ATOM   402  C CD2 . PHE A 1 53 ? 6.504   -1.042  -14.312 1.00 24.61 ? 53  PHE A CD2 1 
ATOM   403  C CE1 . PHE A 1 53 ? 7.724   1.415   -13.856 1.00 22.15 ? 53  PHE A CE1 1 
ATOM   404  C CE2 . PHE A 1 53 ? 5.794   0.134   -14.460 1.00 22.79 ? 53  PHE A CE2 1 
ATOM   405  C CZ  . PHE A 1 53 ? 6.415   1.373   -14.239 1.00 22.27 ? 53  PHE A CZ  1 
ATOM   406  N N   . ILE A 1 54 ? 7.875   -4.988  -12.163 1.00 21.16 ? 54  ILE A N   1 
ATOM   407  C CA  . ILE A 1 54 ? 7.952   -6.447  -12.347 1.00 21.37 ? 54  ILE A CA  1 
ATOM   408  C C   . ILE A 1 54 ? 6.970   -6.902  -13.428 1.00 22.15 ? 54  ILE A C   1 
ATOM   409  O O   . ILE A 1 54 ? 5.940   -6.261  -13.662 1.00 22.14 ? 54  ILE A O   1 
ATOM   410  C CB  . ILE A 1 54 ? 7.691   -7.239  -11.004 1.00 21.20 ? 54  ILE A CB  1 
ATOM   411  C CG1 . ILE A 1 54 ? 6.349   -6.836  -10.364 1.00 20.17 ? 54  ILE A CG1 1 
ATOM   412  C CG2 . ILE A 1 54 ? 8.844   -7.046  -10.081 1.00 21.04 ? 54  ILE A CG2 1 
ATOM   413  C CD1 . ILE A 1 54 ? 5.810   -7.802  -9.234  1.00 21.36 ? 54  ILE A CD1 1 
ATOM   414  N N   . LYS A 1 55 ? 7.300   -8.025  -14.065 1.00 23.64 ? 55  LYS A N   1 
ATOM   415  C CA  . LYS A 1 55 ? 6.424   -8.636  -15.051 1.00 25.12 ? 55  LYS A CA  1 
ATOM   416  C C   . LYS A 1 55 ? 5.514   -9.631  -14.353 1.00 24.61 ? 55  LYS A C   1 
ATOM   417  O O   . LYS A 1 55 ? 5.963   -10.477 -13.551 1.00 24.00 ? 55  LYS A O   1 
ATOM   418  C CB  . LYS A 1 55 ? 7.213   -9.345  -16.145 1.00 25.28 ? 55  LYS A CB  1 
ATOM   419  C CG  . LYS A 1 55 ? 6.346   -9.734  -17.348 1.00 27.69 ? 55  LYS A CG  1 
ATOM   420  C CD  . LYS A 1 55 ? 7.130   -10.583 -18.371 1.00 29.04 ? 55  LYS A CD  1 
ATOM   421  C CE  . LYS A 1 55 ? 6.356   -10.667 -19.683 1.00 36.23 ? 55  LYS A CE  1 
ATOM   422  N NZ  . LYS A 1 55 ? 6.568   -11.946 -20.473 1.00 38.52 ? 55  LYS A NZ  1 
ATOM   423  N N   . VAL A 1 56 ? 4.230   -9.528  -14.650 1.00 23.36 ? 56  VAL A N   1 
ATOM   424  C CA  . VAL A 1 56 ? 3.243   -10.404 -14.030 1.00 23.36 ? 56  VAL A CA  1 
ATOM   425  C C   . VAL A 1 56 ? 2.332   -11.054 -15.074 1.00 23.13 ? 56  VAL A C   1 
ATOM   426  O O   . VAL A 1 56 ? 2.314   -10.654 -16.243 1.00 22.50 ? 56  VAL A O   1 
ATOM   427  C CB  . VAL A 1 56 ? 2.355   -9.642  -12.948 1.00 23.06 ? 56  VAL A CB  1 
ATOM   428  C CG1 . VAL A 1 56 ? 3.179   -9.116  -11.810 1.00 22.99 ? 56  VAL A CG1 1 
ATOM   429  C CG2 . VAL A 1 56 ? 1.521   -8.540  -13.572 1.00 23.98 ? 56  VAL A CG2 1 
ATOM   430  N N   . ARG A 1 57 ? 1.577   -12.061 -14.665 1.00 22.47 ? 57  ARG A N   1 
ATOM   431  C CA  . ARG A 1 57 ? 0.564   -12.618 -15.563 1.00 22.83 ? 57  ARG A CA  1 
ATOM   432  C C   . ARG A 1 57 ? -0.805  -12.123 -15.096 1.00 23.34 ? 57  ARG A C   1 
ATOM   433  O O   . ARG A 1 57 ? -1.123  -12.218 -13.901 1.00 22.09 ? 57  ARG A O   1 
ATOM   434  C CB  . ARG A 1 57 ? 0.587   -14.146 -15.550 1.00 22.57 ? 57  ARG A CB  1 
ATOM   435  C CG  . ARG A 1 57 ? 1.911   -14.789 -15.931 1.00 23.65 ? 57  ARG A CG  1 
ATOM   436  C CD  . ARG A 1 57 ? 1.793   -16.317 -16.201 1.00 23.53 ? 57  ARG A CD  1 
ATOM   437  N NE  . ARG A 1 57 ? 1.070   -17.022 -15.132 1.00 20.95 ? 57  ARG A NE  1 
ATOM   438  C CZ  . ARG A 1 57 ? 1.590   -17.356 -13.953 1.00 26.92 ? 57  ARG A CZ  1 
ATOM   439  N NH1 . ARG A 1 57 ? 2.838   -17.070 -13.662 1.00 25.32 ? 57  ARG A NH1 1 
ATOM   440  N NH2 . ARG A 1 57 ? 0.844   -17.993 -13.054 1.00 29.53 ? 57  ARG A NH2 1 
ATOM   441  N N   . GLN A 1 58 ? -1.610  -11.611 -16.027 1.00 22.49 ? 58  GLN A N   1 
ATOM   442  C CA  . GLN A 1 58 ? -2.912  -11.033 -15.685 1.00 23.30 ? 58  GLN A CA  1 
ATOM   443  C C   . GLN A 1 58 ? -4.065  -11.984 -15.967 1.00 22.93 ? 58  GLN A C   1 
ATOM   444  O O   . GLN A 1 58 ? -4.306  -12.333 -17.123 1.00 21.93 ? 58  GLN A O   1 
ATOM   445  C CB  . GLN A 1 58 ? -3.140  -9.718  -16.455 1.00 23.54 ? 58  GLN A CB  1 
ATOM   446  C CG  . GLN A 1 58 ? -4.521  -9.065  -16.197 1.00 24.27 ? 58  GLN A CG  1 
ATOM   447  C CD  . GLN A 1 58 ? -4.826  -7.880  -17.105 1.00 26.58 ? 58  GLN A CD  1 
ATOM   448  O OE1 . GLN A 1 58 ? -6.003  -7.582  -17.376 1.00 30.32 ? 58  GLN A OE1 1 
ATOM   449  N NE2 . GLN A 1 58 ? -3.784  -7.203  -17.572 1.00 26.34 ? 58  GLN A NE2 1 
ATOM   450  N N   . TYR A 1 59 ? -4.814  -12.327 -14.922 1.00 23.06 ? 59  TYR A N   1 
ATOM   451  C CA  . TYR A 1 59 ? -5.981  -13.219 -15.015 1.00 23.97 ? 59  TYR A CA  1 
ATOM   452  C C   . TYR A 1 59 ? -7.222  -12.402 -14.674 1.00 24.27 ? 59  TYR A C   1 
ATOM   453  O O   . TYR A 1 59 ? -7.309  -11.850 -13.580 1.00 24.23 ? 59  TYR A O   1 
ATOM   454  C CB  . TYR A 1 59 ? -5.861  -14.361 -13.984 1.00 23.64 ? 59  TYR A CB  1 
ATOM   455  C CG  . TYR A 1 59 ? -4.728  -15.331 -14.223 1.00 24.55 ? 59  TYR A CG  1 
ATOM   456  C CD1 . TYR A 1 59 ? -3.434  -15.077 -13.708 1.00 24.64 ? 59  TYR A CD1 1 
ATOM   457  C CD2 . TYR A 1 59 ? -4.949  -16.529 -14.925 1.00 25.07 ? 59  TYR A CD2 1 
ATOM   458  C CE1 . TYR A 1 59 ? -2.398  -15.969 -13.909 1.00 24.41 ? 59  TYR A CE1 1 
ATOM   459  C CE2 . TYR A 1 59 ? -3.908  -17.440 -15.151 1.00 25.54 ? 59  TYR A CE2 1 
ATOM   460  C CZ  . TYR A 1 59 ? -2.641  -17.158 -14.625 1.00 26.55 ? 59  TYR A CZ  1 
ATOM   461  O OH  . TYR A 1 59 ? -1.611  -18.035 -14.818 1.00 27.18 ? 59  TYR A OH  1 
ATOM   462  N N   . ASP A 1 60 ? -8.180  -12.314 -15.586 1.00 24.74 ? 60  ASP A N   1 
ATOM   463  C CA  . ASP A 1 60 ? -9.428  -11.613 -15.267 1.00 26.06 ? 60  ASP A CA  1 
ATOM   464  C C   . ASP A 1 60 ? -10.498 -12.543 -14.704 1.00 26.39 ? 60  ASP A C   1 
ATOM   465  O O   . ASP A 1 60 ? -10.441 -13.791 -14.860 1.00 25.73 ? 60  ASP A O   1 
ATOM   466  C CB  . ASP A 1 60 ? -9.953  -10.829 -16.488 1.00 26.18 ? 60  ASP A CB  1 
ATOM   467  C CG  . ASP A 1 60 ? -8.901  -9.874  -17.092 1.00 29.64 ? 60  ASP A CG  1 
ATOM   468  O OD1 . ASP A 1 60 ? -8.080  -9.268  -16.359 1.00 29.60 ? 60  ASP A OD1 1 
ATOM   469  O OD2 . ASP A 1 60 ? -8.842  -9.661  -18.316 1.00 33.17 ? 60  ASP A OD2 1 
ATOM   470  N N   . GLN A 1 61 ? -11.473 -11.936 -14.032 1.00 26.66 ? 61  GLN A N   1 
ATOM   471  C CA  . GLN A 1 61 ? -12.689 -12.620 -13.617 1.00 28.64 ? 61  GLN A CA  1 
ATOM   472  C C   . GLN A 1 61 ? -12.380 -13.766 -12.678 1.00 27.41 ? 61  GLN A C   1 
ATOM   473  O O   . GLN A 1 61 ? -12.966 -14.834 -12.794 1.00 28.70 ? 61  GLN A O   1 
ATOM   474  C CB  . GLN A 1 61 ? -13.502 -13.123 -14.830 1.00 28.17 ? 61  GLN A CB  1 
ATOM   475  C CG  . GLN A 1 61 ? -13.856 -12.038 -15.822 1.00 32.97 ? 61  GLN A CG  1 
ATOM   476  C CD  . GLN A 1 61 ? -14.814 -12.499 -16.918 1.00 33.50 ? 61  GLN A CD  1 
ATOM   477  O OE1 . GLN A 1 61 ? -14.628 -13.557 -17.542 1.00 40.79 ? 61  GLN A OE1 1 
ATOM   478  N NE2 . GLN A 1 61 ? -15.835 -11.694 -17.166 1.00 38.65 ? 61  GLN A NE2 1 
ATOM   479  N N   . ILE A 1 62 ? -11.474 -13.520 -11.739 1.00 26.30 ? 62  ILE A N   1 
ATOM   480  C CA  . ILE A 1 62 ? -11.066 -14.507 -10.751 1.00 26.13 ? 62  ILE A CA  1 
ATOM   481  C C   . ILE A 1 62 ? -11.821 -14.221 -9.469  1.00 26.00 ? 62  ILE A C   1 
ATOM   482  O O   . ILE A 1 62 ? -11.928 -13.089 -9.064  1.00 25.78 ? 62  ILE A O   1 
ATOM   483  C CB  . ILE A 1 62 ? -9.522  -14.460 -10.538 1.00 26.00 ? 62  ILE A CB  1 
ATOM   484  C CG1 . ILE A 1 62 ? -8.772  -14.781 -11.836 1.00 23.65 ? 62  ILE A CG1 1 
ATOM   485  C CG2 . ILE A 1 62 ? -9.069  -15.331 -9.352  1.00 24.67 ? 62  ILE A CG2 1 
ATOM   486  C CD1 . ILE A 1 62 ? -8.893  -16.244 -12.378 1.00 22.11 ? 62  ILE A CD1 1 
ATOM   487  N N   . LEU A 1 63 ? -12.373 -15.263 -8.873  1.00 27.05 ? 63  LEU A N   1 
ATOM   488  C CA  . LEU A 1 63 ? -13.055 -15.179 -7.598  1.00 29.16 ? 63  LEU A CA  1 
ATOM   489  C C   . LEU A 1 63 ? -12.093 -15.437 -6.429  1.00 29.45 ? 63  LEU A C   1 
ATOM   490  O O   . LEU A 1 63 ? -11.341 -16.414 -6.440  1.00 29.41 ? 63  LEU A O   1 
ATOM   491  C CB  . LEU A 1 63 ? -14.177 -16.207 -7.570  1.00 29.63 ? 63  LEU A CB  1 
ATOM   492  C CG  . LEU A 1 63 ? -15.111 -16.127 -6.365  1.00 32.34 ? 63  LEU A CG  1 
ATOM   493  C CD1 . LEU A 1 63 ? -15.781 -14.761 -6.323  1.00 34.50 ? 63  LEU A CD1 1 
ATOM   494  C CD2 . LEU A 1 63 ? -16.144 -17.238 -6.461  1.00 35.03 ? 63  LEU A CD2 1 
ATOM   495  N N   . ILE A 1 64 ? -12.142 -14.557 -5.434  1.00 30.73 ? 64  ILE A N   1 
ATOM   496  C CA  . ILE A 1 64 ? -11.343 -14.658 -4.215  1.00 32.08 ? 64  ILE A CA  1 
ATOM   497  C C   . ILE A 1 64 ? -12.272 -14.407 -3.029  1.00 32.81 ? 64  ILE A C   1 
ATOM   498  O O   . ILE A 1 64 ? -13.224 -13.617 -3.140  1.00 32.87 ? 64  ILE A O   1 
ATOM   499  C CB  . ILE A 1 64 ? -10.177 -13.635 -4.263  1.00 32.86 ? 64  ILE A CB  1 
ATOM   500  C CG1 . ILE A 1 64 ? -9.130  -13.894 -3.178  1.00 34.08 ? 64  ILE A CG1 1 
ATOM   501  C CG2 . ILE A 1 64 ? -10.677 -12.198 -4.147  1.00 34.23 ? 64  ILE A CG2 1 
ATOM   502  C CD1 . ILE A 1 64 ? -7.766  -13.259 -3.532  1.00 37.78 ? 64  ILE A CD1 1 
ATOM   503  N N   . GLU A 1 65 ? -12.020 -15.099 -1.924  1.00 32.95 ? 65  GLU A N   1 
ATOM   504  C CA  . GLU A 1 65 ? -12.684 -14.828 -0.657  1.00 34.83 ? 65  GLU A CA  1 
ATOM   505  C C   . GLU A 1 65 ? -11.659 -14.116 0.220   1.00 34.86 ? 65  GLU A C   1 
ATOM   506  O O   . GLU A 1 65 ? -10.521 -14.588 0.343   1.00 33.65 ? 65  GLU A O   1 
ATOM   507  C CB  . GLU A 1 65 ? -13.190 -16.126 -0.005  1.00 35.03 ? 65  GLU A CB  1 
ATOM   508  C CG  . GLU A 1 65 ? -13.842 -15.924 1.355   1.00 40.65 ? 65  GLU A CG  1 
ATOM   509  C CD  . GLU A 1 65 ? -12.982 -16.374 2.549   1.00 46.20 ? 65  GLU A CD  1 
ATOM   510  O OE1 . GLU A 1 65 ? -11.789 -15.969 2.686   1.00 47.47 ? 65  GLU A OE1 1 
ATOM   511  O OE2 . GLU A 1 65 ? -13.523 -17.124 3.400   1.00 48.36 ? 65  GLU A OE2 1 
ATOM   512  N N   . ILE A 1 66 ? -12.054 -12.956 0.764   1.00 35.56 ? 66  ILE A N   1 
ATOM   513  C CA  . ILE A 1 66 ? -11.203 -12.117 1.619   1.00 36.66 ? 66  ILE A CA  1 
ATOM   514  C C   . ILE A 1 66 ? -11.909 -11.989 2.961   1.00 38.05 ? 66  ILE A C   1 
ATOM   515  O O   . ILE A 1 66 ? -12.965 -11.359 3.036   1.00 38.02 ? 66  ILE A O   1 
ATOM   516  C CB  . ILE A 1 66 ? -10.989 -10.694 1.015   1.00 36.29 ? 66  ILE A CB  1 
ATOM   517  C CG1 . ILE A 1 66 ? -10.355 -10.767 -0.384  1.00 35.84 ? 66  ILE A CG1 1 
ATOM   518  C CG2 . ILE A 1 66 ? -10.121 -9.862  1.948   1.00 36.44 ? 66  ILE A CG2 1 
ATOM   519  C CD1 . ILE A 1 66 ? -10.573 -9.550  -1.271  1.00 36.16 ? 66  ILE A CD1 1 
ATOM   520  N N   . CYS A 1 67 ? -11.354 -12.597 4.011   1.00 39.81 ? 67  CYS A N   1 
ATOM   521  C CA  . CYS A 1 67 ? -12.029 -12.612 5.331   1.00 42.11 ? 67  CYS A CA  1 
ATOM   522  C C   . CYS A 1 67 ? -13.520 -12.912 5.216   1.00 42.09 ? 67  CYS A C   1 
ATOM   523  O O   . CYS A 1 67 ? -14.345 -12.123 5.683   1.00 42.60 ? 67  CYS A O   1 
ATOM   524  C CB  . CYS A 1 67 ? -11.911 -11.255 6.029   1.00 42.75 ? 67  CYS A CB  1 
ATOM   525  S SG  . CYS A 1 67 ? -10.334 -10.892 6.798   1.00 49.20 ? 67  CYS A SG  1 
ATOM   526  N N   . GLY A 1 68 ? -13.871 -14.023 4.573   1.00 42.14 ? 68  GLY A N   1 
ATOM   527  C CA  . GLY A 1 68 ? -15.272 -14.373 4.404   1.00 41.48 ? 68  GLY A CA  1 
ATOM   528  C C   . GLY A 1 68 ? -16.021 -13.646 3.300   1.00 41.24 ? 68  GLY A C   1 
ATOM   529  O O   . GLY A 1 68 ? -17.088 -14.090 2.904   1.00 41.49 ? 68  GLY A O   1 
ATOM   530  N N   . HIS A 1 69 ? -15.483 -12.537 2.790   1.00 40.70 ? 69  HIS A N   1 
ATOM   531  C CA  . HIS A 1 69 ? -16.172 -11.777 1.730   1.00 40.45 ? 69  HIS A CA  1 
ATOM   532  C C   . HIS A 1 69 ? -15.732 -12.180 0.312   1.00 39.67 ? 69  HIS A C   1 
ATOM   533  O O   . HIS A 1 69 ? -14.554 -12.070 -0.045  1.00 39.64 ? 69  HIS A O   1 
ATOM   534  C CB  . HIS A 1 69 ? -15.947 -10.270 1.876   1.00 40.71 ? 69  HIS A CB  1 
ATOM   535  C CG  . HIS A 1 69 ? -16.480 -9.671  3.139   1.00 42.65 ? 69  HIS A CG  1 
ATOM   536  N ND1 . HIS A 1 69 ? -15.908 -9.898  4.372   1.00 44.36 ? 69  HIS A ND1 1 
ATOM   537  C CD2 . HIS A 1 69 ? -17.495 -8.799  3.349   1.00 43.23 ? 69  HIS A CD2 1 
ATOM   538  C CE1 . HIS A 1 69 ? -16.562 -9.212  5.293   1.00 43.91 ? 69  HIS A CE1 1 
ATOM   539  N NE2 . HIS A 1 69 ? -17.529 -8.537  4.698   1.00 45.23 ? 69  HIS A NE2 1 
ATOM   540  N N   . LYS A 1 70 ? -16.692 -12.604 -0.497  1.00 38.73 ? 70  LYS A N   1 
ATOM   541  C CA  . LYS A 1 70 ? -16.455 -12.950 -1.902  1.00 38.16 ? 70  LYS A CA  1 
ATOM   542  C C   . LYS A 1 70 ? -16.211 -11.671 -2.745  1.00 36.49 ? 70  LYS A C   1 
ATOM   543  O O   . LYS A 1 70 ? -16.860 -10.639 -2.544  1.00 35.93 ? 70  LYS A O   1 
ATOM   544  C CB  . LYS A 1 70 ? -17.632 -13.805 -2.419  1.00 38.19 ? 70  LYS A CB  1 
ATOM   545  C CG  . LYS A 1 70 ? -17.802 -13.877 -3.919  1.00 40.80 ? 70  LYS A CG  1 
ATOM   546  C CD  . LYS A 1 70 ? -19.085 -14.608 -4.311  1.00 40.97 ? 70  LYS A CD  1 
ATOM   547  C CE  . LYS A 1 70 ? -19.573 -14.209 -5.714  1.00 43.86 ? 70  LYS A CE  1 
ATOM   548  N NZ  . LYS A 1 70 ? -21.012 -14.623 -5.915  1.00 46.26 ? 70  LYS A NZ  1 
ATOM   549  N N   . ALA A 1 71 ? -15.241 -11.735 -3.652  1.00 34.24 ? 71  ALA A N   1 
ATOM   550  C CA  . ALA A 1 71 ? -14.899 -10.620 -4.531  1.00 32.72 ? 71  ALA A CA  1 
ATOM   551  C C   . ALA A 1 71 ? -14.437 -11.238 -5.840  1.00 31.77 ? 71  ALA A C   1 
ATOM   552  O O   . ALA A 1 71 ? -13.775 -12.277 -5.821  1.00 31.99 ? 71  ALA A O   1 
ATOM   553  C CB  . ALA A 1 71 ? -13.788 -9.774  -3.936  1.00 32.62 ? 71  ALA A CB  1 
ATOM   554  N N   . ILE A 1 72 ? -14.825 -10.636 -6.959  1.00 29.06 ? 72  ILE A N   1 
ATOM   555  C CA  . ILE A 1 72 ? -14.343 -11.055 -8.270  1.00 27.83 ? 72  ILE A CA  1 
ATOM   556  C C   . ILE A 1 72 ? -13.632 -9.902  -8.960  1.00 25.76 ? 72  ILE A C   1 
ATOM   557  O O   . ILE A 1 72 ? -14.015 -8.767  -8.814  1.00 24.63 ? 72  ILE A O   1 
ATOM   558  C CB  . ILE A 1 72 ? -15.502 -11.687 -9.124  1.00 28.33 ? 72  ILE A CB  1 
ATOM   559  C CG1 . ILE A 1 72 ? -15.058 -12.073 -10.539 1.00 29.70 ? 72  ILE A CG1 1 
ATOM   560  C CG2 . ILE A 1 72 ? -16.701 -10.800 -9.196  1.00 30.70 ? 72  ILE A CG2 1 
ATOM   561  C CD1 . ILE A 1 72 ? -15.818 -13.344 -11.077 1.00 29.23 ? 72  ILE A CD1 1 
ATOM   562  N N   . GLY A 1 73 ? -12.569 -10.202 -9.697  1.00 24.63 ? 73  GLY A N   1 
ATOM   563  C CA  . GLY A 1 73 ? -11.813 -9.154  -10.367 1.00 23.94 ? 73  GLY A CA  1 
ATOM   564  C C   . GLY A 1 73 ? -10.526 -9.715  -10.908 1.00 23.39 ? 73  GLY A C   1 
ATOM   565  O O   . GLY A 1 73 ? -10.310 -10.938 -10.895 1.00 24.51 ? 73  GLY A O   1 
ATOM   566  N N   . THR A 1 74 ? -9.672  -8.810  -11.361 1.00 23.15 ? 74  THR A N   1 
ATOM   567  C CA  . THR A 1 74 ? -8.412  -9.168  -11.976 1.00 22.55 ? 74  THR A CA  1 
ATOM   568  C C   . THR A 1 74 ? -7.398  -9.512  -10.895 1.00 22.39 ? 74  THR A C   1 
ATOM   569  O O   . THR A 1 74 ? -7.282  -8.814  -9.897  1.00 20.56 ? 74  THR A O   1 
ATOM   570  C CB  . THR A 1 74 ? -7.945  -8.028  -12.839 1.00 22.41 ? 74  THR A CB  1 
ATOM   571  O OG1 . THR A 1 74 ? -8.811  -7.929  -13.989 1.00 23.89 ? 74  THR A OG1 1 
ATOM   572  C CG2 . THR A 1 74 ? -6.549  -8.298  -13.437 1.00 21.86 ? 74  THR A CG2 1 
ATOM   573  N N   . VAL A 1 75 ? -6.706  -10.640 -11.084 1.00 22.61 ? 75  VAL A N   1 
ATOM   574  C CA  . VAL A 1 75 ? -5.652  -11.023 -10.168 1.00 22.69 ? 75  VAL A CA  1 
ATOM   575  C C   . VAL A 1 75 ? -4.386  -11.179 -10.981 1.00 22.90 ? 75  VAL A C   1 
ATOM   576  O O   . VAL A 1 75 ? -4.367  -11.903 -11.961 1.00 23.34 ? 75  VAL A O   1 
ATOM   577  C CB  . VAL A 1 75 ? -6.000  -12.311 -9.409  1.00 23.78 ? 75  VAL A CB  1 
ATOM   578  C CG1 . VAL A 1 75 ? -4.782  -12.859 -8.642  1.00 23.58 ? 75  VAL A CG1 1 
ATOM   579  C CG2 . VAL A 1 75 ? -7.179  -12.052 -8.444  1.00 24.10 ? 75  VAL A CG2 1 
ATOM   580  N N   . LEU A 1 76 ? -3.341  -10.483 -10.549 1.00 22.14 ? 76  LEU A N   1 
ATOM   581  C CA  . LEU A 1 76 ? -2.021  -10.552 -11.174 1.00 21.92 ? 76  LEU A CA  1 
ATOM   582  C C   . LEU A 1 76 ? -1.145  -11.505 -10.362 1.00 21.78 ? 76  LEU A C   1 
ATOM   583  O O   . LEU A 1 76 ? -1.258  -11.568 -9.130  1.00 23.01 ? 76  LEU A O   1 
ATOM   584  C CB  . LEU A 1 76 ? -1.390  -9.152  -11.207 1.00 22.08 ? 76  LEU A CB  1 
ATOM   585  C CG  . LEU A 1 76 ? -2.240  -7.972  -11.724 1.00 20.61 ? 76  LEU A CG  1 
ATOM   586  C CD1 . LEU A 1 76 ? -1.415  -6.710  -11.675 1.00 19.92 ? 76  LEU A CD1 1 
ATOM   587  C CD2 . LEU A 1 76 ? -2.791  -8.250  -13.153 1.00 18.38 ? 76  LEU A CD2 1 
ATOM   588  N N   . VAL A 1 77 ? -0.260  -12.227 -11.053 1.00 22.10 ? 77  VAL A N   1 
ATOM   589  C CA  . VAL A 1 77 ? 0.576   -13.254 -10.422 1.00 20.83 ? 77  VAL A CA  1 
ATOM   590  C C   . VAL A 1 77 ? 1.996   -13.035 -10.898 1.00 21.10 ? 77  VAL A C   1 
ATOM   591  O O   . VAL A 1 77 ? 2.227   -12.860 -12.088 1.00 19.80 ? 77  VAL A O   1 
ATOM   592  C CB  . VAL A 1 77 ? 0.058   -14.669 -10.796 1.00 21.82 ? 77  VAL A CB  1 
ATOM   593  C CG1 . VAL A 1 77 ? 0.961   -15.754 -10.234 1.00 21.73 ? 77  VAL A CG1 1 
ATOM   594  C CG2 . VAL A 1 77 ? -1.378  -14.851 -10.316 1.00 22.33 ? 77  VAL A CG2 1 
ATOM   595  N N   . GLY A 1 78 ? 2.941   -12.957 -9.972  1.00 19.96 ? 78  GLY A N   1 
ATOM   596  C CA  . GLY A 1 78 ? 4.317   -12.723 -10.372 1.00 20.94 ? 78  GLY A CA  1 
ATOM   597  C C   . GLY A 1 78 ? 5.207   -12.655 -9.157  1.00 21.25 ? 78  GLY A C   1 
ATOM   598  O O   . GLY A 1 78 ? 4.763   -12.981 -8.053  1.00 21.19 ? 78  GLY A O   1 
ATOM   599  N N   . PRO A 1 79 ? 6.451   -12.209 -9.355  1.00 21.83 ? 79  PRO A N   1 
ATOM   600  C CA  . PRO A 1 79 ? 7.465   -12.231 -8.297  1.00 22.02 ? 79  PRO A CA  1 
ATOM   601  C C   . PRO A 1 79 ? 7.314   -11.102 -7.264  1.00 23.74 ? 79  PRO A C   1 
ATOM   602  O O   . PRO A 1 79 ? 8.296   -10.416 -6.948  1.00 24.67 ? 79  PRO A O   1 
ATOM   603  C CB  . PRO A 1 79 ? 8.774   -12.071 -9.062  1.00 22.99 ? 79  PRO A CB  1 
ATOM   604  C CG  . PRO A 1 79 ? 8.397   -11.336 -10.322 1.00 21.67 ? 79  PRO A CG  1 
ATOM   605  C CD  . PRO A 1 79 ? 6.964   -11.685 -10.640 1.00 21.20 ? 79  PRO A CD  1 
ATOM   606  N N   . THR A 1 80 ? 6.111   -10.927 -6.726  1.00 23.32 ? 80  THR A N   1 
ATOM   607  C CA  . THR A 1 80 ? 5.920   -9.998  -5.622  1.00 24.60 ? 80  THR A CA  1 
ATOM   608  C C   . THR A 1 80 ? 6.493   -10.646 -4.343  1.00 25.14 ? 80  THR A C   1 
ATOM   609  O O   . THR A 1 80 ? 6.426   -11.865 -4.186  1.00 25.18 ? 80  THR A O   1 
ATOM   610  C CB  . THR A 1 80 ? 4.424   -9.601  -5.477  1.00 24.17 ? 80  THR A CB  1 
ATOM   611  O OG1 . THR A 1 80 ? 4.249   -8.847  -4.283  1.00 26.03 ? 80  THR A OG1 1 
ATOM   612  C CG2 . THR A 1 80 ? 3.520   -10.844 -5.251  1.00 21.39 ? 80  THR A CG2 1 
ATOM   613  N N   . PRO A 1 81 ? 7.087   -9.861  -3.442  1.00 25.45 ? 81  PRO A N   1 
ATOM   614  C CA  . PRO A 1 81 ? 7.642   -10.446 -2.215  1.00 25.87 ? 81  PRO A CA  1 
ATOM   615  C C   . PRO A 1 81 ? 6.540   -10.855 -1.189  1.00 25.52 ? 81  PRO A C   1 
ATOM   616  O O   . PRO A 1 81 ? 6.827   -11.608 -0.273  1.00 25.92 ? 81  PRO A O   1 
ATOM   617  C CB  . PRO A 1 81 ? 8.548   -9.322  -1.676  1.00 25.39 ? 81  PRO A CB  1 
ATOM   618  C CG  . PRO A 1 81 ? 7.895   -8.098  -2.137  1.00 26.37 ? 81  PRO A CG  1 
ATOM   619  C CD  . PRO A 1 81 ? 7.326   -8.403  -3.525  1.00 25.95 ? 81  PRO A CD  1 
ATOM   620  N N   . VAL A 1 82 ? 5.301   -10.387 -1.379  1.00 24.62 ? 82  VAL A N   1 
ATOM   621  C CA  . VAL A 1 82 ? 4.178   -10.679 -0.474  1.00 24.42 ? 82  VAL A CA  1 
ATOM   622  C C   . VAL A 1 82 ? 2.874   -10.689 -1.275  1.00 23.85 ? 82  VAL A C   1 
ATOM   623  O O   . VAL A 1 82 ? 2.770   -10.000 -2.316  1.00 23.40 ? 82  VAL A O   1 
ATOM   624  C CB  . VAL A 1 82 ? 4.110   -9.637  0.720   1.00 24.99 ? 82  VAL A CB  1 
ATOM   625  C CG1 . VAL A 1 82 ? 3.898   -8.198  0.235   1.00 25.24 ? 82  VAL A CG1 1 
ATOM   626  C CG2 . VAL A 1 82 ? 3.051   -9.999  1.790   1.00 26.54 ? 82  VAL A CG2 1 
ATOM   627  N N   . ASN A 1 83 ? 1.890   -11.481 -0.840  1.00 22.29 ? 83  ASN A N   1 
ATOM   628  C CA  . ASN A 1 83 ? 0.560   -11.415 -1.467  1.00 21.57 ? 83  ASN A CA  1 
ATOM   629  C C   . ASN A 1 83 ? -0.095  -10.079 -1.139  1.00 21.43 ? 83  ASN A C   1 
ATOM   630  O O   . ASN A 1 83 ? -0.199  -9.714  0.031   1.00 20.39 ? 83  ASN A O   1 
ATOM   631  C CB  . ASN A 1 83 ? -0.341  -12.550 -0.985  1.00 21.59 ? 83  ASN A CB  1 
ATOM   632  C CG  . ASN A 1 83 ? 0.077   -13.940 -1.540  1.00 22.69 ? 83  ASN A CG  1 
ATOM   633  O OD1 . ASN A 1 83 ? 0.569   -14.084 -2.678  1.00 23.40 ? 83  ASN A OD1 1 
ATOM   634  N ND2 . ASN A 1 83 ? -0.167  -14.957 -0.740  1.00 23.30 ? 83  ASN A ND2 1 
ATOM   635  N N   . ILE A 1 84 ? -0.575  -9.387  -2.164  1.00 20.71 ? 84  ILE A N   1 
ATOM   636  C CA  . ILE A 1 84 ? -1.179  -8.078  -1.945  1.00 21.86 ? 84  ILE A CA  1 
ATOM   637  C C   . ILE A 1 84 ? -2.589  -8.027  -2.492  1.00 21.83 ? 84  ILE A C   1 
ATOM   638  O O   . ILE A 1 84 ? -2.808  -8.320  -3.672  1.00 21.78 ? 84  ILE A O   1 
ATOM   639  C CB  . ILE A 1 84 ? -0.289  -6.949  -2.569  1.00 20.93 ? 84  ILE A CB  1 
ATOM   640  C CG1 . ILE A 1 84 ? 1.003   -6.775  -1.740  1.00 20.06 ? 84  ILE A CG1 1 
ATOM   641  C CG2 . ILE A 1 84 ? -1.018  -5.599  -2.592  1.00 21.07 ? 84  ILE A CG2 1 
ATOM   642  C CD1 . ILE A 1 84 ? 2.094   -5.983  -2.429  1.00 23.82 ? 84  ILE A CD1 1 
ATOM   643  N N   . ILE A 1 85 ? -3.528  -7.664  -1.617  1.00 21.53 ? 85  ILE A N   1 
ATOM   644  C CA  . ILE A 1 85 ? -4.874  -7.314  -2.019  1.00 21.19 ? 85  ILE A CA  1 
ATOM   645  C C   . ILE A 1 85 ? -4.953  -5.806  -2.261  1.00 21.06 ? 85  ILE A C   1 
ATOM   646  O O   . ILE A 1 85 ? -4.746  -5.017  -1.326  1.00 19.77 ? 85  ILE A O   1 
ATOM   647  C CB  . ILE A 1 85 ? -5.928  -7.763  -0.982  1.00 21.01 ? 85  ILE A CB  1 
ATOM   648  C CG1 . ILE A 1 85 ? -5.808  -9.273  -0.643  1.00 22.43 ? 85  ILE A CG1 1 
ATOM   649  C CG2 . ILE A 1 85 ? -7.354  -7.400  -1.487  1.00 21.70 ? 85  ILE A CG2 1 
ATOM   650  C CD1 . ILE A 1 85 ? -5.721  -10.285 -1.857  1.00 22.81 ? 85  ILE A CD1 1 
ATOM   651  N N   . GLY A 1 86 ? -5.239  -5.414  -3.506  1.00 19.70 ? 86  GLY A N   1 
ATOM   652  C CA  . GLY A 1 86 ? -5.246  -4.012  -3.862  1.00 21.59 ? 86  GLY A CA  1 
ATOM   653  C C   . GLY A 1 86 ? -6.649  -3.468  -4.015  1.00 21.83 ? 86  GLY A C   1 
ATOM   654  O O   . GLY A 1 86 ? -7.611  -4.190  -3.775  1.00 21.15 ? 86  GLY A O   1 
ATOM   655  N N   . ARG A 1 87 ? -6.751  -2.205  -4.425  1.00 22.62 ? 87  ARG A N   1 
ATOM   656  C CA  . ARG A 1 87 ? -8.025  -1.479  -4.451  1.00 22.58 ? 87  ARG A CA  1 
ATOM   657  C C   . ARG A 1 87 ? -9.097  -2.134  -5.318  1.00 22.44 ? 87  ARG A C   1 
ATOM   658  O O   . ARG A 1 87 ? -10.294 -2.026  -4.986  1.00 23.45 ? 87  ARG A O   1 
ATOM   659  C CB  . ARG A 1 87 ? -7.836  -0.028  -4.912  1.00 22.04 ? 87  ARG A CB  1 
ATOM   660  C CG  . ARG A 1 87 ? -7.058  0.883   -3.899  1.00 21.21 ? 87  ARG A CG  1 
ATOM   661  C CD  . ARG A 1 87 ? -7.012  2.363   -4.304  1.00 20.90 ? 87  ARG A CD  1 
ATOM   662  N NE  . ARG A 1 87 ? -6.423  2.558   -5.630  1.00 19.39 ? 87  ARG A NE  1 
ATOM   663  C CZ  . ARG A 1 87 ? -7.105  2.745   -6.765  1.00 18.99 ? 87  ARG A CZ  1 
ATOM   664  N NH1 . ARG A 1 87 ? -8.439  2.740   -6.769  1.00 16.20 ? 87  ARG A NH1 1 
ATOM   665  N NH2 . ARG A 1 87 ? -6.436  2.900   -7.905  1.00 17.15 ? 87  ARG A NH2 1 
ATOM   666  N N   . ASN A 1 88 ? -8.698  -2.751  -6.435  1.00 22.83 ? 88  ASN A N   1 
ATOM   667  C CA  . ASN A 1 88 ? -9.662  -3.410  -7.357  1.00 22.71 ? 88  ASN A CA  1 
ATOM   668  C C   . ASN A 1 88 ? -10.569 -4.449  -6.657  1.00 23.00 ? 88  ASN A C   1 
ATOM   669  O O   . ASN A 1 88 ? -11.753 -4.593  -7.003  1.00 23.43 ? 88  ASN A O   1 
ATOM   670  C CB  . ASN A 1 88 ? -8.978  -3.987  -8.611  1.00 22.50 ? 88  ASN A CB  1 
ATOM   671  C CG  . ASN A 1 88 ? -8.337  -5.332  -8.368  1.00 22.39 ? 88  ASN A CG  1 
ATOM   672  O OD1 . ASN A 1 88 ? -7.498  -5.482  -7.476  1.00 22.66 ? 88  ASN A OD1 1 
ATOM   673  N ND2 . ASN A 1 88 ? -8.710  -6.325  -9.186  1.00 22.40 ? 88  ASN A ND2 1 
ATOM   674  N N   . LEU A 1 89 ? -10.013 -5.119  -5.646  1.00 22.69 ? 89  LEU A N   1 
ATOM   675  C CA  . LEU A 1 89 ? -10.776 -6.029  -4.785  1.00 22.97 ? 89  LEU A CA  1 
ATOM   676  C C   . LEU A 1 89 ? -11.202 -5.454  -3.445  1.00 22.35 ? 89  LEU A C   1 
ATOM   677  O O   . LEU A 1 89 ? -12.270 -5.808  -2.954  1.00 22.55 ? 89  LEU A O   1 
ATOM   678  C CB  . LEU A 1 89 ? -10.091 -7.396  -4.604  1.00 23.36 ? 89  LEU A CB  1 
ATOM   679  C CG  . LEU A 1 89 ? -9.726  -8.110  -5.918  1.00 23.78 ? 89  LEU A CG  1 
ATOM   680  C CD1 . LEU A 1 89 ? -8.948  -9.411  -5.652  1.00 22.01 ? 89  LEU A CD1 1 
ATOM   681  C CD2 . LEU A 1 89 ? -10.968 -8.360  -6.782  1.00 23.56 ? 89  LEU A CD2 1 
ATOM   682  N N   . LEU A 1 90 ? -10.386 -4.592  -2.835  1.00 22.87 ? 90  LEU A N   1 
ATOM   683  C CA  . LEU A 1 90 ? -10.841 -3.880  -1.606  1.00 21.17 ? 90  LEU A CA  1 
ATOM   684  C C   . LEU A 1 90 ? -12.153 -3.119  -1.753  1.00 21.21 ? 90  LEU A C   1 
ATOM   685  O O   . LEU A 1 90 ? -12.973 -3.124  -0.828  1.00 21.75 ? 90  LEU A O   1 
ATOM   686  C CB  . LEU A 1 90 ? -9.758  -2.939  -1.076  1.00 21.91 ? 90  LEU A CB  1 
ATOM   687  C CG  . LEU A 1 90 ? -8.440  -3.635  -0.652  1.00 22.81 ? 90  LEU A CG  1 
ATOM   688  C CD1 . LEU A 1 90 ? -7.327  -2.605  -0.403  1.00 24.08 ? 90  LEU A CD1 1 
ATOM   689  C CD2 . LEU A 1 90 ? -8.652  -4.537  0.576   1.00 22.21 ? 90  LEU A CD2 1 
ATOM   690  N N   . THR A 1 91 ? -12.388 -2.508  -2.916  1.00 20.82 ? 91  THR A N   1 
ATOM   691  C CA  . THR A 1 91 ? -13.669 -1.838  -3.144  1.00 21.17 ? 91  THR A CA  1 
ATOM   692  C C   . THR A 1 91 ? -14.842 -2.799  -3.082  1.00 21.49 ? 91  THR A C   1 
ATOM   693  O O   . THR A 1 91 ? -15.928 -2.417  -2.626  1.00 22.03 ? 91  THR A O   1 
ATOM   694  C CB  . THR A 1 91 ? -13.723 -1.151  -4.526  1.00 20.99 ? 91  THR A CB  1 
ATOM   695  O OG1 . THR A 1 91 ? -13.399 -2.087  -5.565  1.00 22.72 ? 91  THR A OG1 1 
ATOM   696  C CG2 . THR A 1 91 ? -12.657 -0.060  -4.642  1.00 22.03 ? 91  THR A CG2 1 
ATOM   697  N N   . GLN A 1 92 ? -14.630 -4.023  -3.582  1.00 20.95 ? 92  GLN A N   1 
ATOM   698  C CA  . GLN A 1 92 ? -15.724 -4.999  -3.713  1.00 21.49 ? 92  GLN A CA  1 
ATOM   699  C C   . GLN A 1 92 ? -16.237 -5.489  -2.372  1.00 21.82 ? 92  GLN A C   1 
ATOM   700  O O   . GLN A 1 92 ? -17.408 -5.872  -2.247  1.00 21.70 ? 92  GLN A O   1 
ATOM   701  C CB  . GLN A 1 92 ? -15.281 -6.177  -4.599  1.00 22.27 ? 92  GLN A CB  1 
ATOM   702  C CG  . GLN A 1 92 ? -14.826 -5.711  -6.003  1.00 21.32 ? 92  GLN A CG  1 
ATOM   703  C CD  . GLN A 1 92 ? -15.981 -5.065  -6.762  1.00 22.74 ? 92  GLN A CD  1 
ATOM   704  O OE1 . GLN A 1 92 ? -16.864 -5.765  -7.219  1.00 20.76 ? 92  GLN A OE1 1 
ATOM   705  N NE2 . GLN A 1 92 ? -15.966 -3.726  -6.894  1.00 22.67 ? 92  GLN A NE2 1 
ATOM   706  N N   . ILE A 1 93 ? -15.355 -5.490  -1.374  1.00 22.64 ? 93  ILE A N   1 
ATOM   707  C CA  . ILE A 1 93 ? -15.743 -5.920  -0.023  1.00 23.84 ? 93  ILE A CA  1 
ATOM   708  C C   . ILE A 1 93 ? -16.115 -4.698  0.821   1.00 24.51 ? 93  ILE A C   1 
ATOM   709  O O   . ILE A 1 93 ? -16.377 -4.814  2.020   1.00 24.19 ? 93  ILE A O   1 
ATOM   710  C CB  . ILE A 1 93 ? -14.629 -6.812  0.630   1.00 24.28 ? 93  ILE A CB  1 
ATOM   711  C CG1 . ILE A 1 93 ? -13.360 -5.994  0.889   1.00 25.14 ? 93  ILE A CG1 1 
ATOM   712  C CG2 . ILE A 1 93 ? -14.333 -8.047  -0.259  1.00 23.71 ? 93  ILE A CG2 1 
ATOM   713  C CD1 . ILE A 1 93 ? -12.299 -6.708  1.732   1.00 23.28 ? 93  ILE A CD1 1 
ATOM   714  N N   . GLY A 1 94 ? -16.148 -3.522  0.182   1.00 24.68 ? 94  GLY A N   1 
ATOM   715  C CA  . GLY A 1 94 ? -16.612 -2.296  0.863   1.00 25.84 ? 94  GLY A CA  1 
ATOM   716  C C   . GLY A 1 94 ? -15.613 -1.777  1.877   1.00 26.54 ? 94  GLY A C   1 
ATOM   717  O O   . GLY A 1 94 ? -15.976 -1.221  2.918   1.00 26.09 ? 94  GLY A O   1 
ATOM   718  N N   . CYS A 1 95 ? -14.340 -1.936  1.559   1.00 27.44 ? 95  CYS A N   1 
ATOM   719  C CA  . CYS A 1 95 ? -13.292 -1.519  2.464   1.00 27.29 ? 95  CYS A CA  1 
ATOM   720  C C   . CYS A 1 95 ? -13.024 -0.007  2.377   1.00 26.65 ? 95  CYS A C   1 
ATOM   721  O O   . CYS A 1 95 ? -12.909 0.566   1.277   1.00 25.76 ? 95  CYS A O   1 
ATOM   722  C CB  . CYS A 1 95 ? -12.038 -2.336  2.194   1.00 27.17 ? 95  CYS A CB  1 
ATOM   723  S SG  . CYS A 1 95 ? -10.685 -2.032  3.330   1.00 32.31 ? 95  CYS A SG  1 
ATOM   724  N N   . THR A 1 96 ? -12.958 0.631   3.542   1.00 25.72 ? 96  THR A N   1 
ATOM   725  C CA  . THR A 1 96 ? -12.676 2.073   3.628   1.00 25.16 ? 96  THR A CA  1 
ATOM   726  C C   . THR A 1 96 ? -11.581 2.364   4.641   1.00 25.69 ? 96  THR A C   1 
ATOM   727  O O   . THR A 1 96 ? -11.327 1.554   5.548   1.00 25.65 ? 96  THR A O   1 
ATOM   728  C CB  . THR A 1 96 ? -13.936 2.903   3.968   1.00 25.20 ? 96  THR A CB  1 
ATOM   729  O OG1 . THR A 1 96 ? -14.470 2.470   5.224   1.00 25.48 ? 96  THR A OG1 1 
ATOM   730  C CG2 . THR A 1 96 ? -15.078 2.687   2.946   1.00 25.22 ? 96  THR A CG2 1 
ATOM   731  N N   . LEU A 1 97 ? -10.931 3.516   4.447   1.00 25.41 ? 97  LEU A N   1 
ATOM   732  C CA  . LEU A 1 97 ? -9.991  4.122   5.403   1.00 25.62 ? 97  LEU A CA  1 
ATOM   733  C C   . LEU A 1 97 ? -10.746 5.158   6.187   1.00 25.98 ? 97  LEU A C   1 
ATOM   734  O O   . LEU A 1 97 ? -11.436 5.995   5.601   1.00 26.67 ? 97  LEU A O   1 
ATOM   735  C CB  . LEU A 1 97 ? -8.871  4.846   4.649   1.00 26.00 ? 97  LEU A CB  1 
ATOM   736  C CG  . LEU A 1 97 ? -7.803  3.932   4.088   1.00 25.99 ? 97  LEU A CG  1 
ATOM   737  C CD1 . LEU A 1 97 ? -7.008  4.626   2.967   1.00 26.24 ? 97  LEU A CD1 1 
ATOM   738  C CD2 . LEU A 1 97 ? -6.902  3.469   5.243   1.00 26.03 ? 97  LEU A CD2 1 
ATOM   739  N N   . ASN A 1 98 ? -10.591 5.127   7.506   1.00 26.52 ? 98  ASN A N   1 
ATOM   740  C CA  . ASN A 1 98 ? -11.278 6.060   8.369   1.00 27.35 ? 98  ASN A CA  1 
ATOM   741  C C   . ASN A 1 98 ? -10.378 6.672   9.420   1.00 27.37 ? 98  ASN A C   1 
ATOM   742  O O   . ASN A 1 98 ? -9.604  5.955   10.063  1.00 27.70 ? 98  ASN A O   1 
ATOM   743  C CB  . ASN A 1 98 ? -12.425 5.367   9.090   1.00 27.61 ? 98  ASN A CB  1 
ATOM   744  C CG  . ASN A 1 98 ? -13.448 4.773   8.141   1.00 28.78 ? 98  ASN A CG  1 
ATOM   745  O OD1 . ASN A 1 98 ? -13.262 3.671   7.609   1.00 30.93 ? 98  ASN A OD1 1 
ATOM   746  N ND2 . ASN A 1 98 ? -14.558 5.462   7.980   1.00 29.27 ? 98  ASN A ND2 1 
ATOM   747  N N   . PHE A 1 99 ? -10.523 7.985   9.610   1.00 27.75 ? 99  PHE A N   1 
ATOM   748  C CA  . PHE A 1 99 ? -9.799  8.753   10.637  1.00 29.23 ? 99  PHE A CA  1 
ATOM   749  C C   . PHE A 1 99 ? -10.507 10.083  10.937  1.00 30.57 ? 99  PHE A C   1 
ATOM   750  O O   . PHE A 1 99 ? -10.071 10.852  11.812  1.00 31.34 ? 99  PHE A O   1 
ATOM   751  C CB  . PHE A 1 99 ? -8.307  8.971   10.288  1.00 28.89 ? 99  PHE A CB  1 
ATOM   752  C CG  . PHE A 1 99 ? -8.048  9.779   9.021   1.00 29.02 ? 99  PHE A CG  1 
ATOM   753  C CD1 . PHE A 1 99 ? -8.011  9.154   7.766   1.00 28.65 ? 99  PHE A CD1 1 
ATOM   754  C CD2 . PHE A 1 99 ? -7.765  11.145  9.089   1.00 29.34 ? 99  PHE A CD2 1 
ATOM   755  C CE1 . PHE A 1 99 ? -7.746  9.884   6.598   1.00 29.65 ? 99  PHE A CE1 1 
ATOM   756  C CE2 . PHE A 1 99 ? -7.486  11.882  7.927   1.00 30.07 ? 99  PHE A CE2 1 
ATOM   757  C CZ  . PHE A 1 99 ? -7.490  11.252  6.674   1.00 29.53 ? 99  PHE A CZ  1 
ATOM   758  O OXT . PHE A 1 99 ? -11.530 10.420  10.309  1.00 30.93 ? 99  PHE A OXT 1 
ATOM   759  N N   . PRO B 1 1  ? -12.456 11.846  8.162   1.00 33.38 ? 1   PRO B N   1 
ATOM   760  C CA  . PRO B 1 1  ? -13.161 11.461  6.943   1.00 32.59 ? 1   PRO B CA  1 
ATOM   761  C C   . PRO B 1 1  ? -13.211 9.933   6.722   1.00 32.45 ? 1   PRO B C   1 
ATOM   762  O O   . PRO B 1 1  ? -12.521 9.170   7.430   1.00 32.03 ? 1   PRO B O   1 
ATOM   763  C CB  . PRO B 1 1  ? -12.343 12.141  5.839   1.00 32.71 ? 1   PRO B CB  1 
ATOM   764  C CG  . PRO B 1 1  ? -11.003 12.389  6.402   1.00 33.51 ? 1   PRO B CG  1 
ATOM   765  C CD  . PRO B 1 1  ? -11.049 12.188  7.896   1.00 33.14 ? 1   PRO B CD  1 
ATOM   766  N N   . GLN B 1 2  ? -14.059 9.501   5.787   1.00 31.82 ? 2   GLN B N   1 
ATOM   767  C CA  . GLN B 1 2  ? -14.116 8.088   5.359   1.00 31.77 ? 2   GLN B CA  1 
ATOM   768  C C   . GLN B 1 2  ? -13.756 8.052   3.879   1.00 30.91 ? 2   GLN B C   1 
ATOM   769  O O   . GLN B 1 2  ? -14.455 8.658   3.053   1.00 31.16 ? 2   GLN B O   1 
ATOM   770  C CB  . GLN B 1 2  ? -15.497 7.480   5.575   1.00 31.97 ? 2   GLN B CB  1 
ATOM   771  C CG  . GLN B 1 2  ? -15.684 6.118   4.896   1.00 32.19 ? 2   GLN B CG  1 
ATOM   772  C CD  . GLN B 1 2  ? -16.869 5.321   5.446   1.00 33.65 ? 2   GLN B CD  1 
ATOM   773  O OE1 . GLN B 1 2  ? -16.826 4.825   6.577   1.00 34.67 ? 2   GLN B OE1 1 
ATOM   774  N NE2 . GLN B 1 2  ? -17.922 5.186   4.638   1.00 35.81 ? 2   GLN B NE2 1 
ATOM   775  N N   . ILE B 1 3  ? -12.663 7.361   3.555   1.00 29.21 ? 3   ILE B N   1 
ATOM   776  C CA  . ILE B 1 3  ? -12.130 7.347   2.186   1.00 27.25 ? 3   ILE B CA  1 
ATOM   777  C C   . ILE B 1 3  ? -12.426 5.975   1.565   1.00 25.91 ? 3   ILE B C   1 
ATOM   778  O O   . ILE B 1 3  ? -12.012 4.943   2.081   1.00 25.79 ? 3   ILE B O   1 
ATOM   779  C CB  . ILE B 1 3  ? -10.614 7.702   2.182   1.00 26.90 ? 3   ILE B CB  1 
ATOM   780  C CG1 . ILE B 1 3  ? -10.401 9.102   2.780   1.00 27.16 ? 3   ILE B CG1 1 
ATOM   781  C CG2 . ILE B 1 3  ? -10.008 7.610   0.776   1.00 27.01 ? 3   ILE B CG2 1 
ATOM   782  C CD1 . ILE B 1 3  ? -8.958  9.474   3.027   1.00 27.99 ? 3   ILE B CD1 1 
ATOM   783  N N   . THR B 1 4  ? -13.227 5.975   0.505   1.00 24.80 ? 4   THR B N   1 
ATOM   784  C CA  . THR B 1 4  ? -13.433 4.766   -0.283  1.00 23.85 ? 4   THR B CA  1 
ATOM   785  C C   . THR B 1 4  ? -12.265 4.623   -1.269  1.00 23.81 ? 4   THR B C   1 
ATOM   786  O O   . THR B 1 4  ? -11.457 5.539   -1.417  1.00 22.72 ? 4   THR B O   1 
ATOM   787  C CB  . THR B 1 4  ? -14.782 4.801   -1.047  1.00 23.69 ? 4   THR B CB  1 
ATOM   788  O OG1 . THR B 1 4  ? -14.835 5.966   -1.877  1.00 23.37 ? 4   THR B OG1 1 
ATOM   789  C CG2 . THR B 1 4  ? -15.964 4.927   -0.080  1.00 24.16 ? 4   THR B CG2 1 
ATOM   790  N N   . LEU B 1 5  ? -12.173 3.456   -1.920  1.00 22.30 ? 5   LEU B N   1 
ATOM   791  C CA  . LEU B 1 5  ? -10.972 3.076   -2.647  1.00 21.95 ? 5   LEU B CA  1 
ATOM   792  C C   . LEU B 1 5  ? -11.185 2.936   -4.162  1.00 21.60 ? 5   LEU B C   1 
ATOM   793  O O   . LEU B 1 5  ? -10.372 2.300   -4.872  1.00 21.33 ? 5   LEU B O   1 
ATOM   794  C CB  . LEU B 1 5  ? -10.372 1.806   -2.011  1.00 21.39 ? 5   LEU B CB  1 
ATOM   795  C CG  . LEU B 1 5  ? -9.983  2.038   -0.525  1.00 22.75 ? 5   LEU B CG  1 
ATOM   796  C CD1 . LEU B 1 5  ? -9.621  0.727   0.138   1.00 24.25 ? 5   LEU B CD1 1 
ATOM   797  C CD2 . LEU B 1 5  ? -8.815  3.031   -0.422  1.00 22.91 ? 5   LEU B CD2 1 
ATOM   798  N N   . TRP B 1 6  ? -12.252 3.558   -4.669  1.00 20.87 ? 6   TRP B N   1 
ATOM   799  C CA  . TRP B 1 6  ? -12.525 3.513   -6.103  1.00 20.72 ? 6   TRP B CA  1 
ATOM   800  C C   . TRP B 1 6  ? -11.458 4.269   -6.882  1.00 21.40 ? 6   TRP B C   1 
ATOM   801  O O   . TRP B 1 6  ? -11.171 3.914   -8.019  1.00 21.96 ? 6   TRP B O   1 
ATOM   802  C CB  . TRP B 1 6  ? -13.953 4.006   -6.433  1.00 20.43 ? 6   TRP B CB  1 
ATOM   803  C CG  . TRP B 1 6  ? -14.997 3.241   -5.653  1.00 19.96 ? 6   TRP B CG  1 
ATOM   804  C CD1 . TRP B 1 6  ? -15.617 3.633   -4.485  1.00 22.39 ? 6   TRP B CD1 1 
ATOM   805  C CD2 . TRP B 1 6  ? -15.527 1.934   -5.959  1.00 19.12 ? 6   TRP B CD2 1 
ATOM   806  N NE1 . TRP B 1 6  ? -16.486 2.652   -4.054  1.00 21.72 ? 6   TRP B NE1 1 
ATOM   807  C CE2 . TRP B 1 6  ? -16.463 1.604   -4.939  1.00 21.56 ? 6   TRP B CE2 1 
ATOM   808  C CE3 . TRP B 1 6  ? -15.312 1.007   -6.995  1.00 19.74 ? 6   TRP B CE3 1 
ATOM   809  C CZ2 . TRP B 1 6  ? -17.178 0.378   -4.920  1.00 21.65 ? 6   TRP B CZ2 1 
ATOM   810  C CZ3 . TRP B 1 6  ? -16.027 -0.219  -6.979  1.00 21.21 ? 6   TRP B CZ3 1 
ATOM   811  C CH2 . TRP B 1 6  ? -16.950 -0.514  -5.941  1.00 20.42 ? 6   TRP B CH2 1 
ATOM   812  N N   . LYS B 1 7  ? -10.891 5.299   -6.252  1.00 21.21 ? 7   LYS B N   1 
ATOM   813  C CA  . LYS B 1 7  ? -9.783  6.075   -6.792  1.00 22.08 ? 7   LYS B CA  1 
ATOM   814  C C   . LYS B 1 7  ? -8.569  5.923   -5.872  1.00 21.20 ? 7   LYS B C   1 
ATOM   815  O O   . LYS B 1 7  ? -8.705  5.493   -4.721  1.00 19.30 ? 7   LYS B O   1 
ATOM   816  C CB  . LYS B 1 7  ? -10.214 7.536   -6.919  1.00 22.89 ? 7   LYS B CB  1 
ATOM   817  C CG  . LYS B 1 7  ? -11.324 7.718   -7.967  1.00 24.99 ? 7   LYS B CG  1 
ATOM   818  C CD  . LYS B 1 7  ? -11.714 9.190   -8.145  1.00 26.65 ? 7   LYS B CD  1 
ATOM   819  C CE  . LYS B 1 7  ? -12.627 9.395   -9.368  1.00 32.36 ? 7   LYS B CE  1 
ATOM   820  N NZ  . LYS B 1 7  ? -12.579 10.819  -9.839  1.00 38.09 ? 7   LYS B NZ  1 
ATOM   821  N N   . ARG B 1 8  ? -7.371  6.252   -6.361  1.00 21.38 ? 8   ARG B N   1 
ATOM   822  C CA  . ARG B 1 8  ? -6.235  6.278   -5.440  1.00 21.67 ? 8   ARG B CA  1 
ATOM   823  C C   . ARG B 1 8  ? -6.515  7.172   -4.224  1.00 22.03 ? 8   ARG B C   1 
ATOM   824  O O   . ARG B 1 8  ? -7.035  8.254   -4.381  1.00 22.77 ? 8   ARG B O   1 
ATOM   825  C CB  . ARG B 1 8  ? -4.980  6.778   -6.138  1.00 21.70 ? 8   ARG B CB  1 
ATOM   826  C CG  . ARG B 1 8  ? -4.424  5.769   -7.113  1.00 22.36 ? 8   ARG B CG  1 
ATOM   827  C CD  . ARG B 1 8  ? -3.230  6.273   -7.879  1.00 25.96 ? 8   ARG B CD  1 
ATOM   828  N NE  . ARG B 1 8  ? -2.679  5.252   -8.764  1.00 26.35 ? 8   ARG B NE  1 
ATOM   829  C CZ  . ARG B 1 8  ? -1.802  5.517   -9.740  1.00 27.25 ? 8   ARG B CZ  1 
ATOM   830  N NH1 . ARG B 1 8  ? -1.421  6.759   -9.969  1.00 27.78 ? 8   ARG B NH1 1 
ATOM   831  N NH2 . ARG B 1 8  ? -1.327  4.550   -10.505 1.00 25.94 ? 8   ARG B NH2 1 
ATOM   832  N N   . PRO B 1 9  ? -6.220  6.701   -3.008  1.00 22.01 ? 9   PRO B N   1 
ATOM   833  C CA  . PRO B 1 9  ? -6.447  7.507   -1.811  1.00 22.71 ? 9   PRO B CA  1 
ATOM   834  C C   . PRO B 1 9  ? -5.346  8.586   -1.637  1.00 23.01 ? 9   PRO B C   1 
ATOM   835  O O   . PRO B 1 9  ? -4.502  8.504   -0.747  1.00 22.34 ? 9   PRO B O   1 
ATOM   836  C CB  . PRO B 1 9  ? -6.461  6.462   -0.686  1.00 22.29 ? 9   PRO B CB  1 
ATOM   837  C CG  . PRO B 1 9  ? -5.599  5.363   -1.195  1.00 21.79 ? 9   PRO B CG  1 
ATOM   838  C CD  . PRO B 1 9  ? -5.812  5.321   -2.673  1.00 21.99 ? 9   PRO B CD  1 
ATOM   839  N N   . LEU B 1 10 ? -5.383  9.582   -2.510  1.00 23.03 ? 10  LEU B N   1 
ATOM   840  C CA  . LEU B 1 10 ? -4.428  10.681  -2.507  1.00 24.82 ? 10  LEU B CA  1 
ATOM   841  C C   . LEU B 1 10 ? -4.963  11.853  -1.687  1.00 25.43 ? 10  LEU B C   1 
ATOM   842  O O   . LEU B 1 10 ? -6.054  12.360  -1.982  1.00 26.59 ? 10  LEU B O   1 
ATOM   843  C CB  . LEU B 1 10 ? -4.153  11.140  -3.949  1.00 25.24 ? 10  LEU B CB  1 
ATOM   844  C CG  . LEU B 1 10 ? -3.501  10.118  -4.876  1.00 24.76 ? 10  LEU B CG  1 
ATOM   845  C CD1 . LEU B 1 10 ? -3.723  10.491  -6.312  1.00 25.92 ? 10  LEU B CD1 1 
ATOM   846  C CD2 . LEU B 1 10 ? -2.011  9.980   -4.578  1.00 26.46 ? 10  LEU B CD2 1 
ATOM   847  N N   . VAL B 1 11 ? -4.192  12.291  -0.684  1.00 24.55 ? 11  VAL B N   1 
ATOM   848  C CA  . VAL B 1 11 ? -4.549  13.447  0.134   1.00 23.62 ? 11  VAL B CA  1 
ATOM   849  C C   . VAL B 1 11 ? -3.495  14.541  0.019   1.00 24.07 ? 11  VAL B C   1 
ATOM   850  O O   . VAL B 1 11 ? -2.391  14.315  -0.504  1.00 23.76 ? 11  VAL B O   1 
ATOM   851  C CB  . VAL B 1 11 ? -4.782  13.063  1.612   1.00 24.04 ? 11  VAL B CB  1 
ATOM   852  C CG1 . VAL B 1 11 ? -5.902  11.999  1.728   1.00 23.99 ? 11  VAL B CG1 1 
ATOM   853  C CG2 . VAL B 1 11 ? -3.457  12.593  2.282   1.00 21.59 ? 11  VAL B CG2 1 
ATOM   854  N N   . THR B 1 12 ? -3.825  15.727  0.523   1.00 23.93 ? 12  THR B N   1 
ATOM   855  C CA  . THR B 1 12 ? -2.836  16.772  0.670   1.00 23.05 ? 12  THR B CA  1 
ATOM   856  C C   . THR B 1 12 ? -2.090  16.595  1.995   1.00 22.47 ? 12  THR B C   1 
ATOM   857  O O   . THR B 1 12 ? -2.692  16.354  3.071   1.00 22.77 ? 12  THR B O   1 
ATOM   858  C CB  . THR B 1 12 ? -3.496  18.152  0.603   1.00 23.83 ? 12  THR B CB  1 
ATOM   859  O OG1 . THR B 1 12 ? -4.052  18.334  -0.700  1.00 25.01 ? 12  THR B OG1 1 
ATOM   860  C CG2 . THR B 1 12 ? -2.434  19.216  0.644   1.00 24.41 ? 12  THR B CG2 1 
ATOM   861  N N   . ILE B 1 13 ? -0.775  16.725  1.926   1.00 21.31 ? 13  ILE B N   1 
ATOM   862  C CA  . ILE B 1 13 ? 0.011   16.802  3.164   1.00 21.26 ? 13  ILE B CA  1 
ATOM   863  C C   . ILE B 1 13 ? 0.709   18.165  3.243   1.00 21.19 ? 13  ILE B C   1 
ATOM   864  O O   . ILE B 1 13 ? 0.810   18.864  2.247   1.00 21.06 ? 13  ILE B O   1 
ATOM   865  C CB  . ILE B 1 13 ? 1.033   15.633  3.262   1.00 21.20 ? 13  ILE B CB  1 
ATOM   866  C CG1 . ILE B 1 13 ? 2.149   15.754  2.191   1.00 21.93 ? 13  ILE B CG1 1 
ATOM   867  C CG2 . ILE B 1 13 ? 0.313   14.303  3.238   1.00 18.71 ? 13  ILE B CG2 1 
ATOM   868  C CD1 . ILE B 1 13 ? 3.403   14.837  2.399   1.00 21.71 ? 13  ILE B CD1 1 
ATOM   869  N N   . LYS B 1 14 ? 1.242   18.502  4.401   1.00 20.62 ? 14  LYS B N   1 
ATOM   870  C CA  . LYS B 1 14 ? 2.045   19.701  4.525   1.00 21.68 ? 14  LYS B CA  1 
ATOM   871  C C   . LYS B 1 14 ? 3.336   19.389  5.262   1.00 22.16 ? 14  LYS B C   1 
ATOM   872  O O   . LYS B 1 14 ? 3.320   18.863  6.386   1.00 21.66 ? 14  LYS B O   1 
ATOM   873  C CB  . LYS B 1 14 ? 1.275   20.830  5.213   1.00 21.24 ? 14  LYS B CB  1 
ATOM   874  C CG  . LYS B 1 14 ? 2.129   22.101  5.415   1.00 24.64 ? 14  LYS B CG  1 
ATOM   875  C CD  . LYS B 1 14 ? 1.297   23.358  5.619   1.00 25.63 ? 14  LYS B CD  1 
ATOM   876  C CE  . LYS B 1 14 ? 0.692   23.394  7.012   1.00 28.64 ? 14  LYS B CE  1 
ATOM   877  N NZ  . LYS B 1 14 ? 0.090   24.733  7.359   1.00 29.33 ? 14  LYS B NZ  1 
ATOM   878  N N   . ILE B 1 15 ? 4.452   19.724  4.628   1.00 21.62 ? 15  ILE B N   1 
ATOM   879  C CA  . ILE B 1 15 ? 5.744   19.450  5.243   1.00 23.62 ? 15  ILE B CA  1 
ATOM   880  C C   . ILE B 1 15 ? 6.678   20.605  4.903   1.00 24.59 ? 15  ILE B C   1 
ATOM   881  O O   . ILE B 1 15 ? 6.779   21.015  3.726   1.00 24.82 ? 15  ILE B O   1 
ATOM   882  C CB  . ILE B 1 15 ? 6.274   18.010  4.809   1.00 23.18 ? 15  ILE B CB  1 
ATOM   883  C CG1 . ILE B 1 15 ? 7.567   17.633  5.542   1.00 23.48 ? 15  ILE B CG1 1 
ATOM   884  C CG2 . ILE B 1 15 ? 6.371   17.852  3.272   1.00 24.82 ? 15  ILE B CG2 1 
ATOM   885  C CD1 . ILE B 1 15 ? 7.786   16.114  5.595   1.00 24.96 ? 15  ILE B CD1 1 
ATOM   886  N N   . GLY B 1 16 ? 7.314   21.157  5.931   1.00 25.42 ? 16  GLY B N   1 
ATOM   887  C CA  . GLY B 1 16 ? 8.158   22.358  5.776   1.00 27.49 ? 16  GLY B CA  1 
ATOM   888  C C   . GLY B 1 16 ? 7.414   23.548  5.180   1.00 27.78 ? 16  GLY B C   1 
ATOM   889  O O   . GLY B 1 16 ? 7.966   24.297  4.365   1.00 28.56 ? 16  GLY B O   1 
ATOM   890  N N   . GLY B 1 17 ? 6.151   23.714  5.559   1.00 27.77 ? 17  GLY B N   1 
ATOM   891  C CA  . GLY B 1 17 ? 5.309   24.756  4.972   1.00 28.04 ? 17  GLY B CA  1 
ATOM   892  C C   . GLY B 1 17 ? 4.909   24.566  3.507   1.00 27.93 ? 17  GLY B C   1 
ATOM   893  O O   . GLY B 1 17 ? 4.331   25.471  2.900   1.00 28.03 ? 17  GLY B O   1 
ATOM   894  N N   . GLN B 1 18 ? 5.219   23.402  2.938   1.00 27.93 ? 18  GLN B N   1 
ATOM   895  C CA  . GLN B 1 18 ? 4.890   23.097  1.545   1.00 29.09 ? 18  GLN B CA  1 
ATOM   896  C C   . GLN B 1 18 ? 3.807   22.041  1.434   1.00 27.59 ? 18  GLN B C   1 
ATOM   897  O O   . GLN B 1 18 ? 3.843   21.020  2.107   1.00 27.12 ? 18  GLN B O   1 
ATOM   898  C CB  . GLN B 1 18 ? 6.138   22.624  0.790   1.00 30.33 ? 18  GLN B CB  1 
ATOM   899  C CG  . GLN B 1 18 ? 7.265   23.618  0.884   1.00 36.10 ? 18  GLN B CG  1 
ATOM   900  C CD  . GLN B 1 18 ? 8.595   23.109  0.364   1.00 43.47 ? 18  GLN B CD  1 
ATOM   901  O OE1 . GLN B 1 18 ? 8.762   21.916  0.063   1.00 46.77 ? 18  GLN B OE1 1 
ATOM   902  N NE2 . GLN B 1 18 ? 9.565   24.027  0.266   1.00 46.14 ? 18  GLN B NE2 1 
ATOM   903  N N   . LEU B 1 19 ? 2.835   22.319  0.580   1.00 26.92 ? 19  LEU B N   1 
ATOM   904  C CA  . LEU B 1 19 ? 1.767   21.394  0.268   1.00 26.63 ? 19  LEU B CA  1 
ATOM   905  C C   . LEU B 1 19 ? 2.245   20.389  -0.778  1.00 26.56 ? 19  LEU B C   1 
ATOM   906  O O   . LEU B 1 19 ? 2.873   20.774  -1.773  1.00 27.18 ? 19  LEU B O   1 
ATOM   907  C CB  . LEU B 1 19 ? 0.569   22.162  -0.269  1.00 26.58 ? 19  LEU B CB  1 
ATOM   908  C CG  . LEU B 1 19 ? -0.688  22.394  0.565   1.00 29.17 ? 19  LEU B CG  1 
ATOM   909  C CD1 . LEU B 1 19 ? -0.466  22.574  2.094   1.00 26.19 ? 19  LEU B CD1 1 
ATOM   910  C CD2 . LEU B 1 19 ? -1.515  23.524  -0.059  1.00 27.22 ? 19  LEU B CD2 1 
ATOM   911  N N   . LYS B 1 20 ? 1.920   19.120  -0.553  1.00 25.64 ? 20  LYS B N   1 
ATOM   912  C CA  . LYS B 1 20 ? 2.248   18.019  -1.466  1.00 25.67 ? 20  LYS B CA  1 
ATOM   913  C C   . LYS B 1 20 ? 1.099   17.030  -1.480  1.00 25.84 ? 20  LYS B C   1 
ATOM   914  O O   . LYS B 1 20 ? 0.276   17.026  -0.554  1.00 25.07 ? 20  LYS B O   1 
ATOM   915  C CB  . LYS B 1 20 ? 3.526   17.291  -1.009  1.00 25.73 ? 20  LYS B CB  1 
ATOM   916  C CG  . LYS B 1 20 ? 4.778   18.149  -1.061  1.00 26.96 ? 20  LYS B CG  1 
ATOM   917  C CD  . LYS B 1 20 ? 5.931   17.492  -0.339  1.00 30.72 ? 20  LYS B CD  1 
ATOM   918  C CE  . LYS B 1 20 ? 7.164   18.358  -0.501  1.00 34.43 ? 20  LYS B CE  1 
ATOM   919  N NZ  . LYS B 1 20 ? 8.342   17.486  -0.619  1.00 40.27 ? 20  LYS B NZ  1 
ATOM   920  N N   . GLU B 1 21 ? 1.029   16.194  -2.518  1.00 25.21 ? 21  GLU B N   1 
ATOM   921  C CA  . GLU B 1 21 ? 0.041   15.091  -2.564  1.00 26.32 ? 21  GLU B CA  1 
ATOM   922  C C   . GLU B 1 21 ? 0.730   13.831  -2.117  1.00 23.82 ? 21  GLU B C   1 
ATOM   923  O O   . GLU B 1 21 ? 1.885   13.617  -2.453  1.00 24.24 ? 21  GLU B O   1 
ATOM   924  C CB  . GLU B 1 21 ? -0.457  14.816  -3.989  1.00 25.80 ? 21  GLU B CB  1 
ATOM   925  C CG  . GLU B 1 21 ? -1.676  15.600  -4.437  1.00 31.94 ? 21  GLU B CG  1 
ATOM   926  C CD  . GLU B 1 21 ? -2.150  15.156  -5.817  1.00 32.33 ? 21  GLU B CD  1 
ATOM   927  O OE1 . GLU B 1 21 ? -2.478  13.956  -5.985  1.00 38.78 ? 21  GLU B OE1 1 
ATOM   928  O OE2 . GLU B 1 21 ? -2.161  15.998  -6.743  1.00 41.46 ? 21  GLU B OE2 1 
ATOM   929  N N   . ALA B 1 22 ? 0.013   12.985  -1.395  1.00 22.33 ? 22  ALA B N   1 
ATOM   930  C CA  . ALA B 1 22 ? 0.582   11.731  -0.896  1.00 21.41 ? 22  ALA B CA  1 
ATOM   931  C C   . ALA B 1 22 ? -0.484  10.631  -0.888  1.00 20.66 ? 22  ALA B C   1 
ATOM   932  O O   . ALA B 1 22 ? -1.680  10.913  -0.729  1.00 20.89 ? 22  ALA B O   1 
ATOM   933  C CB  . ALA B 1 22 ? 1.183   11.924  0.498   1.00 20.56 ? 22  ALA B CB  1 
ATOM   934  N N   . LEU B 1 23 ? -0.030  9.395   -1.087  1.00 20.07 ? 23  LEU B N   1 
ATOM   935  C CA  . LEU B 1 23 ? -0.881  8.210   -1.177  1.00 18.78 ? 23  LEU B CA  1 
ATOM   936  C C   . LEU B 1 23 ? -0.989  7.575   0.218   1.00 18.62 ? 23  LEU B C   1 
ATOM   937  O O   . LEU B 1 23 ? 0.036   7.249   0.813   1.00 19.16 ? 23  LEU B O   1 
ATOM   938  C CB  . LEU B 1 23 ? -0.220  7.230   -2.150  1.00 19.90 ? 23  LEU B CB  1 
ATOM   939  C CG  . LEU B 1 23 ? -0.971  5.938   -2.494  1.00 19.20 ? 23  LEU B CG  1 
ATOM   940  C CD1 . LEU B 1 23 ? -2.229  6.273   -3.280  1.00 24.90 ? 23  LEU B CD1 1 
ATOM   941  C CD2 . LEU B 1 23 ? -0.043  5.001   -3.279  1.00 19.31 ? 23  LEU B CD2 1 
ATOM   942  N N   . LEU B 1 24 ? -2.203  7.399   0.746   1.00 18.43 ? 24  LEU B N   1 
ATOM   943  C CA  . LEU B 1 24 ? -2.377  6.642   2.010   1.00 19.60 ? 24  LEU B CA  1 
ATOM   944  C C   . LEU B 1 24 ? -2.278  5.137   1.726   1.00 19.52 ? 24  LEU B C   1 
ATOM   945  O O   . LEU B 1 24 ? -3.139  4.565   1.059   1.00 19.61 ? 24  LEU B O   1 
ATOM   946  C CB  . LEU B 1 24 ? -3.750  6.930   2.649   1.00 19.41 ? 24  LEU B CB  1 
ATOM   947  C CG  . LEU B 1 24 ? -4.092  8.402   2.854   1.00 21.21 ? 24  LEU B CG  1 
ATOM   948  C CD1 . LEU B 1 24 ? -5.428  8.452   3.547   1.00 20.48 ? 24  LEU B CD1 1 
ATOM   949  C CD2 . LEU B 1 24 ? -2.972  9.103   3.669   1.00 18.28 ? 24  LEU B CD2 1 
ATOM   950  N N   . ASP B 1 25 ? -1.232  4.513   2.258   1.00 19.61 ? 25  ASP B N   1 
ATOM   951  C CA  . ASP B 1 25 ? -0.829  3.178   1.822   1.00 19.22 ? 25  ASP B CA  1 
ATOM   952  C C   . ASP B 1 25 ? -0.716  2.273   3.028   1.00 19.11 ? 25  ASP B C   1 
ATOM   953  O O   . ASP B 1 25 ? 0.288   2.310   3.717   1.00 18.48 ? 25  ASP B O   1 
ATOM   954  C CB  . ASP B 1 25 ? 0.520   3.259   1.078   1.00 19.81 ? 25  ASP B CB  1 
ATOM   955  C CG  . ASP B 1 25 ? 0.913   1.921   0.416   1.00 21.88 ? 25  ASP B CG  1 
ATOM   956  O OD1 . ASP B 1 25 ? 0.785   0.893   1.058   1.00 21.64 ? 25  ASP B OD1 1 
ATOM   957  O OD2 . ASP B 1 25 ? 1.371   1.793   -0.750  1.00 24.50 ? 25  ASP B OD2 1 
ATOM   958  N N   . THR B 1 26 ? -1.745  1.450   3.284   1.00 20.12 ? 26  THR B N   1 
ATOM   959  C CA  . THR B 1 26 ? -1.726  0.554   4.463   1.00 20.26 ? 26  THR B CA  1 
ATOM   960  C C   . THR B 1 26 ? -0.770  -0.632  4.270   1.00 20.77 ? 26  THR B C   1 
ATOM   961  O O   . THR B 1 26 ? -0.458  -1.348  5.220   1.00 21.48 ? 26  THR B O   1 
ATOM   962  C CB  . THR B 1 26 ? -3.131  0.044   4.806   1.00 19.67 ? 26  THR B CB  1 
ATOM   963  O OG1 . THR B 1 26 ? -3.715  -0.560  3.627   1.00 18.90 ? 26  THR B OG1 1 
ATOM   964  C CG2 . THR B 1 26 ? -4.083  1.218   5.179   1.00 21.44 ? 26  THR B CG2 1 
ATOM   965  N N   . GLY B 1 27 ? -0.296  -0.848  3.049   1.00 21.64 ? 27  GLY B N   1 
ATOM   966  C CA  . GLY B 1 27 ? 0.697   -1.898  2.838   1.00 21.76 ? 27  GLY B CA  1 
ATOM   967  C C   . GLY B 1 27 ? 2.137   -1.458  3.080   1.00 22.02 ? 27  GLY B C   1 
ATOM   968  O O   . GLY B 1 27 ? 3.064   -2.241  2.924   1.00 23.68 ? 27  GLY B O   1 
ATOM   969  N N   . ALA B 1 28 ? 2.340   -0.193  3.440   1.00 22.30 ? 28  ALA B N   1 
ATOM   970  C CA  . ALA B 1 28 ? 3.681   0.367   3.678   1.00 21.53 ? 28  ALA B CA  1 
ATOM   971  C C   . ALA B 1 28 ? 3.939   0.434   5.175   1.00 21.39 ? 28  ALA B C   1 
ATOM   972  O O   . ALA B 1 28 ? 3.137   1.023   5.899   1.00 20.14 ? 28  ALA B O   1 
ATOM   973  C CB  . ALA B 1 28 ? 3.767   1.770   3.098   1.00 21.81 ? 28  ALA B CB  1 
ATOM   974  N N   . ASP B 1 29 ? 5.062   -0.112  5.652   1.00 20.06 ? 29  ASP B N   1 
ATOM   975  C CA  . ASP B 1 29 ? 5.423   0.068   7.092   1.00 21.03 ? 29  ASP B CA  1 
ATOM   976  C C   . ASP B 1 29 ? 5.756   1.522   7.392   1.00 20.93 ? 29  ASP B C   1 
ATOM   977  O O   . ASP B 1 29 ? 5.419   2.069   8.464   1.00 21.27 ? 29  ASP B O   1 
ATOM   978  C CB  . ASP B 1 29 ? 6.655   -0.750  7.457   1.00 20.71 ? 29  ASP B CB  1 
ATOM   979  C CG  . ASP B 1 29 ? 6.480   -2.233  7.253   1.00 22.96 ? 29  ASP B CG  1 
ATOM   980  O OD1 . ASP B 1 29 ? 5.339   -2.777  7.221   1.00 23.92 ? 29  ASP B OD1 1 
ATOM   981  O OD2 . ASP B 1 29 ? 7.494   -2.955  7.155   1.00 25.60 ? 29  ASP B OD2 1 
ATOM   982  N N   . ASP B 1 30 ? 6.416   2.147   6.399   1.00 21.12 ? 30  ASP B N   1 
ATOM   983  C CA  . ASP B 1 30 ? 7.090   3.411   6.564   1.00 21.75 ? 30  ASP B CA  1 
ATOM   984  C C   . ASP B 1 30 ? 6.497   4.432   5.584   1.00 21.65 ? 30  ASP B C   1 
ATOM   985  O O   . ASP B 1 30 ? 5.778   4.075   4.618   1.00 22.89 ? 30  ASP B O   1 
ATOM   986  C CB  . ASP B 1 30 ? 8.594   3.247   6.246   1.00 22.00 ? 30  ASP B CB  1 
ATOM   987  C CG  . ASP B 1 30 ? 9.237   2.058   6.964   1.00 25.60 ? 30  ASP B CG  1 
ATOM   988  O OD1 . ASP B 1 30 ? 9.122   1.943   8.204   1.00 24.67 ? 30  ASP B OD1 1 
ATOM   989  O OD2 . ASP B 1 30 ? 9.878   1.187   6.355   1.00 30.08 ? 30  ASP B OD2 1 
ATOM   990  N N   . THR B 1 31 ? 6.854   5.686   5.811   1.00 21.38 ? 31  THR B N   1 
ATOM   991  C CA  . THR B 1 31 ? 6.445   6.809   5.004   1.00 21.32 ? 31  THR B CA  1 
ATOM   992  C C   . THR B 1 31 ? 7.631   7.188   4.125   1.00 21.35 ? 31  THR B C   1 
ATOM   993  O O   . THR B 1 31 ? 8.718   7.416   4.618   1.00 21.31 ? 31  THR B O   1 
ATOM   994  C CB  . THR B 1 31 ? 6.045   7.944   5.961   1.00 21.72 ? 31  THR B CB  1 
ATOM   995  O OG1 . THR B 1 31 ? 4.783   7.611   6.568   1.00 22.45 ? 31  THR B OG1 1 
ATOM   996  C CG2 . THR B 1 31 ? 5.834   9.294   5.242   1.00 21.69 ? 31  THR B CG2 1 
ATOM   997  N N   . VAL B 1 32 ? 7.399   7.290   2.827   1.00 21.31 ? 32  VAL B N   1 
ATOM   998  C CA  . VAL B 1 32 ? 8.487   7.475   1.871   1.00 21.75 ? 32  VAL B CA  1 
ATOM   999  C C   . VAL B 1 32 ? 8.120   8.627   0.991   1.00 22.06 ? 32  VAL B C   1 
ATOM   1000 O O   . VAL B 1 32 ? 7.112   8.565   0.298   1.00 21.30 ? 32  VAL B O   1 
ATOM   1001 C CB  . VAL B 1 32 ? 8.718   6.227   0.939   1.00 22.77 ? 32  VAL B CB  1 
ATOM   1002 C CG1 . VAL B 1 32 ? 10.062  6.371   0.176   1.00 23.83 ? 32  VAL B CG1 1 
ATOM   1003 C CG2 . VAL B 1 32 ? 8.643   4.941   1.716   1.00 24.07 ? 32  VAL B CG2 1 
ATOM   1004 N N   . LEU B 1 33 ? 8.941   9.680   1.014   1.00 22.05 ? 33  LEU B N   1 
ATOM   1005 C CA  . LEU B 1 33 ? 8.644   10.853  0.196   1.00 23.01 ? 33  LEU B CA  1 
ATOM   1006 C C   . LEU B 1 33 ? 9.685   11.036  -0.889  1.00 23.62 ? 33  LEU B C   1 
ATOM   1007 O O   . LEU B 1 33 ? 10.850  10.656  -0.706  1.00 23.04 ? 33  LEU B O   1 
ATOM   1008 C CB  . LEU B 1 33 ? 8.545   12.112  1.078   1.00 24.05 ? 33  LEU B CB  1 
ATOM   1009 C CG  . LEU B 1 33 ? 7.537   12.087  2.248   1.00 23.44 ? 33  LEU B CG  1 
ATOM   1010 C CD1 . LEU B 1 33 ? 7.410   13.512  2.777   1.00 27.39 ? 33  LEU B CD1 1 
ATOM   1011 C CD2 . LEU B 1 33 ? 6.163   11.563  1.839   1.00 26.34 ? 33  LEU B CD2 1 
ATOM   1012 N N   . GLU B 1 34 ? 9.264   11.616  -2.011  1.00 24.57 ? 34  GLU B N   1 
ATOM   1013 C CA  . GLU B 1 34 ? 10.178  11.981  -3.084  1.00 26.44 ? 34  GLU B CA  1 
ATOM   1014 C C   . GLU B 1 34 ? 11.226  12.977  -2.605  1.00 26.13 ? 34  GLU B C   1 
ATOM   1015 O O   . GLU B 1 34 ? 11.034  13.691  -1.616  1.00 27.18 ? 34  GLU B O   1 
ATOM   1016 C CB  . GLU B 1 34 ? 9.400   12.616  -4.230  1.00 26.29 ? 34  GLU B CB  1 
ATOM   1017 C CG  . GLU B 1 34 ? 8.340   11.715  -4.828  1.00 32.83 ? 34  GLU B CG  1 
ATOM   1018 C CD  . GLU B 1 34 ? 7.671   12.386  -6.000  1.00 39.70 ? 34  GLU B CD  1 
ATOM   1019 O OE1 . GLU B 1 34 ? 6.930   13.373  -5.768  1.00 44.07 ? 34  GLU B OE1 1 
ATOM   1020 O OE2 . GLU B 1 34 ? 7.917   11.944  -7.141  1.00 41.62 ? 34  GLU B OE2 1 
ATOM   1021 N N   . GLU B 1 35 ? 12.325  13.019  -3.338  1.00 26.75 ? 35  GLU B N   1 
ATOM   1022 C CA  . GLU B 1 35 ? 13.436  13.892  -3.055  1.00 26.91 ? 35  GLU B CA  1 
ATOM   1023 C C   . GLU B 1 35 ? 13.036  15.329  -2.684  1.00 27.35 ? 35  GLU B C   1 
ATOM   1024 O O   . GLU B 1 35 ? 12.303  16.018  -3.421  1.00 25.32 ? 35  GLU B O   1 
ATOM   1025 C CB  . GLU B 1 35 ? 14.404  13.877  -4.248  1.00 27.95 ? 35  GLU B CB  1 
ATOM   1026 C CG  . GLU B 1 35 ? 15.669  14.665  -4.008  1.00 31.09 ? 35  GLU B CG  1 
ATOM   1027 C CD  . GLU B 1 35 ? 16.485  14.100  -2.856  1.00 34.48 ? 35  GLU B CD  1 
ATOM   1028 O OE1 . GLU B 1 35 ? 16.543  12.851  -2.716  1.00 36.61 ? 35  GLU B OE1 1 
ATOM   1029 O OE2 . GLU B 1 35 ? 17.079  14.913  -2.104  1.00 38.58 ? 35  GLU B OE2 1 
ATOM   1030 N N   . MET B 1 36 ? 13.540  15.751  -1.527  1.00 27.71 ? 36  MET B N   1 
ATOM   1031 C CA  . MET B 1 36 ? 13.291  17.063  -0.930  1.00 29.42 ? 36  MET B CA  1 
ATOM   1032 C C   . MET B 1 36 ? 14.298  17.266  0.200   1.00 29.70 ? 36  MET B C   1 
ATOM   1033 O O   . MET B 1 36 ? 14.955  16.323  0.640   1.00 29.35 ? 36  MET B O   1 
ATOM   1034 C CB  . MET B 1 36 ? 11.861  17.130  -0.368  1.00 29.49 ? 36  MET B CB  1 
ATOM   1035 C CG  . MET B 1 36 ? 11.619  16.148  0.767   1.00 29.89 ? 36  MET B CG  1 
ATOM   1036 S SD  . MET B 1 36 ? 10.061  16.395  1.631   1.00 32.06 ? 36  MET B SD  1 
ATOM   1037 C CE  . MET B 1 36 ? 10.236  18.129  2.116   1.00 33.23 ? 36  MET B CE  1 
ATOM   1038 N N   . SER B 1 37 ? 14.412  18.499  0.686   1.00 30.50 ? 37  SER B N   1 
ATOM   1039 C CA  . SER B 1 37 ? 15.318  18.762  1.783   1.00 31.14 ? 37  SER B CA  1 
ATOM   1040 C C   . SER B 1 37 ? 14.579  18.738  3.096   1.00 30.04 ? 37  SER B C   1 
ATOM   1041 O O   . SER B 1 37 ? 13.495  19.331  3.245   1.00 30.36 ? 37  SER B O   1 
ATOM   1042 C CB  . SER B 1 37 ? 15.980  20.113  1.611   1.00 31.61 ? 37  SER B CB  1 
ATOM   1043 O OG  . SER B 1 37 ? 16.782  20.073  0.449   1.00 35.58 ? 37  SER B OG  1 
ATOM   1044 N N   . LEU B 1 38 ? 15.187  18.082  4.064   1.00 29.17 ? 38  LEU B N   1 
ATOM   1045 C CA  . LEU B 1 38 ? 14.644  18.097  5.408   1.00 28.36 ? 38  LEU B CA  1 
ATOM   1046 C C   . LEU B 1 38 ? 15.721  18.527  6.402   1.00 29.05 ? 38  LEU B C   1 
ATOM   1047 O O   . LEU B 1 38 ? 16.911  18.450  6.111   1.00 29.47 ? 38  LEU B O   1 
ATOM   1048 C CB  . LEU B 1 38 ? 14.011  16.753  5.763   1.00 27.72 ? 38  LEU B CB  1 
ATOM   1049 C CG  . LEU B 1 38 ? 12.744  16.384  4.977   1.00 26.03 ? 38  LEU B CG  1 
ATOM   1050 C CD1 . LEU B 1 38 ? 12.423  14.911  5.169   1.00 26.52 ? 38  LEU B CD1 1 
ATOM   1051 C CD2 . LEU B 1 38 ? 11.556  17.247  5.403   1.00 25.22 ? 38  LEU B CD2 1 
ATOM   1052 N N   . PRO B 1 39 ? 15.299  19.064  7.538   1.00 28.85 ? 39  PRO B N   1 
ATOM   1053 C CA  . PRO B 1 39 ? 16.248  19.522  8.547   1.00 28.86 ? 39  PRO B CA  1 
ATOM   1054 C C   . PRO B 1 39 ? 16.917  18.378  9.330   1.00 28.66 ? 39  PRO B C   1 
ATOM   1055 O O   . PRO B 1 39 ? 16.361  17.279  9.446   1.00 28.71 ? 39  PRO B O   1 
ATOM   1056 C CB  . PRO B 1 39 ? 15.385  20.422  9.445   1.00 29.27 ? 39  PRO B CB  1 
ATOM   1057 C CG  . PRO B 1 39 ? 13.990  19.814  9.335   1.00 29.68 ? 39  PRO B CG  1 
ATOM   1058 C CD  . PRO B 1 39 ? 13.894  19.341  7.914   1.00 28.93 ? 39  PRO B CD  1 
ATOM   1059 N N   . GLY B 1 40 ? 18.129  18.620  9.833   1.00 28.16 ? 40  GLY B N   1 
ATOM   1060 C CA  . GLY B 1 40 ? 18.743  17.666  10.754  1.00 27.66 ? 40  GLY B CA  1 
ATOM   1061 C C   . GLY B 1 40 ? 19.557  16.629  10.039  1.00 26.97 ? 40  GLY B C   1 
ATOM   1062 O O   . GLY B 1 40 ? 19.800  16.739  8.832   1.00 27.24 ? 40  GLY B O   1 
ATOM   1063 N N   . ARG B 1 41 ? 20.026  15.633  10.773  1.00 26.36 ? 41  ARG B N   1 
ATOM   1064 C CA  . ARG B 1 41 ? 20.831  14.596  10.145  1.00 24.15 ? 41  ARG B CA  1 
ATOM   1065 C C   . ARG B 1 41 ? 19.930  13.467  9.666   1.00 24.68 ? 41  ARG B C   1 
ATOM   1066 O O   . ARG B 1 41 ? 18.790  13.324  10.136  1.00 25.11 ? 41  ARG B O   1 
ATOM   1067 C CB  . ARG B 1 41 ? 21.850  14.041  11.135  1.00 24.39 ? 41  ARG B CB  1 
ATOM   1068 C CG  . ARG B 1 41 ? 22.946  15.021  11.525  1.00 23.36 ? 41  ARG B CG  1 
ATOM   1069 C CD  . ARG B 1 41 ? 23.883  14.493  12.629  1.00 22.62 ? 41  ARG B CD  1 
ATOM   1070 N NE  . ARG B 1 41 ? 24.558  13.242  12.255  1.00 21.82 ? 41  ARG B NE  1 
ATOM   1071 C CZ  . ARG B 1 41 ? 25.620  13.162  11.464  1.00 21.17 ? 41  ARG B CZ  1 
ATOM   1072 N NH1 . ARG B 1 41 ? 26.122  14.258  10.883  1.00 18.94 ? 41  ARG B NH1 1 
ATOM   1073 N NH2 . ARG B 1 41 ? 26.166  11.978  11.205  1.00 20.75 ? 41  ARG B NH2 1 
ATOM   1074 N N   . TRP B 1 42 ? 20.443  12.675  8.729   1.00 23.73 ? 42  TRP B N   1 
ATOM   1075 C CA  . TRP B 1 42 ? 19.776  11.448  8.272   1.00 22.90 ? 42  TRP B CA  1 
ATOM   1076 C C   . TRP B 1 42 ? 20.635  10.219  8.549   1.00 23.01 ? 42  TRP B C   1 
ATOM   1077 O O   . TRP B 1 42 ? 21.846  10.341  8.783   1.00 21.83 ? 42  TRP B O   1 
ATOM   1078 C CB  . TRP B 1 42 ? 19.380  11.569  6.800   1.00 23.13 ? 42  TRP B CB  1 
ATOM   1079 C CG  . TRP B 1 42 ? 20.534  11.726  5.796   1.00 22.26 ? 42  TRP B CG  1 
ATOM   1080 C CD1 . TRP B 1 42 ? 21.154  12.895  5.429   1.00 21.54 ? 42  TRP B CD1 1 
ATOM   1081 C CD2 . TRP B 1 42 ? 21.157  10.685  5.035   1.00 22.42 ? 42  TRP B CD2 1 
ATOM   1082 N NE1 . TRP B 1 42 ? 22.124  12.641  4.485   1.00 22.50 ? 42  TRP B NE1 1 
ATOM   1083 C CE2 . TRP B 1 42 ? 22.150  11.294  4.223   1.00 22.01 ? 42  TRP B CE2 1 
ATOM   1084 C CE3 . TRP B 1 42 ? 20.984  9.291   4.955   1.00 22.32 ? 42  TRP B CE3 1 
ATOM   1085 C CZ2 . TRP B 1 42 ? 22.967  10.558  3.343   1.00 21.10 ? 42  TRP B CZ2 1 
ATOM   1086 C CZ3 . TRP B 1 42 ? 21.772  8.562   4.058   1.00 23.34 ? 42  TRP B CZ3 1 
ATOM   1087 C CH2 . TRP B 1 42 ? 22.761  9.203   3.266   1.00 22.06 ? 42  TRP B CH2 1 
ATOM   1088 N N   . LYS B 1 43 ? 20.000  9.044   8.537   1.00 23.36 ? 43  LYS B N   1 
ATOM   1089 C CA  . LYS B 1 43 ? 20.705  7.773   8.676   1.00 24.43 ? 43  LYS B CA  1 
ATOM   1090 C C   . LYS B 1 43 ? 20.272  6.856   7.502   1.00 24.51 ? 43  LYS B C   1 
ATOM   1091 O O   . LYS B 1 43 ? 19.211  7.102   6.889   1.00 24.43 ? 43  LYS B O   1 
ATOM   1092 C CB  . LYS B 1 43 ? 20.448  7.157   10.063  1.00 24.94 ? 43  LYS B CB  1 
ATOM   1093 C CG  . LYS B 1 43 ? 19.020  6.735   10.315  1.00 28.65 ? 43  LYS B CG  1 
ATOM   1094 C CD  . LYS B 1 43 ? 18.704  6.663   11.819  1.00 33.46 ? 43  LYS B CD  1 
ATOM   1095 C CE  . LYS B 1 43 ? 19.259  5.408   12.411  1.00 35.62 ? 43  LYS B CE  1 
ATOM   1096 N NZ  . LYS B 1 43 ? 18.651  5.129   13.744  1.00 35.81 ? 43  LYS B NZ  1 
ATOM   1097 N N   . PRO B 1 44 ? 21.063  5.836   7.158   1.00 24.41 ? 44  PRO B N   1 
ATOM   1098 C CA  . PRO B 1 44 ? 20.740  5.029   5.984   1.00 24.65 ? 44  PRO B CA  1 
ATOM   1099 C C   . PRO B 1 44 ? 19.680  3.989   6.318   1.00 24.73 ? 44  PRO B C   1 
ATOM   1100 O O   . PRO B 1 44 ? 19.613  3.505   7.447   1.00 24.09 ? 44  PRO B O   1 
ATOM   1101 C CB  . PRO B 1 44 ? 22.078  4.376   5.623   1.00 24.63 ? 44  PRO B CB  1 
ATOM   1102 C CG  . PRO B 1 44 ? 22.786  4.229   6.952   1.00 24.36 ? 44  PRO B CG  1 
ATOM   1103 C CD  . PRO B 1 44 ? 22.299  5.364   7.819   1.00 24.91 ? 44  PRO B CD  1 
ATOM   1104 N N   . LYS B 1 45 ? 18.811  3.706   5.354   1.00 24.75 ? 45  LYS B N   1 
ATOM   1105 C CA  . LYS B 1 45 ? 17.850  2.608   5.471   1.00 26.17 ? 45  LYS B CA  1 
ATOM   1106 C C   . LYS B 1 45 ? 17.643  1.973   4.094   1.00 26.93 ? 45  LYS B C   1 
ATOM   1107 O O   . LYS B 1 45 ? 17.721  2.661   3.083   1.00 27.17 ? 45  LYS B O   1 
ATOM   1108 C CB  . LYS B 1 45 ? 16.512  3.106   6.047   1.00 25.93 ? 45  LYS B CB  1 
ATOM   1109 C CG  . LYS B 1 45 ? 15.515  1.963   6.394   1.00 26.67 ? 45  LYS B CG  1 
ATOM   1110 C CD  . LYS B 1 45 ? 14.250  2.481   7.066   1.00 27.79 ? 45  LYS B CD  1 
ATOM   1111 C CE  . LYS B 1 45 ? 13.291  1.345   7.441   1.00 27.72 ? 45  LYS B CE  1 
ATOM   1112 N NZ  . LYS B 1 45 ? 13.915  0.471   8.453   1.00 26.59 ? 45  LYS B NZ  1 
ATOM   1113 N N   . MET B 1 46 ? 17.426  0.658   4.077   1.00 27.62 ? 46  MET B N   1 
ATOM   1114 C CA  . MET B 1 46 ? 17.036  -0.077  2.874   1.00 28.47 ? 46  MET B CA  1 
ATOM   1115 C C   . MET B 1 46 ? 15.617  -0.561  3.082   1.00 27.15 ? 46  MET B C   1 
ATOM   1116 O O   . MET B 1 46 ? 15.283  -1.121  4.127   1.00 26.99 ? 46  MET B O   1 
ATOM   1117 C CB  . MET B 1 46 ? 17.981  -1.263  2.637   1.00 30.49 ? 46  MET B CB  1 
ATOM   1118 C CG  . MET B 1 46 ? 19.223  -0.920  1.800   1.00 35.70 ? 46  MET B CG  1 
ATOM   1119 S SD  . MET B 1 46 ? 18.988  -1.463  0.103   1.00 47.09 ? 46  MET B SD  1 
ATOM   1120 C CE  . MET B 1 46 ? 19.033  -3.253  0.334   1.00 43.79 ? 46  MET B CE  1 
ATOM   1121 N N   . ILE B 1 47 ? 14.757  -0.323  2.099   1.00 26.36 ? 47  ILE B N   1 
ATOM   1122 C CA  . ILE B 1 47 ? 13.392  -0.833  2.187   1.00 24.96 ? 47  ILE B CA  1 
ATOM   1123 C C   . ILE B 1 47 ? 13.027  -1.578  0.895   1.00 24.88 ? 47  ILE B C   1 
ATOM   1124 O O   . ILE B 1 47 ? 13.604  -1.321  -0.165  1.00 24.54 ? 47  ILE B O   1 
ATOM   1125 C CB  . ILE B 1 47 ? 12.370  0.306   2.463   1.00 25.66 ? 47  ILE B CB  1 
ATOM   1126 C CG1 . ILE B 1 47 ? 12.400  1.358   1.340   1.00 25.24 ? 47  ILE B CG1 1 
ATOM   1127 C CG2 . ILE B 1 47 ? 12.579  0.900   3.859   1.00 23.90 ? 47  ILE B CG2 1 
ATOM   1128 C CD1 . ILE B 1 47 ? 11.271  2.389   1.421   1.00 25.03 ? 47  ILE B CD1 1 
ATOM   1129 N N   . GLY B 1 48 ? 12.054  -2.472  1.003   1.00 24.19 ? 48  GLY B N   1 
ATOM   1130 C CA  . GLY B 1 48 ? 11.668  -3.303  -0.120  1.00 23.89 ? 48  GLY B CA  1 
ATOM   1131 C C   . GLY B 1 48 ? 10.268  -3.011  -0.554  1.00 24.02 ? 48  GLY B C   1 
ATOM   1132 O O   . GLY B 1 48 ? 9.390   -2.781  0.260   1.00 23.83 ? 48  GLY B O   1 
ATOM   1133 N N   . GLY B 1 49 ? 10.062  -3.000  -1.858  1.00 23.47 ? 49  GLY B N   1 
ATOM   1134 C CA  . GLY B 1 49 ? 8.727   -2.896  -2.423  1.00 25.00 ? 49  GLY B CA  1 
ATOM   1135 C C   . GLY B 1 49 ? 8.525   -4.013  -3.434  1.00 24.87 ? 49  GLY B C   1 
ATOM   1136 O O   . GLY B 1 49 ? 9.328   -4.944  -3.514  1.00 24.90 ? 49  GLY B O   1 
ATOM   1137 N N   . ILE B 1 50 ? 7.473   -3.908  -4.242  1.00 25.00 ? 50  ILE B N   1 
ATOM   1138 C CA  . ILE B 1 50 ? 7.204   -4.965  -5.217  1.00 25.91 ? 50  ILE B CA  1 
ATOM   1139 C C   . ILE B 1 50 ? 8.295   -5.131  -6.286  1.00 26.03 ? 50  ILE B C   1 
ATOM   1140 O O   . ILE B 1 50 ? 8.466   -6.237  -6.812  1.00 26.56 ? 50  ILE B O   1 
ATOM   1141 C CB  . ILE B 1 50 ? 5.807   -4.818  -5.920  1.00 25.48 ? 50  ILE B CB  1 
ATOM   1142 C CG1 . ILE B 1 50 ? 5.797   -3.590  -6.826  1.00 25.58 ? 50  ILE B CG1 1 
ATOM   1143 C CG2 . ILE B 1 50 ? 4.647   -4.968  -4.898  1.00 24.68 ? 50  ILE B CG2 1 
ATOM   1144 C CD1 . ILE B 1 50 ? 4.849   -3.697  -8.003  1.00 27.54 ? 50  ILE B CD1 1 
ATOM   1145 N N   . GLY B 1 51 ? 9.013   -4.057  -6.607  1.00 25.74 ? 51  GLY B N   1 
ATOM   1146 C CA  . GLY B 1 51 ? 10.070  -4.142  -7.636  1.00 26.03 ? 51  GLY B CA  1 
ATOM   1147 C C   . GLY B 1 51 ? 11.486  -4.418  -7.134  1.00 26.85 ? 51  GLY B C   1 
ATOM   1148 O O   . GLY B 1 51 ? 12.418  -4.512  -7.925  1.00 26.35 ? 51  GLY B O   1 
ATOM   1149 N N   . GLY B 1 52 ? 11.642  -4.552  -5.817  1.00 26.40 ? 52  GLY B N   1 
ATOM   1150 C CA  . GLY B 1 52 ? 12.944  -4.772  -5.194  1.00 27.62 ? 52  GLY B CA  1 
ATOM   1151 C C   . GLY B 1 52 ? 13.267  -3.783  -4.070  1.00 27.49 ? 52  GLY B C   1 
ATOM   1152 O O   . GLY B 1 52 ? 12.396  -3.075  -3.566  1.00 27.32 ? 52  GLY B O   1 
ATOM   1153 N N   . PHE B 1 53 ? 14.539  -3.723  -3.700  1.00 28.28 ? 53  PHE B N   1 
ATOM   1154 C CA  . PHE B 1 53 ? 14.993  -2.829  -2.641  1.00 28.54 ? 53  PHE B CA  1 
ATOM   1155 C C   . PHE B 1 53 ? 15.452  -1.467  -3.142  1.00 28.44 ? 53  PHE B C   1 
ATOM   1156 O O   . PHE B 1 53 ? 15.977  -1.337  -4.260  1.00 27.57 ? 53  PHE B O   1 
ATOM   1157 C CB  . PHE B 1 53 ? 16.123  -3.483  -1.837  1.00 29.66 ? 53  PHE B CB  1 
ATOM   1158 C CG  . PHE B 1 53 ? 15.688  -4.672  -1.074  1.00 31.86 ? 53  PHE B CG  1 
ATOM   1159 C CD1 . PHE B 1 53 ? 15.797  -5.952  -1.627  1.00 34.62 ? 53  PHE B CD1 1 
ATOM   1160 C CD2 . PHE B 1 53 ? 15.130  -4.526  0.192   1.00 33.11 ? 53  PHE B CD2 1 
ATOM   1161 C CE1 . PHE B 1 53 ? 15.373  -7.060  -0.915  1.00 35.55 ? 53  PHE B CE1 1 
ATOM   1162 C CE2 . PHE B 1 53 ? 14.705  -5.632  0.907   1.00 35.30 ? 53  PHE B CE2 1 
ATOM   1163 C CZ  . PHE B 1 53 ? 14.817  -6.900  0.346   1.00 35.13 ? 53  PHE B CZ  1 
ATOM   1164 N N   . ILE B 1 54 ? 15.219  -0.449  -2.312  1.00 27.33 ? 54  ILE B N   1 
ATOM   1165 C CA  . ILE B 1 54 ? 15.763  0.895   -2.524  1.00 26.47 ? 54  ILE B CA  1 
ATOM   1166 C C   . ILE B 1 54 ? 16.444  1.391   -1.261  1.00 26.79 ? 54  ILE B C   1 
ATOM   1167 O O   . ILE B 1 54 ? 16.091  0.999   -0.127  1.00 25.72 ? 54  ILE B O   1 
ATOM   1168 C CB  . ILE B 1 54 ? 14.703  1.943   -3.012  1.00 26.78 ? 54  ILE B CB  1 
ATOM   1169 C CG1 . ILE B 1 54 ? 13.581  2.161   -1.966  1.00 25.75 ? 54  ILE B CG1 1 
ATOM   1170 C CG2 . ILE B 1 54 ? 14.183  1.611   -4.438  1.00 26.88 ? 54  ILE B CG2 1 
ATOM   1171 C CD1 . ILE B 1 54 ? 12.741  3.407   -2.199  1.00 25.14 ? 54  ILE B CD1 1 
ATOM   1172 N N   . LYS B 1 55 ? 17.413  2.266   -1.500  1.00 26.30 ? 55  LYS B N   1 
ATOM   1173 C CA  . LYS B 1 55 ? 18.179  2.963   -0.505  1.00 27.03 ? 55  LYS B CA  1 
ATOM   1174 C C   . LYS B 1 55 ? 17.515  4.314   -0.295  1.00 25.35 ? 55  LYS B C   1 
ATOM   1175 O O   . LYS B 1 55 ? 17.261  5.056   -1.251  1.00 25.04 ? 55  LYS B O   1 
ATOM   1176 C CB  . LYS B 1 55 ? 19.615  3.118   -1.030  1.00 27.39 ? 55  LYS B CB  1 
ATOM   1177 C CG  . LYS B 1 55 ? 20.623  3.755   -0.085  1.00 34.14 ? 55  LYS B CG  1 
ATOM   1178 C CD  . LYS B 1 55 ? 20.511  3.267   1.386   1.00 39.49 ? 55  LYS B CD  1 
ATOM   1179 C CE  . LYS B 1 55 ? 21.354  2.030   1.683   1.00 42.36 ? 55  LYS B CE  1 
ATOM   1180 N NZ  . LYS B 1 55 ? 21.244  1.652   3.118   1.00 40.31 ? 55  LYS B NZ  1 
ATOM   1181 N N   . VAL B 1 56 ? 17.210  4.620   0.965   1.00 23.69 ? 56  VAL B N   1 
ATOM   1182 C CA  . VAL B 1 56 ? 16.521  5.858   1.301   1.00 23.56 ? 56  VAL B CA  1 
ATOM   1183 C C   . VAL B 1 56 ? 17.264  6.603   2.422   1.00 24.27 ? 56  VAL B C   1 
ATOM   1184 O O   . VAL B 1 56 ? 18.081  6.016   3.140   1.00 25.36 ? 56  VAL B O   1 
ATOM   1185 C CB  . VAL B 1 56 ? 15.055  5.574   1.746   1.00 22.67 ? 56  VAL B CB  1 
ATOM   1186 C CG1 . VAL B 1 56 ? 14.208  5.090   0.583   1.00 22.27 ? 56  VAL B CG1 1 
ATOM   1187 C CG2 . VAL B 1 56 ? 15.018  4.618   2.941   1.00 22.20 ? 56  VAL B CG2 1 
ATOM   1188 N N   . ARG B 1 57 ? 16.986  7.890   2.582   1.00 24.09 ? 57  ARG B N   1 
ATOM   1189 C CA  . ARG B 1 57 ? 17.530  8.639   3.708   1.00 23.68 ? 57  ARG B CA  1 
ATOM   1190 C C   . ARG B 1 57 ? 16.462  8.727   4.795   1.00 23.70 ? 57  ARG B C   1 
ATOM   1191 O O   . ARG B 1 57 ? 15.342  9.170   4.528   1.00 23.78 ? 57  ARG B O   1 
ATOM   1192 C CB  . ARG B 1 57 ? 17.919  10.051  3.260   1.00 24.53 ? 57  ARG B CB  1 
ATOM   1193 C CG  . ARG B 1 57 ? 18.848  10.112  2.027   1.00 23.88 ? 57  ARG B CG  1 
ATOM   1194 C CD  . ARG B 1 57 ? 19.605  11.437  1.918   1.00 25.08 ? 57  ARG B CD  1 
ATOM   1195 N NE  . ARG B 1 57 ? 18.716  12.600  1.874   1.00 24.10 ? 57  ARG B NE  1 
ATOM   1196 C CZ  . ARG B 1 57 ? 18.064  12.982  0.773   1.00 27.63 ? 57  ARG B CZ  1 
ATOM   1197 N NH1 . ARG B 1 57 ? 18.199  12.302  -0.359  1.00 27.47 ? 57  ARG B NH1 1 
ATOM   1198 N NH2 . ARG B 1 57 ? 17.277  14.030  0.793   1.00 27.33 ? 57  ARG B NH2 1 
ATOM   1199 N N   . GLN B 1 58 ? 16.802  8.283   6.003   1.00 22.17 ? 58  GLN B N   1 
ATOM   1200 C CA  . GLN B 1 58 ? 15.864  8.321   7.140   1.00 22.54 ? 58  GLN B CA  1 
ATOM   1201 C C   . GLN B 1 58 ? 16.031  9.584   7.999   1.00 22.48 ? 58  GLN B C   1 
ATOM   1202 O O   . GLN B 1 58 ? 17.093  9.809   8.570   1.00 22.91 ? 58  GLN B O   1 
ATOM   1203 C CB  . GLN B 1 58 ? 16.045  7.082   8.024   1.00 22.14 ? 58  GLN B CB  1 
ATOM   1204 C CG  . GLN B 1 58 ? 15.137  7.098   9.269   1.00 22.72 ? 58  GLN B CG  1 
ATOM   1205 C CD  . GLN B 1 58 ? 15.209  5.861   10.137  1.00 23.97 ? 58  GLN B CD  1 
ATOM   1206 O OE1 . GLN B 1 58 ? 15.000  5.946   11.369  1.00 28.13 ? 58  GLN B OE1 1 
ATOM   1207 N NE2 . GLN B 1 58 ? 15.481  4.724   9.536   1.00 23.27 ? 58  GLN B NE2 1 
ATOM   1208 N N   . TYR B 1 59 ? 14.982  10.394  8.087   1.00 22.09 ? 59  TYR B N   1 
ATOM   1209 C CA  . TYR B 1 59 ? 14.918  11.546  9.005   1.00 22.47 ? 59  TYR B CA  1 
ATOM   1210 C C   . TYR B 1 59 ? 13.882  11.274  10.119  1.00 22.75 ? 59  TYR B C   1 
ATOM   1211 O O   . TYR B 1 59 ? 12.698  11.026  9.826   1.00 22.05 ? 59  TYR B O   1 
ATOM   1212 C CB  . TYR B 1 59 ? 14.504  12.812  8.258   1.00 22.78 ? 59  TYR B CB  1 
ATOM   1213 C CG  . TYR B 1 59 ? 15.447  13.240  7.143   1.00 23.19 ? 59  TYR B CG  1 
ATOM   1214 C CD1 . TYR B 1 59 ? 15.326  12.700  5.863   1.00 23.78 ? 59  TYR B CD1 1 
ATOM   1215 C CD2 . TYR B 1 59 ? 16.425  14.225  7.360   1.00 23.11 ? 59  TYR B CD2 1 
ATOM   1216 C CE1 . TYR B 1 59 ? 16.169  13.097  4.831   1.00 23.64 ? 59  TYR B CE1 1 
ATOM   1217 C CE2 . TYR B 1 59 ? 17.280  14.624  6.336   1.00 23.85 ? 59  TYR B CE2 1 
ATOM   1218 C CZ  . TYR B 1 59 ? 17.135  14.050  5.079   1.00 25.80 ? 59  TYR B CZ  1 
ATOM   1219 O OH  . TYR B 1 59 ? 17.944  14.437  4.040   1.00 26.51 ? 59  TYR B OH  1 
ATOM   1220 N N   . ASP B 1 60 ? 14.320  11.334  11.377  1.00 22.15 ? 60  ASP B N   1 
ATOM   1221 C CA  . ASP B 1 60 ? 13.430  11.117  12.523  1.00 23.96 ? 60  ASP B CA  1 
ATOM   1222 C C   . ASP B 1 60 ? 12.790  12.413  13.038  1.00 24.35 ? 60  ASP B C   1 
ATOM   1223 O O   . ASP B 1 60 ? 13.312  13.506  12.805  1.00 24.94 ? 60  ASP B O   1 
ATOM   1224 C CB  . ASP B 1 60 ? 14.194  10.447  13.656  1.00 23.91 ? 60  ASP B CB  1 
ATOM   1225 C CG  . ASP B 1 60 ? 14.661  9.077   13.282  1.00 27.17 ? 60  ASP B CG  1 
ATOM   1226 O OD1 . ASP B 1 60 ? 14.019  8.451   12.413  1.00 26.40 ? 60  ASP B OD1 1 
ATOM   1227 O OD2 . ASP B 1 60 ? 15.676  8.559   13.775  1.00 27.99 ? 60  ASP B OD2 1 
ATOM   1228 N N   . GLN B 1 61 ? 11.670  12.279  13.745  1.00 25.25 ? 61  GLN B N   1 
ATOM   1229 C CA  . GLN B 1 61 ? 10.988  13.398  14.389  1.00 26.49 ? 61  GLN B CA  1 
ATOM   1230 C C   . GLN B 1 61 ? 10.706  14.575  13.459  1.00 25.25 ? 61  GLN B C   1 
ATOM   1231 O O   . GLN B 1 61 ? 10.953  15.735  13.808  1.00 26.11 ? 61  GLN B O   1 
ATOM   1232 C CB  . GLN B 1 61 ? 11.729  13.830  15.681  1.00 26.51 ? 61  GLN B CB  1 
ATOM   1233 C CG  . GLN B 1 61 ? 10.861  14.496  16.740  1.00 29.13 ? 61  GLN B CG  1 
ATOM   1234 C CD  . GLN B 1 61 ? 11.543  14.525  18.120  1.00 29.39 ? 61  GLN B CD  1 
ATOM   1235 O OE1 . GLN B 1 61 ? 11.077  15.200  19.047  1.00 32.73 ? 61  GLN B OE1 1 
ATOM   1236 N NE2 . GLN B 1 61 ? 12.639  13.785  18.250  1.00 32.89 ? 61  GLN B NE2 1 
ATOM   1237 N N   . ILE B 1 62 ? 10.161  14.262  12.284  1.00 23.99 ? 62  ILE B N   1 
ATOM   1238 C CA  . ILE B 1 62 ? 9.738   15.270  11.308  1.00 23.31 ? 62  ILE B CA  1 
ATOM   1239 C C   . ILE B 1 62 ? 8.247   15.652  11.466  1.00 23.83 ? 62  ILE B C   1 
ATOM   1240 O O   . ILE B 1 62 ? 7.393   14.778  11.577  1.00 23.81 ? 62  ILE B O   1 
ATOM   1241 C CB  . ILE B 1 62 ? 10.054  14.779  9.882   1.00 22.72 ? 62  ILE B CB  1 
ATOM   1242 C CG1 . ILE B 1 62 ? 11.567  14.507  9.699   1.00 21.72 ? 62  ILE B CG1 1 
ATOM   1243 C CG2 . ILE B 1 62 ? 9.504   15.780  8.834   1.00 17.95 ? 62  ILE B CG2 1 
ATOM   1244 C CD1 . ILE B 1 62 ? 12.490  15.751  9.729   1.00 24.95 ? 62  ILE B CD1 1 
ATOM   1245 N N   . LEU B 1 63 ? 7.945   16.955  11.496  1.00 24.63 ? 63  LEU B N   1 
ATOM   1246 C CA  . LEU B 1 63 ? 6.554   17.433  11.579  1.00 24.48 ? 63  LEU B CA  1 
ATOM   1247 C C   . LEU B 1 63 ? 5.906   17.369  10.217  1.00 24.20 ? 63  LEU B C   1 
ATOM   1248 O O   . LEU B 1 63 ? 6.430   17.887  9.229   1.00 22.90 ? 63  LEU B O   1 
ATOM   1249 C CB  . LEU B 1 63 ? 6.456   18.884  12.086  1.00 26.21 ? 63  LEU B CB  1 
ATOM   1250 C CG  . LEU B 1 63 ? 7.435   19.386  13.137  1.00 28.85 ? 63  LEU B CG  1 
ATOM   1251 C CD1 . LEU B 1 63 ? 7.335   20.937  13.265  1.00 35.21 ? 63  LEU B CD1 1 
ATOM   1252 C CD2 . LEU B 1 63 ? 7.130   18.719  14.450  1.00 29.49 ? 63  LEU B CD2 1 
ATOM   1253 N N   . ILE B 1 64 ? 4.732   16.761  10.177  1.00 23.46 ? 64  ILE B N   1 
ATOM   1254 C CA  . ILE B 1 64 ? 4.008   16.591  8.912   1.00 24.31 ? 64  ILE B CA  1 
ATOM   1255 C C   . ILE B 1 64 ? 2.519   16.606  9.212   1.00 24.77 ? 64  ILE B C   1 
ATOM   1256 O O   . ILE B 1 64 ? 2.061   16.002  10.203  1.00 24.89 ? 64  ILE B O   1 
ATOM   1257 C CB  . ILE B 1 64 ? 4.499   15.308  8.140   1.00 23.33 ? 64  ILE B CB  1 
ATOM   1258 C CG1 . ILE B 1 64 ? 3.724   15.087  6.828   1.00 24.41 ? 64  ILE B CG1 1 
ATOM   1259 C CG2 . ILE B 1 64 ? 4.495   14.085  9.043   1.00 24.26 ? 64  ILE B CG2 1 
ATOM   1260 C CD1 . ILE B 1 64 ? 3.994   13.704  6.191   1.00 24.06 ? 64  ILE B CD1 1 
ATOM   1261 N N   . GLU B 1 65 ? 1.775   17.374  8.421   1.00 24.39 ? 65  GLU B N   1 
ATOM   1262 C CA  . GLU B 1 65 ? 0.344   17.424  8.590   1.00 24.69 ? 65  GLU B CA  1 
ATOM   1263 C C   . GLU B 1 65 ? -0.281  16.637  7.449   1.00 24.01 ? 65  GLU B C   1 
ATOM   1264 O O   . GLU B 1 65 ? 0.117   16.806  6.311   1.00 25.04 ? 65  GLU B O   1 
ATOM   1265 C CB  . GLU B 1 65 ? -0.121  18.883  8.602   1.00 24.75 ? 65  GLU B CB  1 
ATOM   1266 C CG  . GLU B 1 65 ? -1.584  19.023  8.929   1.00 29.00 ? 65  GLU B CG  1 
ATOM   1267 C CD  . GLU B 1 65 ? -2.038  20.465  8.849   1.00 32.78 ? 65  GLU B CD  1 
ATOM   1268 O OE1 . GLU B 1 65 ? -2.695  20.824  7.842   1.00 35.50 ? 65  GLU B OE1 1 
ATOM   1269 O OE2 . GLU B 1 65 ? -1.716  21.223  9.777   1.00 33.27 ? 65  GLU B OE2 1 
ATOM   1270 N N   . ILE B 1 66 ? -1.230  15.755  7.755   1.00 23.81 ? 66  ILE B N   1 
ATOM   1271 C CA  . ILE B 1 66 ? -1.790  14.814  6.754   1.00 24.25 ? 66  ILE B CA  1 
ATOM   1272 C C   . ILE B 1 66 ? -3.275  14.987  6.777   1.00 25.64 ? 66  ILE B C   1 
ATOM   1273 O O   . ILE B 1 66 ? -3.925  14.632  7.771   1.00 25.32 ? 66  ILE B O   1 
ATOM   1274 C CB  . ILE B 1 66 ? -1.434  13.326  7.076   1.00 23.90 ? 66  ILE B CB  1 
ATOM   1275 C CG1 . ILE B 1 66 ? 0.081   13.128  7.189   1.00 23.02 ? 66  ILE B CG1 1 
ATOM   1276 C CG2 . ILE B 1 66 ? -2.058  12.336  6.063   1.00 22.16 ? 66  ILE B CG2 1 
ATOM   1277 C CD1 . ILE B 1 66 ? 0.432   11.990  8.112   1.00 24.27 ? 66  ILE B CD1 1 
ATOM   1278 N N   . CYS B 1 67 ? -3.800  15.557  5.700   1.00 28.45 ? 67  CYS B N   1 
ATOM   1279 C CA  . CYS B 1 67 ? -5.218  15.780  5.580   1.00 29.34 ? 67  CYS B CA  1 
ATOM   1280 C C   . CYS B 1 67 ? -5.764  16.458  6.859   1.00 29.22 ? 67  CYS B C   1 
ATOM   1281 O O   . CYS B 1 67 ? -6.795  16.037  7.412   1.00 29.97 ? 67  CYS B O   1 
ATOM   1282 C CB  . CYS B 1 67 ? -5.922  14.448  5.293   1.00 29.25 ? 67  CYS B CB  1 
ATOM   1283 S SG  . CYS B 1 67 ? -7.542  14.680  4.568   1.00 35.74 ? 67  CYS B SG  1 
ATOM   1284 N N   . GLY B 1 68 ? -5.047  17.488  7.339   1.00 28.86 ? 68  GLY B N   1 
ATOM   1285 C CA  . GLY B 1 68 ? -5.453  18.290  8.508   1.00 28.35 ? 68  GLY B CA  1 
ATOM   1286 C C   . GLY B 1 68 ? -5.006  17.791  9.884   1.00 27.73 ? 68  GLY B C   1 
ATOM   1287 O O   . GLY B 1 68 ? -5.288  18.418  10.897  1.00 28.08 ? 68  GLY B O   1 
ATOM   1288 N N   . HIS B 1 69 ? -4.318  16.657  9.920   1.00 26.59 ? 69  HIS B N   1 
ATOM   1289 C CA  . HIS B 1 69 ? -3.977  15.981  11.174  1.00 26.47 ? 69  HIS B CA  1 
ATOM   1290 C C   . HIS B 1 69 ? -2.479  15.995  11.354  1.00 26.22 ? 69  HIS B C   1 
ATOM   1291 O O   . HIS B 1 69 ? -1.751  15.572  10.454  1.00 25.41 ? 69  HIS B O   1 
ATOM   1292 C CB  . HIS B 1 69 ? -4.438  14.514  11.149  1.00 26.93 ? 69  HIS B CB  1 
ATOM   1293 C CG  . HIS B 1 69 ? -5.917  14.346  11.298  1.00 27.97 ? 69  HIS B CG  1 
ATOM   1294 N ND1 . HIS B 1 69 ? -6.802  14.609  10.273  1.00 31.04 ? 69  HIS B ND1 1 
ATOM   1295 C CD2 . HIS B 1 69 ? -6.664  13.940  12.349  1.00 28.42 ? 69  HIS B CD2 1 
ATOM   1296 C CE1 . HIS B 1 69 ? -8.033  14.372  10.689  1.00 29.35 ? 69  HIS B CE1 1 
ATOM   1297 N NE2 . HIS B 1 69 ? -7.974  13.962  11.943  1.00 29.85 ? 69  HIS B NE2 1 
ATOM   1298 N N   . LYS B 1 70 ? -2.036  16.457  12.521  1.00 25.40 ? 70  LYS B N   1 
ATOM   1299 C CA  . LYS B 1 70 ? -0.624  16.617  12.830  1.00 26.55 ? 70  LYS B CA  1 
ATOM   1300 C C   . LYS B 1 70 ? -0.009  15.284  13.183  1.00 25.34 ? 70  LYS B C   1 
ATOM   1301 O O   . LYS B 1 70 ? -0.606  14.474  13.902  1.00 25.54 ? 70  LYS B O   1 
ATOM   1302 C CB  . LYS B 1 70 ? -0.393  17.586  14.004  1.00 27.29 ? 70  LYS B CB  1 
ATOM   1303 C CG  . LYS B 1 70 ? -0.992  19.008  13.876  1.00 31.76 ? 70  LYS B CG  1 
ATOM   1304 C CD  . LYS B 1 70 ? -0.430  19.751  12.664  1.00 35.09 ? 70  LYS B CD  1 
ATOM   1305 C CE  . LYS B 1 70 ? -0.316  21.245  12.885  1.00 34.63 ? 70  LYS B CE  1 
ATOM   1306 N NZ  . LYS B 1 70 ? 0.102   21.847  11.556  1.00 34.72 ? 70  LYS B NZ  1 
ATOM   1307 N N   . ALA B 1 71 ? 1.175   15.048  12.650  1.00 23.17 ? 71  ALA B N   1 
ATOM   1308 C CA  . ALA B 1 71 ? 1.951   13.892  13.014  1.00 22.25 ? 71  ALA B CA  1 
ATOM   1309 C C   . ALA B 1 71 ? 3.402   14.324  13.150  1.00 22.38 ? 71  ALA B C   1 
ATOM   1310 O O   . ALA B 1 71 ? 3.814   15.331  12.555  1.00 22.64 ? 71  ALA B O   1 
ATOM   1311 C CB  . ALA B 1 71 ? 1.787   12.762  11.975  1.00 21.81 ? 71  ALA B CB  1 
ATOM   1312 N N   . ILE B 1 72 ? 4.160   13.595  13.972  1.00 22.11 ? 72  ILE B N   1 
ATOM   1313 C CA  . ILE B 1 72 ? 5.591   13.850  14.146  1.00 22.16 ? 72  ILE B CA  1 
ATOM   1314 C C   . ILE B 1 72 ? 6.279   12.497  14.243  1.00 21.94 ? 72  ILE B C   1 
ATOM   1315 O O   . ILE B 1 72 ? 6.071   11.753  15.195  1.00 21.30 ? 72  ILE B O   1 
ATOM   1316 C CB  . ILE B 1 72 ? 5.905   14.696  15.402  1.00 21.65 ? 72  ILE B CB  1 
ATOM   1317 C CG1 . ILE B 1 72 ? 5.051   15.980  15.483  1.00 23.27 ? 72  ILE B CG1 1 
ATOM   1318 C CG2 . ILE B 1 72 ? 7.378   15.064  15.407  1.00 22.84 ? 72  ILE B CG2 1 
ATOM   1319 C CD1 . ILE B 1 72 ? 5.318   16.811  16.790  1.00 21.11 ? 72  ILE B CD1 1 
ATOM   1320 N N   . GLY B 1 73 ? 7.092   12.181  13.248  1.00 21.39 ? 73  GLY B N   1 
ATOM   1321 C CA  . GLY B 1 73 ? 7.775   10.885  13.223  1.00 21.07 ? 73  GLY B CA  1 
ATOM   1322 C C   . GLY B 1 73 ? 8.728   10.741  12.059  1.00 21.60 ? 73  GLY B C   1 
ATOM   1323 O O   . GLY B 1 73 ? 9.166   11.739  11.462  1.00 21.67 ? 73  GLY B O   1 
ATOM   1324 N N   . THR B 1 74 ? 9.048   9.488   11.736  1.00 21.13 ? 74  THR B N   1 
ATOM   1325 C CA  . THR B 1 74 ? 10.095  9.201   10.785  1.00 22.06 ? 74  THR B CA  1 
ATOM   1326 C C   . THR B 1 74 ? 9.613   9.352   9.363   1.00 21.74 ? 74  THR B C   1 
ATOM   1327 O O   . THR B 1 74 ? 8.521   8.903   9.038   1.00 21.64 ? 74  THR B O   1 
ATOM   1328 C CB  . THR B 1 74 ? 10.613  7.804   11.010  1.00 21.93 ? 74  THR B CB  1 
ATOM   1329 O OG1 . THR B 1 74 ? 11.215  7.736   12.307  1.00 21.98 ? 74  THR B OG1 1 
ATOM   1330 C CG2 . THR B 1 74 ? 11.774  7.519   10.063  1.00 24.20 ? 74  THR B CG2 1 
ATOM   1331 N N   . VAL B 1 75 ? 10.430  9.980   8.518   1.00 22.20 ? 75  VAL B N   1 
ATOM   1332 C CA  . VAL B 1 75 ? 10.084  10.150  7.094   1.00 23.88 ? 75  VAL B CA  1 
ATOM   1333 C C   . VAL B 1 75 ? 11.319  9.682   6.349   1.00 23.94 ? 75  VAL B C   1 
ATOM   1334 O O   . VAL B 1 75 ? 12.436  10.090  6.692   1.00 23.65 ? 75  VAL B O   1 
ATOM   1335 C CB  . VAL B 1 75 ? 9.754   11.639  6.761   1.00 24.70 ? 75  VAL B CB  1 
ATOM   1336 C CG1 . VAL B 1 75 ? 9.706   11.905  5.265   1.00 25.72 ? 75  VAL B CG1 1 
ATOM   1337 C CG2 . VAL B 1 75 ? 8.419   12.063  7.421   1.00 23.60 ? 75  VAL B CG2 1 
ATOM   1338 N N   . LEU B 1 76 ? 11.126  8.817   5.352   1.00 22.83 ? 76  LEU B N   1 
ATOM   1339 C CA  . LEU B 1 76 ? 12.225  8.342   4.518   1.00 23.06 ? 76  LEU B CA  1 
ATOM   1340 C C   . LEU B 1 76 ? 12.158  9.079   3.184   1.00 23.61 ? 76  LEU B C   1 
ATOM   1341 O O   . LEU B 1 76 ? 11.062  9.351   2.666   1.00 24.84 ? 76  LEU B O   1 
ATOM   1342 C CB  . LEU B 1 76 ? 12.133  6.817   4.306   1.00 22.32 ? 76  LEU B CB  1 
ATOM   1343 C CG  . LEU B 1 76 ? 11.842  5.909   5.522   1.00 20.64 ? 76  LEU B CG  1 
ATOM   1344 C CD1 . LEU B 1 76 ? 11.690  4.463   5.110   1.00 21.47 ? 76  LEU B CD1 1 
ATOM   1345 C CD2 . LEU B 1 76 ? 12.892  6.043   6.604   1.00 17.84 ? 76  LEU B CD2 1 
ATOM   1346 N N   . VAL B 1 77 ? 13.312  9.442   2.630   1.00 23.40 ? 77  VAL B N   1 
ATOM   1347 C CA  . VAL B 1 77 ? 13.342  10.205  1.362   1.00 23.45 ? 77  VAL B CA  1 
ATOM   1348 C C   . VAL B 1 77 ? 14.147  9.394   0.352   1.00 23.71 ? 77  VAL B C   1 
ATOM   1349 O O   . VAL B 1 77 ? 15.241  8.946   0.669   1.00 22.29 ? 77  VAL B O   1 
ATOM   1350 C CB  . VAL B 1 77 ? 13.985  11.643  1.538   1.00 23.67 ? 77  VAL B CB  1 
ATOM   1351 C CG1 . VAL B 1 77 ? 14.111  12.406  0.191   1.00 24.24 ? 77  VAL B CG1 1 
ATOM   1352 C CG2 . VAL B 1 77 ? 13.186  12.474  2.529   1.00 23.34 ? 77  VAL B CG2 1 
ATOM   1353 N N   . GLY B 1 78 ? 13.609  9.203   -0.850  1.00 24.38 ? 78  GLY B N   1 
ATOM   1354 C CA  . GLY B 1 78 ? 14.295  8.403   -1.856  1.00 25.41 ? 78  GLY B CA  1 
ATOM   1355 C C   . GLY B 1 78 ? 13.475  8.263   -3.124  1.00 26.65 ? 78  GLY B C   1 
ATOM   1356 O O   . GLY B 1 78 ? 12.433  8.928   -3.267  1.00 25.91 ? 78  GLY B O   1 
ATOM   1357 N N   . PRO B 1 79 ? 13.928  7.388   -4.026  1.00 27.65 ? 79  PRO B N   1 
ATOM   1358 C CA  . PRO B 1 79 ? 13.274  7.214   -5.334  1.00 28.70 ? 79  PRO B CA  1 
ATOM   1359 C C   . PRO B 1 79 ? 11.968  6.442   -5.126  1.00 29.49 ? 79  PRO B C   1 
ATOM   1360 O O   . PRO B 1 79 ? 11.973  5.270   -4.765  1.00 30.87 ? 79  PRO B O   1 
ATOM   1361 C CB  . PRO B 1 79 ? 14.317  6.434   -6.148  1.00 28.59 ? 79  PRO B CB  1 
ATOM   1362 C CG  . PRO B 1 79 ? 15.172  5.694   -5.124  1.00 28.89 ? 79  PRO B CG  1 
ATOM   1363 C CD  . PRO B 1 79 ? 15.092  6.480   -3.850  1.00 27.93 ? 79  PRO B CD  1 
ATOM   1364 N N   . THR B 1 80 ? 10.851  7.128   -5.254  1.00 29.11 ? 80  THR B N   1 
ATOM   1365 C CA  . THR B 1 80 ? 9.567   6.490   -5.063  1.00 28.37 ? 80  THR B CA  1 
ATOM   1366 C C   . THR B 1 80 ? 8.641   6.996   -6.146  1.00 27.54 ? 80  THR B C   1 
ATOM   1367 O O   . THR B 1 80 ? 8.758   8.157   -6.538  1.00 28.48 ? 80  THR B O   1 
ATOM   1368 C CB  . THR B 1 80 ? 9.004   6.759   -3.632  1.00 28.24 ? 80  THR B CB  1 
ATOM   1369 O OG1 . THR B 1 80 ? 7.661   6.262   -3.566  1.00 28.53 ? 80  THR B OG1 1 
ATOM   1370 C CG2 . THR B 1 80 ? 8.845   8.287   -3.323  1.00 27.55 ? 80  THR B CG2 1 
ATOM   1371 N N   . PRO B 1 81 ? 7.737   6.153   -6.655  1.00 27.10 ? 81  PRO B N   1 
ATOM   1372 C CA  . PRO B 1 81 ? 6.814   6.595   -7.702  1.00 26.31 ? 81  PRO B CA  1 
ATOM   1373 C C   . PRO B 1 81 ? 5.898   7.768   -7.280  1.00 25.70 ? 81  PRO B C   1 
ATOM   1374 O O   . PRO B 1 81 ? 5.529   8.584   -8.131  1.00 25.97 ? 81  PRO B O   1 
ATOM   1375 C CB  . PRO B 1 81 ? 6.010   5.320   -8.013  1.00 25.87 ? 81  PRO B CB  1 
ATOM   1376 C CG  . PRO B 1 81 ? 6.123   4.524   -6.774  1.00 26.14 ? 81  PRO B CG  1 
ATOM   1377 C CD  . PRO B 1 81 ? 7.532   4.721   -6.336  1.00 27.34 ? 81  PRO B CD  1 
ATOM   1378 N N   . VAL B 1 82 ? 5.574   7.835   -5.977  1.00 24.23 ? 82  VAL B N   1 
ATOM   1379 C CA  . VAL B 1 82 ? 4.672   8.800   -5.367  1.00 23.33 ? 82  VAL B CA  1 
ATOM   1380 C C   . VAL B 1 82 ? 5.049   8.927   -3.880  1.00 22.73 ? 82  VAL B C   1 
ATOM   1381 O O   . VAL B 1 82 ? 5.619   8.007   -3.306  1.00 21.37 ? 82  VAL B O   1 
ATOM   1382 C CB  . VAL B 1 82 ? 3.152   8.377   -5.450  1.00 24.05 ? 82  VAL B CB  1 
ATOM   1383 C CG1 . VAL B 1 82 ? 2.660   8.347   -6.900  1.00 25.71 ? 82  VAL B CG1 1 
ATOM   1384 C CG2 . VAL B 1 82 ? 2.901   7.032   -4.799  1.00 24.11 ? 82  VAL B CG2 1 
ATOM   1385 N N   . ASN B 1 83 ? 4.743   10.075  -3.279  1.00 22.09 ? 83  ASN B N   1 
ATOM   1386 C CA  . ASN B 1 83 ? 4.835   10.239  -1.819  1.00 21.12 ? 83  ASN B CA  1 
ATOM   1387 C C   . ASN B 1 83 ? 3.884   9.228   -1.179  1.00 21.13 ? 83  ASN B C   1 
ATOM   1388 O O   . ASN B 1 83 ? 2.722   9.140   -1.585  1.00 21.09 ? 83  ASN B O   1 
ATOM   1389 C CB  . ASN B 1 83 ? 4.415   11.678  -1.412  1.00 21.38 ? 83  ASN B CB  1 
ATOM   1390 C CG  . ASN B 1 83 ? 5.332   12.731  -1.953  1.00 22.52 ? 83  ASN B CG  1 
ATOM   1391 O OD1 . ASN B 1 83 ? 6.554   12.581  -1.936  1.00 23.61 ? 83  ASN B OD1 1 
ATOM   1392 N ND2 . ASN B 1 83 ? 4.749   13.835  -2.438  1.00 24.53 ? 83  ASN B ND2 1 
ATOM   1393 N N   . ILE B 1 84 ? 4.383   8.460   -0.211  1.00 20.62 ? 84  ILE B N   1 
ATOM   1394 C CA  . ILE B 1 84 ? 3.619   7.404   0.437   1.00 19.90 ? 84  ILE B CA  1 
ATOM   1395 C C   . ILE B 1 84 ? 3.550   7.655   1.952   1.00 19.64 ? 84  ILE B C   1 
ATOM   1396 O O   . ILE B 1 84 ? 4.585   7.868   2.602   1.00 19.82 ? 84  ILE B O   1 
ATOM   1397 C CB  . ILE B 1 84 ? 4.278   5.997   0.161   1.00 18.97 ? 84  ILE B CB  1 
ATOM   1398 C CG1 . ILE B 1 84 ? 4.307   5.667   -1.335  1.00 20.20 ? 84  ILE B CG1 1 
ATOM   1399 C CG2 . ILE B 1 84 ? 3.571   4.864   0.950   1.00 20.07 ? 84  ILE B CG2 1 
ATOM   1400 C CD1 . ILE B 1 84 ? 5.453   4.609   -1.683  1.00 21.28 ? 84  ILE B CD1 1 
ATOM   1401 N N   . ILE B 1 85 ? 2.335   7.603   2.495   1.00 19.10 ? 85  ILE B N   1 
ATOM   1402 C CA  . ILE B 1 85 ? 2.117   7.709   3.930   1.00 18.82 ? 85  ILE B CA  1 
ATOM   1403 C C   . ILE B 1 85 ? 1.841   6.297   4.378   1.00 19.44 ? 85  ILE B C   1 
ATOM   1404 O O   . ILE B 1 85 ? 0.825   5.689   3.975   1.00 19.07 ? 85  ILE B O   1 
ATOM   1405 C CB  . ILE B 1 85 ? 0.905   8.685   4.272   1.00 18.91 ? 85  ILE B CB  1 
ATOM   1406 C CG1 . ILE B 1 85 ? 1.048   10.071  3.605   1.00 19.24 ? 85  ILE B CG1 1 
ATOM   1407 C CG2 . ILE B 1 85 ? 0.621   8.712   5.773   1.00 19.81 ? 85  ILE B CG2 1 
ATOM   1408 C CD1 . ILE B 1 85 ? 2.348   10.862  3.862   1.00 15.94 ? 85  ILE B CD1 1 
ATOM   1409 N N   . GLY B 1 86 ? 2.739   5.777   5.207   1.00 18.90 ? 86  GLY B N   1 
ATOM   1410 C CA  . GLY B 1 86 ? 2.680   4.382   5.647   1.00 18.67 ? 86  GLY B CA  1 
ATOM   1411 C C   . GLY B 1 86 ? 2.184   4.328   7.063   1.00 18.59 ? 86  GLY B C   1 
ATOM   1412 O O   . GLY B 1 86 ? 1.845   5.341   7.651   1.00 17.93 ? 86  GLY B O   1 
ATOM   1413 N N   . ARG B 1 87 ? 2.159   3.131   7.605   1.00 18.99 ? 87  ARG B N   1 
ATOM   1414 C CA  . ARG B 1 87 ? 1.528   2.896   8.902   1.00 19.68 ? 87  ARG B CA  1 
ATOM   1415 C C   . ARG B 1 87 ? 2.139   3.693   10.069  1.00 19.72 ? 87  ARG B C   1 
ATOM   1416 O O   . ARG B 1 87 ? 1.432   4.016   11.045  1.00 18.12 ? 87  ARG B O   1 
ATOM   1417 C CB  . ARG B 1 87 ? 1.574   1.400   9.205   1.00 19.76 ? 87  ARG B CB  1 
ATOM   1418 C CG  . ARG B 1 87 ? 0.711   0.550   8.242   1.00 21.80 ? 87  ARG B CG  1 
ATOM   1419 C CD  . ARG B 1 87 ? 0.659   -0.896  8.626   1.00 22.57 ? 87  ARG B CD  1 
ATOM   1420 N NE  . ARG B 1 87 ? 1.994   -1.490  8.740   1.00 23.01 ? 87  ARG B NE  1 
ATOM   1421 C CZ  . ARG B 1 87 ? 2.670   -1.685  9.871   1.00 24.72 ? 87  ARG B CZ  1 
ATOM   1422 N NH1 . ARG B 1 87 ? 2.162   -1.371  11.057  1.00 26.28 ? 87  ARG B NH1 1 
ATOM   1423 N NH2 . ARG B 1 87 ? 3.875   -2.218  9.819   1.00 24.88 ? 87  ARG B NH2 1 
ATOM   1424 N N   . ASN B 1 88 ? 3.422   4.028   9.986   1.00 19.11 ? 88  ASN B N   1 
ATOM   1425 C CA  . ASN B 1 88 ? 4.030   4.747   11.106  1.00 20.64 ? 88  ASN B CA  1 
ATOM   1426 C C   . ASN B 1 88 ? 3.294   6.089   11.379  1.00 20.82 ? 88  ASN B C   1 
ATOM   1427 O O   . ASN B 1 88 ? 3.086   6.451   12.542  1.00 21.81 ? 88  ASN B O   1 
ATOM   1428 C CB  . ASN B 1 88 ? 5.556   4.925   10.935  1.00 20.69 ? 88  ASN B CB  1 
ATOM   1429 C CG  . ASN B 1 88 ? 5.919   5.940   9.856   1.00 21.73 ? 88  ASN B CG  1 
ATOM   1430 O OD1 . ASN B 1 88 ? 5.438   5.868   8.722   1.00 23.32 ? 88  ASN B OD1 1 
ATOM   1431 N ND2 . ASN B 1 88 ? 6.794   6.890   10.210  1.00 22.00 ? 88  ASN B ND2 1 
ATOM   1432 N N   . LEU B 1 89 ? 2.813   6.755   10.308  1.00 19.74 ? 89  LEU B N   1 
ATOM   1433 C CA  . LEU B 1 89 ? 2.062   8.016   10.432  1.00 20.30 ? 89  LEU B CA  1 
ATOM   1434 C C   . LEU B 1 89 ? 0.554   7.818   10.359  1.00 19.95 ? 89  LEU B C   1 
ATOM   1435 O O   . LEU B 1 89 ? -0.193  8.604   10.953  1.00 19.77 ? 89  LEU B O   1 
ATOM   1436 C CB  . LEU B 1 89 ? 2.511   9.031   9.367   1.00 20.29 ? 89  LEU B CB  1 
ATOM   1437 C CG  . LEU B 1 89 ? 4.011   9.386   9.456   1.00 20.44 ? 89  LEU B CG  1 
ATOM   1438 C CD1 . LEU B 1 89 ? 4.306   10.511  8.471   1.00 22.37 ? 89  LEU B CD1 1 
ATOM   1439 C CD2 . LEU B 1 89 ? 4.540   9.710   10.875  1.00 20.39 ? 89  LEU B CD2 1 
ATOM   1440 N N   . LEU B 1 90 ? 0.104   6.756   9.678   1.00 19.17 ? 90  LEU B N   1 
ATOM   1441 C CA  . LEU B 1 90 ? -1.329  6.484   9.631   1.00 20.28 ? 90  LEU B CA  1 
ATOM   1442 C C   . LEU B 1 90 ? -1.834  6.183   11.040  1.00 20.82 ? 90  LEU B C   1 
ATOM   1443 O O   . LEU B 1 90 ? -2.947  6.577   11.406  1.00 22.01 ? 90  LEU B O   1 
ATOM   1444 C CB  . LEU B 1 90 ? -1.670  5.319   8.678   1.00 20.71 ? 90  LEU B CB  1 
ATOM   1445 C CG  . LEU B 1 90 ? -1.436  5.528   7.160   1.00 21.57 ? 90  LEU B CG  1 
ATOM   1446 C CD1 . LEU B 1 90 ? -1.574  4.193   6.413   1.00 21.08 ? 90  LEU B CD1 1 
ATOM   1447 C CD2 . LEU B 1 90 ? -2.359  6.608   6.556   1.00 22.36 ? 90  LEU B CD2 1 
ATOM   1448 N N   . THR B 1 91 ? -0.999  5.532   11.846  1.00 20.91 ? 91  THR B N   1 
ATOM   1449 C CA  . THR B 1 91 ? -1.394  5.257   13.236  1.00 21.14 ? 91  THR B CA  1 
ATOM   1450 C C   . THR B 1 91 ? -1.523  6.532   14.049  1.00 21.01 ? 91  THR B C   1 
ATOM   1451 O O   . THR B 1 91 ? -2.422  6.640   14.890  1.00 21.05 ? 91  THR B O   1 
ATOM   1452 C CB  . THR B 1 91 ? -0.455  4.273   13.931  1.00 21.85 ? 91  THR B CB  1 
ATOM   1453 O OG1 . THR B 1 91 ? 0.896   4.726   13.785  1.00 23.11 ? 91  THR B OG1 1 
ATOM   1454 C CG2 . THR B 1 91 ? -0.492  2.921   13.236  1.00 22.81 ? 91  THR B CG2 1 
ATOM   1455 N N   . GLN B 1 92 ? -0.618  7.486   13.807  1.00 21.04 ? 92  GLN B N   1 
ATOM   1456 C CA  . GLN B 1 92 ? -0.591  8.754   14.551  1.00 21.55 ? 92  GLN B CA  1 
ATOM   1457 C C   . GLN B 1 92 ? -1.846  9.594   14.349  1.00 23.11 ? 92  GLN B C   1 
ATOM   1458 O O   . GLN B 1 92 ? -2.348  10.182  15.292  1.00 24.12 ? 92  GLN B O   1 
ATOM   1459 C CB  . GLN B 1 92 ? 0.646   9.567   14.183  1.00 21.39 ? 92  GLN B CB  1 
ATOM   1460 C CG  . GLN B 1 92 ? 1.944   8.957   14.672  1.00 19.94 ? 92  GLN B CG  1 
ATOM   1461 C CD  . GLN B 1 92 ? 3.068   9.974   14.772  1.00 21.14 ? 92  GLN B CD  1 
ATOM   1462 O OE1 . GLN B 1 92 ? 2.817   11.180  14.782  1.00 22.50 ? 92  GLN B OE1 1 
ATOM   1463 N NE2 . GLN B 1 92 ? 4.304   9.491   14.882  1.00 22.76 ? 92  GLN B NE2 1 
ATOM   1464 N N   . ILE B 1 93 ? -2.366  9.610   13.134  1.00 22.58 ? 93  ILE B N   1 
ATOM   1465 C CA  . ILE B 1 93 ? -3.578  10.360  12.822  1.00 24.31 ? 93  ILE B CA  1 
ATOM   1466 C C   . ILE B 1 93 ? -4.872  9.571   13.096  1.00 24.66 ? 93  ILE B C   1 
ATOM   1467 O O   . ILE B 1 93 ? -5.972  10.093  12.867  1.00 26.01 ? 93  ILE B O   1 
ATOM   1468 C CB  . ILE B 1 93 ? -3.535  10.881  11.362  1.00 23.85 ? 93  ILE B CB  1 
ATOM   1469 C CG1 . ILE B 1 93 ? -3.781  9.727   10.376  1.00 23.81 ? 93  ILE B CG1 1 
ATOM   1470 C CG2 . ILE B 1 93 ? -2.188  11.572  11.099  1.00 24.47 ? 93  ILE B CG2 1 
ATOM   1471 C CD1 . ILE B 1 93 ? -3.999  10.167  8.910   1.00 24.29 ? 93  ILE B CD1 1 
ATOM   1472 N N   . GLY B 1 94 ? -4.745  8.330   13.560  1.00 23.56 ? 94  GLY B N   1 
ATOM   1473 C CA  . GLY B 1 94 ? -5.916  7.534   14.002  1.00 24.66 ? 94  GLY B CA  1 
ATOM   1474 C C   . GLY B 1 94 ? -6.601  6.689   12.936  1.00 24.79 ? 94  GLY B C   1 
ATOM   1475 O O   . GLY B 1 94 ? -7.747  6.257   13.108  1.00 24.63 ? 94  GLY B O   1 
ATOM   1476 N N   . CYS B 1 95 ? -5.882  6.419   11.855  1.00 25.56 ? 95  CYS B N   1 
ATOM   1477 C CA  . CYS B 1 95 ? -6.423  5.740   10.678  1.00 25.24 ? 95  CYS B CA  1 
ATOM   1478 C C   . CYS B 1 95 ? -6.676  4.241   10.932  1.00 24.72 ? 95  CYS B C   1 
ATOM   1479 O O   . CYS B 1 95 ? -5.794  3.532   11.467  1.00 24.69 ? 95  CYS B O   1 
ATOM   1480 C CB  . CYS B 1 95 ? -5.461  5.963   9.490   1.00 26.33 ? 95  CYS B CB  1 
ATOM   1481 S SG  . CYS B 1 95 ? -6.232  5.631   7.912   1.00 29.89 ? 95  CYS B SG  1 
ATOM   1482 N N   . THR B 1 96 ? -7.882  3.761   10.587  1.00 23.82 ? 96  THR B N   1 
ATOM   1483 C CA  . THR B 1 96 ? -8.164  2.311   10.564  1.00 22.87 ? 96  THR B CA  1 
ATOM   1484 C C   . THR B 1 96 ? -8.718  1.887   9.210   1.00 22.83 ? 96  THR B C   1 
ATOM   1485 O O   . THR B 1 96 ? -9.213  2.735   8.450   1.00 23.84 ? 96  THR B O   1 
ATOM   1486 C CB  . THR B 1 96 ? -9.204  1.891   11.651  1.00 22.13 ? 96  THR B CB  1 
ATOM   1487 O OG1 . THR B 1 96 ? -10.422 2.625   11.447  1.00 23.28 ? 96  THR B OG1 1 
ATOM   1488 C CG2 . THR B 1 96 ? -8.729  2.261   13.061  1.00 25.21 ? 96  THR B CG2 1 
ATOM   1489 N N   . LEU B 1 97 ? -8.629  0.578   8.937   1.00 23.33 ? 97  LEU B N   1 
ATOM   1490 C CA  . LEU B 1 97 ? -9.280  -0.085  7.793   1.00 24.54 ? 97  LEU B CA  1 
ATOM   1491 C C   . LEU B 1 97 ? -10.592 -0.702  8.238   1.00 25.28 ? 97  LEU B C   1 
ATOM   1492 O O   . LEU B 1 97 ? -10.632 -1.397  9.258   1.00 25.61 ? 97  LEU B O   1 
ATOM   1493 C CB  . LEU B 1 97 ? -8.410  -1.228  7.228   1.00 23.70 ? 97  LEU B CB  1 
ATOM   1494 C CG  . LEU B 1 97 ? -7.273  -0.901  6.278   1.00 25.28 ? 97  LEU B CG  1 
ATOM   1495 C CD1 . LEU B 1 97 ? -6.525  -2.184  5.915   1.00 24.44 ? 97  LEU B CD1 1 
ATOM   1496 C CD2 . LEU B 1 97 ? -7.804  -0.186  5.021   1.00 23.69 ? 97  LEU B CD2 1 
ATOM   1497 N N   . ASN B 1 98 ? -11.671 -0.439  7.503   1.00 26.66 ? 98  ASN B N   1 
ATOM   1498 C CA  . ASN B 1 98 ? -12.989 -0.948  7.906   1.00 28.63 ? 98  ASN B CA  1 
ATOM   1499 C C   . ASN B 1 98 ? -13.741 -1.618  6.756   1.00 30.19 ? 98  ASN B C   1 
ATOM   1500 O O   . ASN B 1 98 ? -13.851 -1.068  5.651   1.00 30.02 ? 98  ASN B O   1 
ATOM   1501 C CB  . ASN B 1 98 ? -13.864 0.160   8.525   1.00 28.49 ? 98  ASN B CB  1 
ATOM   1502 C CG  . ASN B 1 98 ? -13.203 0.834   9.724   1.00 30.19 ? 98  ASN B CG  1 
ATOM   1503 O OD1 . ASN B 1 98 ? -12.276 1.627   9.572   1.00 33.29 ? 98  ASN B OD1 1 
ATOM   1504 N ND2 . ASN B 1 98 ? -13.674 0.517   10.912  1.00 30.27 ? 98  ASN B ND2 1 
ATOM   1505 N N   . PHE B 1 99 ? -14.259 -2.808  7.023   1.00 31.46 ? 99  PHE B N   1 
ATOM   1506 C CA  . PHE B 1 99 ? -15.191 -3.459  6.099   1.00 33.14 ? 99  PHE B CA  1 
ATOM   1507 C C   . PHE B 1 99 ? -16.182 -4.368  6.840   1.00 33.82 ? 99  PHE B C   1 
ATOM   1508 O O   . PHE B 1 99 ? -17.269 -4.709  6.342   1.00 33.92 ? 99  PHE B O   1 
ATOM   1509 C CB  . PHE B 1 99 ? -14.462 -4.165  4.944   1.00 33.59 ? 99  PHE B CB  1 
ATOM   1510 C CG  . PHE B 1 99 ? -13.593 -5.320  5.354   1.00 34.17 ? 99  PHE B CG  1 
ATOM   1511 C CD1 . PHE B 1 99 ? -12.283 -5.114  5.784   1.00 35.06 ? 99  PHE B CD1 1 
ATOM   1512 C CD2 . PHE B 1 99 ? -14.075 -6.632  5.257   1.00 36.54 ? 99  PHE B CD2 1 
ATOM   1513 C CE1 . PHE B 1 99 ? -11.470 -6.189  6.149   1.00 35.22 ? 99  PHE B CE1 1 
ATOM   1514 C CE2 . PHE B 1 99 ? -13.272 -7.721  5.621   1.00 37.44 ? 99  PHE B CE2 1 
ATOM   1515 C CZ  . PHE B 1 99 ? -11.963 -7.492  6.072   1.00 36.27 ? 99  PHE B CZ  1 
ATOM   1516 O OXT . PHE B 1 99 ? -15.916 -4.744  7.989   1.00 34.93 ? 99  PHE B OXT 1 
HETATM 1517 O O1  . TPV C 2 .  ? 5.603   -1.795  -1.846  1.00 23.43 ? 300 TPV A O1  1 
HETATM 1518 C C2  . TPV C 2 .  ? 5.090   -1.282  -3.092  1.00 22.24 ? 300 TPV A C2  1 
HETATM 1519 C C3  . TPV C 2 .  ? 3.738   -0.715  -3.124  1.00 25.47 ? 300 TPV A C3  1 
HETATM 1520 C C4  . TPV C 2 .  ? 2.999   -0.776  -1.967  1.00 22.19 ? 300 TPV A C4  1 
HETATM 1521 C C5  . TPV C 2 .  ? 3.498   -1.383  -0.666  1.00 23.92 ? 300 TPV A C5  1 
HETATM 1522 C C6  . TPV C 2 .  ? 5.027   -1.494  -0.579  1.00 24.04 ? 300 TPV A C6  1 
HETATM 1523 O O7  . TPV C 2 .  ? 5.815   -1.364  -4.063  1.00 22.18 ? 300 TPV A O7  1 
HETATM 1524 O O8  . TPV C 2 .  ? 1.764   -0.324  -1.894  1.00 26.73 ? 300 TPV A O8  1 
HETATM 1525 C C9  . TPV C 2 .  ? 5.485   -0.069  -0.180  1.00 24.19 ? 300 TPV A C9  1 
HETATM 1526 C C10 . TPV C 2 .  ? 6.844   0.096   0.466   1.00 28.01 ? 300 TPV A C10 1 
HETATM 1527 C C11 . TPV C 2 .  ? 7.000   1.552   0.867   1.00 24.81 ? 300 TPV A C11 1 
HETATM 1528 C C12 . TPV C 2 .  ? 5.456   -2.609  0.380   1.00 24.08 ? 300 TPV A C12 1 
HETATM 1529 C C13 . TPV C 2 .  ? 5.138   -4.070  -0.045  1.00 26.92 ? 300 TPV A C13 1 
HETATM 1530 C C14 . TPV C 2 .  ? 5.785   -5.031  0.967   1.00 26.31 ? 300 TPV A C14 1 
HETATM 1531 C C15 . TPV C 2 .  ? 6.996   -5.660  0.671   1.00 25.03 ? 300 TPV A C15 1 
HETATM 1532 C C16 . TPV C 2 .  ? 7.557   -6.530  1.618   1.00 26.39 ? 300 TPV A C16 1 
HETATM 1533 C C17 . TPV C 2 .  ? 6.937   -6.748  2.863   1.00 26.85 ? 300 TPV A C17 1 
HETATM 1534 C C18 . TPV C 2 .  ? 5.736   -6.118  3.163   1.00 23.34 ? 300 TPV A C18 1 
HETATM 1535 C C19 . TPV C 2 .  ? 5.161   -5.292  2.203   1.00 24.47 ? 300 TPV A C19 1 
HETATM 1536 C C20 . TPV C 2 .  ? 3.279   -0.158  -4.467  1.00 25.38 ? 300 TPV A C20 1 
HETATM 1537 C C21 . TPV C 2 .  ? 2.520   1.192   -4.443  1.00 26.56 ? 300 TPV A C21 1 
HETATM 1538 C C22 . TPV C 2 .  ? 3.303   2.345   -3.801  1.00 28.41 ? 300 TPV A C22 1 
HETATM 1539 C C23 . TPV C 2 .  ? 2.496   -1.164  -5.237  1.00 28.04 ? 300 TPV A C23 1 
HETATM 1540 C C24 . TPV C 2 .  ? 1.864   -2.261  -4.663  1.00 27.14 ? 300 TPV A C24 1 
HETATM 1541 C C25 . TPV C 2 .  ? 1.153   -3.170  -5.457  1.00 27.52 ? 300 TPV A C25 1 
HETATM 1542 C C26 . TPV C 2 .  ? 1.078   -2.970  -6.837  1.00 27.65 ? 300 TPV A C26 1 
HETATM 1543 C C27 . TPV C 2 .  ? 1.700   -1.874  -7.433  1.00 27.25 ? 300 TPV A C27 1 
HETATM 1544 N N28 . TPV C 2 .  ? 1.642   -1.656  -8.794  1.00 26.97 ? 300 TPV A N28 1 
HETATM 1545 C C29 . TPV C 2 .  ? 2.408   -0.993  -6.624  1.00 28.38 ? 300 TPV A C29 1 
HETATM 1546 S S30 . TPV C 2 .  ? 0.328   -1.017  -9.457  1.00 28.47 ? 300 TPV A S30 1 
HETATM 1547 O O31 . TPV C 2 .  ? -0.843  -1.736  -8.968  1.00 24.73 ? 300 TPV A O31 1 
HETATM 1548 O O32 . TPV C 2 .  ? 0.421   -1.063  -10.900 1.00 26.73 ? 300 TPV A O32 1 
HETATM 1549 C C33 . TPV C 2 .  ? 0.402   0.506   -8.904  1.00 28.00 ? 300 TPV A C33 1 
HETATM 1550 N N34 . TPV C 2 .  ? -0.238  0.875   -7.761  1.00 25.87 ? 300 TPV A N34 1 
HETATM 1551 C C35 . TPV C 2 .  ? -0.109  2.136   -7.268  1.00 28.41 ? 300 TPV A C35 1 
HETATM 1552 C C36 . TPV C 2 .  ? 0.678   3.116   -7.899  1.00 29.76 ? 300 TPV A C36 1 
HETATM 1553 C C37 . TPV C 2 .  ? 1.372   2.745   -9.060  1.00 27.89 ? 300 TPV A C37 1 
HETATM 1554 C C38 . TPV C 2 .  ? 1.230   1.440   -9.541  1.00 26.79 ? 300 TPV A C38 1 
HETATM 1555 C C39 . TPV C 2 .  ? 0.861   4.503   -7.322  1.00 30.63 ? 300 TPV A C39 1 
HETATM 1556 F F40 . TPV C 2 .  ? -0.235  5.080   -6.826  1.00 32.25 ? 300 TPV A F40 1 
HETATM 1557 F F41 . TPV C 2 .  ? 1.418   5.300   -8.209  1.00 33.49 ? 300 TPV A F41 1 
HETATM 1558 F F42 . TPV C 2 .  ? 1.739   4.363   -6.334  1.00 32.23 ? 300 TPV A F42 1 
HETATM 1559 C C1  . GOL D 3 .  ? 9.508   -3.768  3.349   1.00 35.23 ? 301 GOL B C1  1 
HETATM 1560 O O1  . GOL D 3 .  ? 10.880  -3.597  3.620   1.00 38.09 ? 301 GOL B O1  1 
HETATM 1561 C C2  . GOL D 3 .  ? 8.779   -2.523  3.833   1.00 35.94 ? 301 GOL B C2  1 
HETATM 1562 O O2  . GOL D 3 .  ? 9.010   -1.415  2.972   1.00 34.60 ? 301 GOL B O2  1 
HETATM 1563 C C3  . GOL D 3 .  ? 7.297   -2.838  3.834   1.00 34.78 ? 301 GOL B C3  1 
HETATM 1564 O O3  . GOL D 3 .  ? 6.635   -1.610  3.937   1.00 32.58 ? 301 GOL B O3  1 
HETATM 1565 O O   . HOH E 4 .  ? -10.621 -5.824  -11.448 1.00 12.11 ? 301 HOH A O   1 
HETATM 1566 O O   . HOH E 4 .  ? -18.473 -8.502  -4.745  1.00 40.21 ? 302 HOH A O   1 
HETATM 1567 O O   . HOH E 4 .  ? 10.198  -9.305  -13.391 1.00 22.81 ? 303 HOH A O   1 
HETATM 1568 O O   . HOH E 4 .  ? -5.548  -6.780  -10.142 1.00 26.13 ? 304 HOH A O   1 
HETATM 1569 O O   . HOH E 4 .  ? -7.739  -0.274  -9.503  1.00 34.49 ? 305 HOH A O   1 
HETATM 1570 O O   . HOH E 4 .  ? -16.372 0.032   -1.428  1.00 23.35 ? 306 HOH A O   1 
HETATM 1571 O O   . HOH E 4 .  ? -10.259 -15.455 -16.662 1.00 27.69 ? 307 HOH A O   1 
HETATM 1572 O O   . HOH E 4 .  ? -13.821 1.339   -1.078  1.00 23.37 ? 308 HOH A O   1 
HETATM 1573 O O   . HOH E 4 .  ? -12.416 -1.140  -7.890  1.00 27.50 ? 309 HOH A O   1 
HETATM 1574 O O   . HOH E 4 .  ? 2.234   0.168   -12.880 1.00 34.48 ? 310 HOH A O   1 
HETATM 1575 O O   . HOH E 4 .  ? -17.090 -8.470  -6.670  1.00 27.16 ? 311 HOH A O   1 
HETATM 1576 O O   . HOH E 4 .  ? 0.200   -8.629  11.176  1.00 37.64 ? 312 HOH A O   1 
HETATM 1577 O O   . HOH E 4 .  ? -9.702  -5.997  -18.288 1.00 51.10 ? 313 HOH A O   1 
HETATM 1578 O O   . HOH E 4 .  ? -11.570 -8.872  -13.939 1.00 27.11 ? 314 HOH A O   1 
HETATM 1579 O O   . HOH E 4 .  ? 3.688   -14.840 2.539   1.00 52.11 ? 315 HOH A O   1 
HETATM 1580 O O   . HOH E 4 .  ? -8.243  -13.707 -18.021 1.00 36.12 ? 316 HOH A O   1 
HETATM 1581 O O   . HOH E 4 .  ? 6.564   -15.862 -6.390  1.00 24.70 ? 317 HOH A O   1 
HETATM 1582 O O   . HOH E 4 .  ? -11.850 -18.239 -10.007 1.00 36.08 ? 318 HOH A O   1 
HETATM 1583 O O   . HOH E 4 .  ? 9.681   -7.655  5.511   1.00 44.73 ? 319 HOH A O   1 
HETATM 1584 O O   . HOH E 4 .  ? -10.204 -19.043 -7.519  1.00 41.74 ? 320 HOH A O   1 
HETATM 1585 O O   . HOH E 4 .  ? 0.519   -17.824 2.250   1.00 17.60 ? 321 HOH A O   1 
HETATM 1586 O O   . HOH E 4 .  ? -3.665  3.110   -5.285  1.00 27.49 ? 322 HOH A O   1 
HETATM 1587 O O   . HOH E 4 .  ? -3.263  -4.388  10.895  1.00 33.04 ? 323 HOH A O   1 
HETATM 1588 O O   . HOH E 4 .  ? 11.522  2.860   -6.398  1.00 41.30 ? 324 HOH A O   1 
HETATM 1589 O O   . HOH E 4 .  ? 8.444   -10.804 2.653   1.00 52.70 ? 325 HOH A O   1 
HETATM 1590 O O   . HOH E 4 .  ? 5.829   -14.463 -13.873 1.00 51.53 ? 326 HOH A O   1 
HETATM 1591 O O   . HOH E 4 .  ? 5.338   -14.651 -16.180 1.00 51.96 ? 327 HOH A O   1 
HETATM 1592 O O   . HOH E 4 .  ? -5.670  1.942   19.142  1.00 26.09 ? 328 HOH A O   1 
HETATM 1593 O O   . HOH E 4 .  ? -9.223  2.272   18.403  1.00 51.06 ? 329 HOH A O   1 
HETATM 1594 O O   . HOH E 4 .  ? -1.811  -1.457  -13.506 1.00 44.80 ? 330 HOH A O   1 
HETATM 1595 O O   . HOH E 4 .  ? -6.690  -4.315  -11.219 1.00 47.43 ? 331 HOH A O   1 
HETATM 1596 O O   . HOH E 4 .  ? -5.631  -4.471  -14.207 1.00 52.65 ? 332 HOH A O   1 
HETATM 1597 O O   . HOH E 4 .  ? 12.161  -1.463  -13.444 1.00 37.95 ? 333 HOH A O   1 
HETATM 1598 O O   . HOH E 4 .  ? -2.915  -3.684  14.617  1.00 33.59 ? 334 HOH A O   1 
HETATM 1599 O O   . HOH E 4 .  ? 3.681   -6.398  11.450  1.00 26.86 ? 335 HOH A O   1 
HETATM 1600 O O   . HOH E 4 .  ? -8.437  10.694  13.763  1.00 32.10 ? 336 HOH A O   1 
HETATM 1601 O O   . HOH E 4 .  ? -12.760 -6.039  14.614  1.00 54.31 ? 337 HOH A O   1 
HETATM 1602 O O   . HOH E 4 .  ? -7.967  -16.491 -16.237 1.00 42.31 ? 338 HOH A O   1 
HETATM 1603 O O   . HOH E 4 .  ? -11.687 -16.773 -14.955 1.00 37.45 ? 339 HOH A O   1 
HETATM 1604 O O   . HOH E 4 .  ? -14.102 -9.587  -13.334 1.00 36.83 ? 340 HOH A O   1 
HETATM 1605 O O   . HOH E 4 .  ? -16.984 -9.955  -13.505 1.00 34.76 ? 341 HOH A O   1 
HETATM 1606 O O   . HOH E 4 .  ? 1.522   0.010   -15.891 1.00 49.03 ? 342 HOH A O   1 
HETATM 1607 O O   . HOH E 4 .  ? 0.995   -17.794 -0.603  1.00 29.39 ? 343 HOH A O   1 
HETATM 1608 O O   . HOH E 4 .  ? 7.666   -14.926 -10.682 1.00 36.05 ? 344 HOH A O   1 
HETATM 1609 O O   . HOH E 4 .  ? -4.462  -21.022 -16.747 1.00 38.42 ? 345 HOH A O   1 
HETATM 1610 O O   . HOH E 4 .  ? 8.386   -15.839 -8.215  1.00 32.19 ? 346 HOH A O   1 
HETATM 1611 O O   . HOH E 4 .  ? 6.793   -17.536 -4.191  1.00 39.30 ? 347 HOH A O   1 
HETATM 1612 O O   . HOH E 4 .  ? -14.226 -0.638  -10.173 1.00 33.39 ? 348 HOH A O   1 
HETATM 1613 O O   . HOH E 4 .  ? -8.767  -13.386 8.251   1.00 43.01 ? 349 HOH A O   1 
HETATM 1614 O O   . HOH E 4 .  ? 3.386   3.058   -12.603 1.00 33.97 ? 350 HOH A O   1 
HETATM 1615 O O   . HOH E 4 .  ? 0.192   -20.931 -19.067 1.00 46.22 ? 351 HOH A O   1 
HETATM 1616 O O   . HOH E 4 .  ? 0.742   -20.968 -4.419  1.00 32.79 ? 352 HOH A O   1 
HETATM 1617 O O   . HOH E 4 .  ? 7.727   -13.955 -5.107  1.00 46.69 ? 353 HOH A O   1 
HETATM 1618 O O   . HOH E 4 .  ? -8.170  -7.392  -19.550 1.00 54.62 ? 354 HOH A O   1 
HETATM 1619 O O   . HOH E 4 .  ? 8.438   -11.506 -13.636 1.00 44.20 ? 355 HOH A O   1 
HETATM 1620 O O   . HOH E 4 .  ? -16.671 0.665   5.378   1.00 45.79 ? 356 HOH A O   1 
HETATM 1621 O O   . HOH E 4 .  ? 3.917   -14.477 7.673   1.00 58.42 ? 357 HOH A O   1 
HETATM 1622 O O   . HOH E 4 .  ? -11.874 -14.359 -18.324 1.00 47.98 ? 358 HOH A O   1 
HETATM 1623 O O   . HOH E 4 .  ? 0.386   -16.600 -4.137  1.00 27.95 ? 359 HOH A O   1 
HETATM 1624 O O   . HOH E 4 .  ? -4.215  -14.122 8.803   1.00 58.34 ? 360 HOH A O   1 
HETATM 1625 O O   . HOH E 4 .  ? 2.357   -13.260 1.405   1.00 45.93 ? 361 HOH A O   1 
HETATM 1626 O O   . HOH E 4 .  ? -1.908  0.819   -12.678 1.00 44.09 ? 362 HOH A O   1 
HETATM 1627 O O   . HOH E 4 .  ? -10.934 -16.600 4.771   1.00 60.61 ? 363 HOH A O   1 
HETATM 1628 O O   . HOH F 4 .  ? 7.628   7.129   13.287  1.00 14.53 ? 302 HOH B O   1 
HETATM 1629 O O   . HOH F 4 .  ? -7.314  7.063   -9.368  1.00 22.63 ? 303 HOH B O   1 
HETATM 1630 O O   . HOH F 4 .  ? 8.886   6.324   7.807   1.00 26.98 ? 304 HOH B O   1 
HETATM 1631 O O   . HOH F 4 .  ? -18.825 2.273   -1.913  1.00 15.28 ? 305 HOH B O   1 
HETATM 1632 O O   . HOH F 4 .  ? 3.404   12.166  -5.115  1.00 40.55 ? 306 HOH B O   1 
HETATM 1633 O O   . HOH F 4 .  ? -9.579  7.297   -2.493  1.00 34.65 ? 307 HOH B O   1 
HETATM 1634 O O   . HOH F 4 .  ? 18.391  2.618   -4.441  1.00 36.72 ? 308 HOH B O   1 
HETATM 1635 O O   . HOH F 4 .  ? 1.755   -2.809  6.230   1.00 25.44 ? 309 HOH B O   1 
HETATM 1636 O O   . HOH F 4 .  ? -13.097 6.614   -4.133  1.00 24.58 ? 310 HOH B O   1 
HETATM 1637 O O   . HOH F 4 .  ? 10.774  9.756   14.490  1.00 24.84 ? 311 HOH B O   1 
HETATM 1638 O O   . HOH F 4 .  ? 4.295   8.300   -10.726 1.00 45.20 ? 312 HOH B O   1 
HETATM 1639 O O   . HOH F 4 .  ? -10.656 5.092   12.929  1.00 39.57 ? 313 HOH B O   1 
HETATM 1640 O O   . HOH F 4 .  ? -4.733  2.331   13.771  1.00 30.84 ? 314 HOH B O   1 
HETATM 1641 O O   . HOH F 4 .  ? 11.256  -6.443  -2.082  1.00 29.59 ? 315 HOH B O   1 
HETATM 1642 O O   . HOH F 4 .  ? 5.968   0.845   11.072  1.00 30.65 ? 316 HOH B O   1 
HETATM 1643 O O   . HOH F 4 .  ? 18.358  -0.925  6.689   1.00 28.84 ? 317 HOH B O   1 
HETATM 1644 O O   . HOH F 4 .  ? 12.634  11.159  -5.478  1.00 44.85 ? 318 HOH B O   1 
HETATM 1645 O O   . HOH F 4 .  ? -18.269 -4.194  3.910   1.00 41.17 ? 319 HOH B O   1 
HETATM 1646 O O   . HOH F 4 .  ? 5.019   22.468  7.910   1.00 34.51 ? 320 HOH B O   1 
HETATM 1647 O O   . HOH F 4 .  ? 6.435   15.935  -3.765  1.00 29.77 ? 321 HOH B O   1 
HETATM 1648 O O   . HOH F 4 .  ? 7.510   12.078  17.522  1.00 22.96 ? 322 HOH B O   1 
HETATM 1649 O O   . HOH F 4 .  ? -10.705 0.459   -8.308  1.00 42.62 ? 323 HOH B O   1 
HETATM 1650 O O   . HOH F 4 .  ? 4.832   6.565   14.674  1.00 28.83 ? 324 HOH B O   1 
HETATM 1651 O O   . HOH F 4 .  ? 3.850   -3.290  5.070   1.00 36.64 ? 325 HOH B O   1 
HETATM 1652 O O   . HOH F 4 .  ? -2.962  19.080  5.933   1.00 33.95 ? 326 HOH B O   1 
HETATM 1653 O O   . HOH F 4 .  ? 7.852   19.984  8.424   1.00 31.17 ? 327 HOH B O   1 
HETATM 1654 O O   . HOH F 4 .  ? 3.170   16.806  -4.655  1.00 26.11 ? 328 HOH B O   1 
HETATM 1655 O O   . HOH F 4 .  ? 16.452  14.863  10.831  1.00 29.01 ? 329 HOH B O   1 
HETATM 1656 O O   . HOH F 4 .  ? 19.583  11.140  12.696  1.00 44.80 ? 330 HOH B O   1 
HETATM 1657 O O   . HOH F 4 .  ? 20.952  5.399   2.644   1.00 55.11 ? 331 HOH B O   1 
HETATM 1658 O O   . HOH F 4 .  ? 16.582  -4.973  -5.547  1.00 33.44 ? 332 HOH B O   1 
HETATM 1659 O O   . HOH F 4 .  ? -9.859  9.691   -2.631  1.00 36.65 ? 333 HOH B O   1 
HETATM 1660 O O   . HOH F 4 .  ? 8.174   0.623   4.030   1.00 28.58 ? 334 HOH B O   1 
HETATM 1661 O O   . HOH F 4 .  ? 11.542  -6.552  2.924   1.00 49.90 ? 335 HOH B O   1 
HETATM 1662 O O   . HOH F 4 .  ? 10.130  -8.155  -6.520  1.00 38.72 ? 336 HOH B O   1 
HETATM 1663 O O   . HOH F 4 .  ? -4.379  20.563  4.215   1.00 45.40 ? 337 HOH B O   1 
HETATM 1664 O O   . HOH F 4 .  ? -4.280  4.689   16.472  1.00 49.13 ? 338 HOH B O   1 
HETATM 1665 O O   . HOH F 4 .  ? 12.065  9.111   16.676  1.00 50.99 ? 339 HOH B O   1 
HETATM 1666 O O   . HOH F 4 .  ? 17.180  11.742  11.817  1.00 30.51 ? 340 HOH B O   1 
HETATM 1667 O O   . HOH F 4 .  ? -6.714  16.409  1.506   1.00 29.46 ? 341 HOH B O   1 
HETATM 1668 O O   . HOH F 4 .  ? 10.050  19.116  10.643  1.00 28.77 ? 342 HOH B O   1 
HETATM 1669 O O   . HOH F 4 .  ? -1.600  24.488  9.910   1.00 36.84 ? 343 HOH B O   1 
HETATM 1670 O O   . HOH F 4 .  ? 4.896   4.118   15.873  1.00 36.39 ? 344 HOH B O   1 
HETATM 1671 O O   . HOH F 4 .  ? 10.215  20.466  8.690   1.00 48.95 ? 345 HOH B O   1 
HETATM 1672 O O   . HOH F 4 .  ? 8.579   14.903  -1.478  1.00 40.63 ? 346 HOH B O   1 
HETATM 1673 O O   . HOH F 4 .  ? 11.068  -7.235  0.419   1.00 50.62 ? 347 HOH B O   1 
HETATM 1674 O O   . HOH F 4 .  ? 15.492  14.677  12.819  1.00 38.54 ? 348 HOH B O   1 
HETATM 1675 O O   . HOH F 4 .  ? -15.772 11.740  4.651   1.00 39.13 ? 349 HOH B O   1 
HETATM 1676 O O   . HOH F 4 .  ? 19.032  21.323  9.682   1.00 38.65 ? 350 HOH B O   1 
HETATM 1677 O O   . HOH F 4 .  ? 9.001   4.251   9.954   1.00 47.21 ? 351 HOH B O   1 
HETATM 1678 O O   . HOH F 4 .  ? -2.921  13.564  15.094  1.00 38.83 ? 352 HOH B O   1 
HETATM 1679 O O   . HOH F 4 .  ? 20.382  18.067  6.282   1.00 56.84 ? 353 HOH B O   1 
HETATM 1680 O O   . HOH F 4 .  ? -7.758  11.062  -6.183  1.00 53.74 ? 354 HOH B O   1 
HETATM 1681 O O   . HOH F 4 .  ? 22.681  10.697  12.788  1.00 47.00 ? 355 HOH B O   1 
HETATM 1682 O O   . HOH F 4 .  ? 12.232  -2.541  5.760   1.00 46.25 ? 356 HOH B O   1 
HETATM 1683 O O   . HOH F 4 .  ? -1.840  9.455   -8.966  1.00 42.70 ? 357 HOH B O   1 
HETATM 1684 O O   . HOH F 4 .  ? 10.461  -1.190  7.255   1.00 41.92 ? 358 HOH B O   1 
HETATM 1685 O O   . HOH F 4 .  ? -0.657  4.202   -13.562 1.00 55.72 ? 359 HOH B O   1 
HETATM 1686 O O   . HOH F 4 .  ? 14.594  -1.701  6.530   1.00 52.76 ? 360 HOH B O   1 
HETATM 1687 O O   . HOH F 4 .  ? 23.968  2.598   2.585   1.00 57.70 ? 361 HOH B O   1 
HETATM 1688 O O   . HOH F 4 .  ? 24.832  1.189   4.464   1.00 50.13 ? 362 HOH B O   1 
# 
